data_1J9H
# 
_entry.id   1J9H 
# 
_audit_conform.dict_name       mmcif_pdbx.dic 
_audit_conform.dict_version    5.386 
_audit_conform.dict_location   http://mmcif.pdb.org/dictionaries/ascii/mmcif_pdbx.dic 
# 
loop_
_database_2.database_id 
_database_2.database_code 
_database_2.pdbx_database_accession 
_database_2.pdbx_DOI 
PDB   1J9H         pdb_00001j9h 10.2210/pdb1j9h/pdb 
NDB   AR0034       ?            ?                   
RCSB  RCSB013527   ?            ?                   
WWPDB D_1000013527 ?            ?                   
# 
loop_
_pdbx_audit_revision_history.ordinal 
_pdbx_audit_revision_history.data_content_type 
_pdbx_audit_revision_history.major_revision 
_pdbx_audit_revision_history.minor_revision 
_pdbx_audit_revision_history.revision_date 
1 'Structure model' 1 0 2001-10-26 
2 'Structure model' 1 1 2008-04-27 
3 'Structure model' 1 2 2011-07-13 
4 'Structure model' 1 3 2024-02-07 
# 
_pdbx_audit_revision_details.ordinal             1 
_pdbx_audit_revision_details.revision_ordinal    1 
_pdbx_audit_revision_details.data_content_type   'Structure model' 
_pdbx_audit_revision_details.provider            repository 
_pdbx_audit_revision_details.type                'Initial release' 
_pdbx_audit_revision_details.description         ? 
_pdbx_audit_revision_details.details             ? 
# 
loop_
_pdbx_audit_revision_group.ordinal 
_pdbx_audit_revision_group.revision_ordinal 
_pdbx_audit_revision_group.data_content_type 
_pdbx_audit_revision_group.group 
1 2 'Structure model' 'Version format compliance' 
2 3 'Structure model' 'Version format compliance' 
3 4 'Structure model' 'Data collection'           
4 4 'Structure model' 'Database references'       
5 4 'Structure model' 'Derived calculations'      
# 
loop_
_pdbx_audit_revision_category.ordinal 
_pdbx_audit_revision_category.revision_ordinal 
_pdbx_audit_revision_category.data_content_type 
_pdbx_audit_revision_category.category 
1 4 'Structure model' chem_comp_atom         
2 4 'Structure model' chem_comp_bond         
3 4 'Structure model' database_2             
4 4 'Structure model' pdbx_struct_conn_angle 
5 4 'Structure model' struct_conn            
6 4 'Structure model' struct_conn_type       
7 4 'Structure model' struct_site            
# 
loop_
_pdbx_audit_revision_item.ordinal 
_pdbx_audit_revision_item.revision_ordinal 
_pdbx_audit_revision_item.data_content_type 
_pdbx_audit_revision_item.item 
1  4 'Structure model' '_database_2.pdbx_DOI'                        
2  4 'Structure model' '_database_2.pdbx_database_accession'         
3  4 'Structure model' '_pdbx_struct_conn_angle.ptnr1_auth_asym_id'  
4  4 'Structure model' '_pdbx_struct_conn_angle.ptnr1_auth_comp_id'  
5  4 'Structure model' '_pdbx_struct_conn_angle.ptnr1_auth_seq_id'   
6  4 'Structure model' '_pdbx_struct_conn_angle.ptnr1_label_asym_id' 
7  4 'Structure model' '_pdbx_struct_conn_angle.ptnr1_label_atom_id' 
8  4 'Structure model' '_pdbx_struct_conn_angle.ptnr1_label_comp_id' 
9  4 'Structure model' '_pdbx_struct_conn_angle.ptnr1_label_seq_id'  
10 4 'Structure model' '_pdbx_struct_conn_angle.ptnr1_symmetry'      
11 4 'Structure model' '_pdbx_struct_conn_angle.ptnr3_auth_asym_id'  
12 4 'Structure model' '_pdbx_struct_conn_angle.ptnr3_auth_comp_id'  
13 4 'Structure model' '_pdbx_struct_conn_angle.ptnr3_auth_seq_id'   
14 4 'Structure model' '_pdbx_struct_conn_angle.ptnr3_label_asym_id' 
15 4 'Structure model' '_pdbx_struct_conn_angle.ptnr3_label_atom_id' 
16 4 'Structure model' '_pdbx_struct_conn_angle.ptnr3_label_comp_id' 
17 4 'Structure model' '_pdbx_struct_conn_angle.ptnr3_label_seq_id'  
18 4 'Structure model' '_pdbx_struct_conn_angle.ptnr3_symmetry'      
19 4 'Structure model' '_pdbx_struct_conn_angle.value'               
20 4 'Structure model' '_struct_conn.conn_type_id'                   
21 4 'Structure model' '_struct_conn.id'                             
22 4 'Structure model' '_struct_conn.pdbx_dist_value'                
23 4 'Structure model' '_struct_conn.pdbx_leaving_atom_flag'         
24 4 'Structure model' '_struct_conn.pdbx_ptnr1_label_alt_id'        
25 4 'Structure model' '_struct_conn.pdbx_ptnr2_label_alt_id'        
26 4 'Structure model' '_struct_conn.ptnr1_auth_asym_id'             
27 4 'Structure model' '_struct_conn.ptnr1_auth_comp_id'             
28 4 'Structure model' '_struct_conn.ptnr1_auth_seq_id'              
29 4 'Structure model' '_struct_conn.ptnr1_label_asym_id'            
30 4 'Structure model' '_struct_conn.ptnr1_label_atom_id'            
31 4 'Structure model' '_struct_conn.ptnr1_label_comp_id'            
32 4 'Structure model' '_struct_conn.ptnr1_label_seq_id'             
33 4 'Structure model' '_struct_conn.ptnr1_symmetry'                 
34 4 'Structure model' '_struct_conn.ptnr2_auth_asym_id'             
35 4 'Structure model' '_struct_conn.ptnr2_auth_comp_id'             
36 4 'Structure model' '_struct_conn.ptnr2_auth_seq_id'              
37 4 'Structure model' '_struct_conn.ptnr2_label_asym_id'            
38 4 'Structure model' '_struct_conn.ptnr2_label_atom_id'            
39 4 'Structure model' '_struct_conn.ptnr2_label_comp_id'            
40 4 'Structure model' '_struct_conn.ptnr2_label_seq_id'             
41 4 'Structure model' '_struct_conn.ptnr2_symmetry'                 
42 4 'Structure model' '_struct_conn_type.id'                        
43 4 'Structure model' '_struct_site.pdbx_auth_asym_id'              
44 4 'Structure model' '_struct_site.pdbx_auth_comp_id'              
45 4 'Structure model' '_struct_site.pdbx_auth_seq_id'               
# 
_pdbx_database_status.status_code                     REL 
_pdbx_database_status.entry_id                        1J9H 
_pdbx_database_status.recvd_initial_deposition_date   2001-05-25 
_pdbx_database_status.deposit_site                    RCSB 
_pdbx_database_status.process_site                    RCSB 
_pdbx_database_status.SG_entry                        . 
_pdbx_database_status.pdb_format_compatible           Y 
_pdbx_database_status.status_code_mr                  ? 
_pdbx_database_status.status_code_sf                  ? 
_pdbx_database_status.status_code_cs                  ? 
_pdbx_database_status.status_code_nmr_data            ? 
_pdbx_database_status.methods_development_category    ? 
# 
loop_
_audit_author.name 
_audit_author.pdbx_ordinal 
'Xiong, Y.'          1 
'Deng, J.'           2 
'Sudarsanakumar, C.' 3 
'Sundaralingam, M.'  4 
# 
_citation.id                        primary 
_citation.title                     'Crystal structure of an RNA duplex r(gugucgcac)(2) with uridine bulges.' 
_citation.journal_abbrev            J.Mol.Biol. 
_citation.journal_volume            313 
_citation.page_first                573 
_citation.page_last                 582 
_citation.year                      2001 
_citation.journal_id_ASTM           JMOBAK 
_citation.country                   UK 
_citation.journal_id_ISSN           0022-2836 
_citation.journal_id_CSD            0070 
_citation.book_publisher            ? 
_citation.pdbx_database_id_PubMed   11676540 
_citation.pdbx_database_id_DOI      10.1006/jmbi.2001.5045 
# 
loop_
_citation_author.citation_id 
_citation_author.name 
_citation_author.ordinal 
_citation_author.identifier_ORCID 
primary 'Xiong, Y.'          1 ? 
primary 'Deng, J.'           2 ? 
primary 'Sudarsanakumar, C.' 3 ? 
primary 'Sundaralingam, M.'  4 ? 
# 
loop_
_entity.id 
_entity.type 
_entity.src_method 
_entity.pdbx_description 
_entity.formula_weight 
_entity.pdbx_number_of_molecules 
_entity.pdbx_ec 
_entity.pdbx_mutation 
_entity.pdbx_fragment 
_entity.details 
1 polymer     syn "5'-R(*GP*UP*GP*UP*CP*GP*(CBR)P*AP*C)-3'" 2910.639 4   ? ? ? ? 
2 non-polymer syn 'CALCIUM ION'                             40.078   4   ? ? ? ? 
3 water       nat water                                     18.015   146 ? ? ? ? 
# 
_entity_poly.entity_id                      1 
_entity_poly.type                           polyribonucleotide 
_entity_poly.nstd_linkage                   no 
_entity_poly.nstd_monomer                   yes 
_entity_poly.pdbx_seq_one_letter_code       'GUGUCG(CBR)AC' 
_entity_poly.pdbx_seq_one_letter_code_can   GUGUCGCAC 
_entity_poly.pdbx_strand_id                 A,B,C,D 
_entity_poly.pdbx_target_identifier         ? 
# 
loop_
_pdbx_entity_nonpoly.entity_id 
_pdbx_entity_nonpoly.name 
_pdbx_entity_nonpoly.comp_id 
2 'CALCIUM ION' CA  
3 water         HOH 
# 
loop_
_entity_poly_seq.entity_id 
_entity_poly_seq.num 
_entity_poly_seq.mon_id 
_entity_poly_seq.hetero 
1 1 G   n 
1 2 U   n 
1 3 G   n 
1 4 U   n 
1 5 C   n 
1 6 G   n 
1 7 CBR n 
1 8 A   n 
1 9 C   n 
# 
loop_
_chem_comp.id 
_chem_comp.type 
_chem_comp.mon_nstd_flag 
_chem_comp.name 
_chem_comp.pdbx_synonyms 
_chem_comp.formula 
_chem_comp.formula_weight 
A   'RNA linking' y "ADENOSINE-5'-MONOPHOSPHATE"                 ? 'C10 H14 N5 O7 P'   347.221 
C   'RNA linking' y "CYTIDINE-5'-MONOPHOSPHATE"                  ? 'C9 H14 N3 O8 P'    323.197 
CA  non-polymer   . 'CALCIUM ION'                                ? 'Ca 2'              40.078  
CBR 'DNA linking' n "5-BROMO-2'-DEOXY-CYTIDINE-5'-MONOPHOSPHATE" ? 'C9 H13 Br N3 O7 P' 386.093 
G   'RNA linking' y "GUANOSINE-5'-MONOPHOSPHATE"                 ? 'C10 H14 N5 O8 P'   363.221 
HOH non-polymer   . WATER                                        ? 'H2 O'              18.015  
U   'RNA linking' y "URIDINE-5'-MONOPHOSPHATE"                   ? 'C9 H13 N2 O9 P'    324.181 
# 
loop_
_pdbx_poly_seq_scheme.asym_id 
_pdbx_poly_seq_scheme.entity_id 
_pdbx_poly_seq_scheme.seq_id 
_pdbx_poly_seq_scheme.mon_id 
_pdbx_poly_seq_scheme.ndb_seq_num 
_pdbx_poly_seq_scheme.pdb_seq_num 
_pdbx_poly_seq_scheme.auth_seq_num 
_pdbx_poly_seq_scheme.pdb_mon_id 
_pdbx_poly_seq_scheme.auth_mon_id 
_pdbx_poly_seq_scheme.pdb_strand_id 
_pdbx_poly_seq_scheme.pdb_ins_code 
_pdbx_poly_seq_scheme.hetero 
A 1 1 G   1 1  1  G   G   A . n 
A 1 2 U   2 2  2  U   U   A . n 
A 1 3 G   3 3  3  G   G   A . n 
A 1 4 U   4 4  4  U   U   A . n 
A 1 5 C   5 5  5  C   C   A . n 
A 1 6 G   6 6  6  G   G   A . n 
A 1 7 CBR 7 7  7  CBR BRO A . n 
A 1 8 A   8 8  8  A   A   A . n 
A 1 9 C   9 9  9  C   C   A . n 
B 1 1 G   1 10 10 G   G   B . n 
B 1 2 U   2 11 11 U   U   B . n 
B 1 3 G   3 12 12 G   G   B . n 
B 1 4 U   4 13 13 U   U   B . n 
B 1 5 C   5 14 14 C   C   B . n 
B 1 6 G   6 15 15 G   G   B . n 
B 1 7 CBR 7 16 16 CBR BRO B . n 
B 1 8 A   8 17 17 A   A   B . n 
B 1 9 C   9 18 18 C   C   B . n 
C 1 1 G   1 19 19 G   G   C . n 
C 1 2 U   2 20 20 U   U   C . n 
C 1 3 G   3 21 21 G   G   C . n 
C 1 4 U   4 22 22 U   U   C . n 
C 1 5 C   5 23 23 C   C   C . n 
C 1 6 G   6 24 24 G   G   C . n 
C 1 7 CBR 7 25 25 CBR BRO C . n 
C 1 8 A   8 26 26 A   A   C . n 
C 1 9 C   9 27 27 C   C   C . n 
D 1 1 G   1 28 28 G   G   D . n 
D 1 2 U   2 29 29 U   U   D . n 
D 1 3 G   3 30 30 G   G   D . n 
D 1 4 U   4 31 31 U   U   D . n 
D 1 5 C   5 32 32 C   C   D . n 
D 1 6 G   6 33 33 G   G   D . n 
D 1 7 CBR 7 34 34 CBR BRO D . n 
D 1 8 A   8 35 35 A   A   D . n 
D 1 9 C   9 36 36 C   C   D . n 
# 
loop_
_pdbx_nonpoly_scheme.asym_id 
_pdbx_nonpoly_scheme.entity_id 
_pdbx_nonpoly_scheme.mon_id 
_pdbx_nonpoly_scheme.ndb_seq_num 
_pdbx_nonpoly_scheme.pdb_seq_num 
_pdbx_nonpoly_scheme.auth_seq_num 
_pdbx_nonpoly_scheme.pdb_mon_id 
_pdbx_nonpoly_scheme.auth_mon_id 
_pdbx_nonpoly_scheme.pdb_strand_id 
_pdbx_nonpoly_scheme.pdb_ins_code 
E 2 CA  1  103 103 CA  CA  A . 
F 2 CA  1  104 104 CA  CA  B . 
G 2 CA  1  101 101 CA  CA  C . 
H 2 CA  1  102 102 CA  CA  D . 
I 3 HOH 1  123 123 HOH HOH A . 
I 3 HOH 2  127 127 HOH HOH A . 
I 3 HOH 3  134 134 HOH HOH A . 
I 3 HOH 4  146 146 HOH HOH A . 
I 3 HOH 5  150 150 HOH HOH A . 
I 3 HOH 6  151 151 HOH HOH A . 
I 3 HOH 7  154 154 HOH HOH A . 
I 3 HOH 8  157 157 HOH HOH A . 
I 3 HOH 9  159 159 HOH HOH A . 
I 3 HOH 10 164 164 HOH HOH A . 
I 3 HOH 11 165 165 HOH HOH A . 
I 3 HOH 12 175 175 HOH HOH A . 
I 3 HOH 13 179 179 HOH HOH A . 
I 3 HOH 14 195 195 HOH HOH A . 
I 3 HOH 15 196 196 HOH HOH A . 
I 3 HOH 16 202 202 HOH HOH A . 
I 3 HOH 17 209 209 HOH HOH A . 
I 3 HOH 18 210 210 HOH HOH A . 
I 3 HOH 19 211 211 HOH HOH A . 
I 3 HOH 20 213 213 HOH HOH A . 
I 3 HOH 21 214 214 HOH HOH A . 
I 3 HOH 22 217 217 HOH HOH A . 
I 3 HOH 23 226 226 HOH HOH A . 
I 3 HOH 24 228 228 HOH HOH A . 
I 3 HOH 25 229 229 HOH HOH A . 
I 3 HOH 26 230 230 HOH HOH A . 
I 3 HOH 27 231 231 HOH HOH A . 
I 3 HOH 28 234 234 HOH HOH A . 
I 3 HOH 29 246 246 HOH HOH A . 
I 3 HOH 30 247 247 HOH HOH A . 
I 3 HOH 31 248 248 HOH HOH A . 
I 3 HOH 32 251 251 HOH HOH A . 
J 3 HOH 1  109 109 HOH HOH B . 
J 3 HOH 2  111 111 HOH HOH B . 
J 3 HOH 3  114 114 HOH HOH B . 
J 3 HOH 4  118 118 HOH HOH B . 
J 3 HOH 5  122 122 HOH HOH B . 
J 3 HOH 6  144 144 HOH HOH B . 
J 3 HOH 7  148 148 HOH HOH B . 
J 3 HOH 8  153 153 HOH HOH B . 
J 3 HOH 9  158 158 HOH HOH B . 
J 3 HOH 10 162 162 HOH HOH B . 
J 3 HOH 11 163 163 HOH HOH B . 
J 3 HOH 12 169 169 HOH HOH B . 
J 3 HOH 13 174 174 HOH HOH B . 
J 3 HOH 14 180 180 HOH HOH B . 
J 3 HOH 15 184 184 HOH HOH B . 
J 3 HOH 16 186 186 HOH HOH B . 
J 3 HOH 17 187 187 HOH HOH B . 
J 3 HOH 18 200 200 HOH HOH B . 
J 3 HOH 19 205 205 HOH HOH B . 
J 3 HOH 20 216 216 HOH HOH B . 
J 3 HOH 21 220 220 HOH HOH B . 
J 3 HOH 22 224 224 HOH HOH B . 
J 3 HOH 23 233 233 HOH HOH B . 
J 3 HOH 24 237 237 HOH HOH B . 
J 3 HOH 25 239 239 HOH HOH B . 
J 3 HOH 26 240 240 HOH HOH B . 
J 3 HOH 27 242 242 HOH HOH B . 
J 3 HOH 28 244 244 HOH HOH B . 
J 3 HOH 29 245 245 HOH HOH B . 
J 3 HOH 30 252 252 HOH HOH B . 
K 3 HOH 1  107 107 HOH HOH C . 
K 3 HOH 2  108 108 HOH HOH C . 
K 3 HOH 3  110 110 HOH HOH C . 
K 3 HOH 4  113 113 HOH HOH C . 
K 3 HOH 5  116 116 HOH HOH C . 
K 3 HOH 6  119 119 HOH HOH C . 
K 3 HOH 7  120 120 HOH HOH C . 
K 3 HOH 8  121 121 HOH HOH C . 
K 3 HOH 9  124 124 HOH HOH C . 
K 3 HOH 10 126 126 HOH HOH C . 
K 3 HOH 11 128 128 HOH HOH C . 
K 3 HOH 12 130 130 HOH HOH C . 
K 3 HOH 13 136 136 HOH HOH C . 
K 3 HOH 14 138 138 HOH HOH C . 
K 3 HOH 15 140 140 HOH HOH C . 
K 3 HOH 16 141 141 HOH HOH C . 
K 3 HOH 17 143 143 HOH HOH C . 
K 3 HOH 18 145 145 HOH HOH C . 
K 3 HOH 19 147 147 HOH HOH C . 
K 3 HOH 20 149 149 HOH HOH C . 
K 3 HOH 21 152 152 HOH HOH C . 
K 3 HOH 22 155 155 HOH HOH C . 
K 3 HOH 23 156 156 HOH HOH C . 
K 3 HOH 24 160 160 HOH HOH C . 
K 3 HOH 25 167 167 HOH HOH C . 
K 3 HOH 26 168 168 HOH HOH C . 
K 3 HOH 27 170 170 HOH HOH C . 
K 3 HOH 28 171 171 HOH HOH C . 
K 3 HOH 29 172 172 HOH HOH C . 
K 3 HOH 30 177 177 HOH HOH C . 
K 3 HOH 31 181 181 HOH HOH C . 
K 3 HOH 32 188 188 HOH HOH C . 
K 3 HOH 33 191 191 HOH HOH C . 
K 3 HOH 34 192 192 HOH HOH C . 
K 3 HOH 35 197 197 HOH HOH C . 
K 3 HOH 36 199 199 HOH HOH C . 
K 3 HOH 37 204 204 HOH HOH C . 
K 3 HOH 38 206 206 HOH HOH C . 
K 3 HOH 39 208 208 HOH HOH C . 
K 3 HOH 40 212 212 HOH HOH C . 
K 3 HOH 41 218 218 HOH HOH C . 
K 3 HOH 42 219 219 HOH HOH C . 
K 3 HOH 43 222 222 HOH HOH C . 
K 3 HOH 44 223 223 HOH HOH C . 
K 3 HOH 45 225 225 HOH HOH C . 
K 3 HOH 46 249 249 HOH HOH C . 
K 3 HOH 47 250 250 HOH HOH C . 
L 3 HOH 1  112 112 HOH HOH D . 
L 3 HOH 2  115 115 HOH HOH D . 
L 3 HOH 3  117 117 HOH HOH D . 
L 3 HOH 4  125 125 HOH HOH D . 
L 3 HOH 5  129 129 HOH HOH D . 
L 3 HOH 6  131 131 HOH HOH D . 
L 3 HOH 7  132 132 HOH HOH D . 
L 3 HOH 8  133 133 HOH HOH D . 
L 3 HOH 9  135 135 HOH HOH D . 
L 3 HOH 10 137 137 HOH HOH D . 
L 3 HOH 11 139 139 HOH HOH D . 
L 3 HOH 12 142 142 HOH HOH D . 
L 3 HOH 13 161 161 HOH HOH D . 
L 3 HOH 14 166 166 HOH HOH D . 
L 3 HOH 15 173 173 HOH HOH D . 
L 3 HOH 16 176 176 HOH HOH D . 
L 3 HOH 17 178 178 HOH HOH D . 
L 3 HOH 18 182 182 HOH HOH D . 
L 3 HOH 19 183 183 HOH HOH D . 
L 3 HOH 20 185 185 HOH HOH D . 
L 3 HOH 21 189 189 HOH HOH D . 
L 3 HOH 22 190 190 HOH HOH D . 
L 3 HOH 23 193 193 HOH HOH D . 
L 3 HOH 24 194 194 HOH HOH D . 
L 3 HOH 25 198 198 HOH HOH D . 
L 3 HOH 26 201 201 HOH HOH D . 
L 3 HOH 27 203 203 HOH HOH D . 
L 3 HOH 28 207 207 HOH HOH D . 
L 3 HOH 29 215 215 HOH HOH D . 
L 3 HOH 30 221 221 HOH HOH D . 
L 3 HOH 31 227 227 HOH HOH D . 
L 3 HOH 32 232 232 HOH HOH D . 
L 3 HOH 33 235 235 HOH HOH D . 
L 3 HOH 34 236 236 HOH HOH D . 
L 3 HOH 35 238 238 HOH HOH D . 
L 3 HOH 36 241 241 HOH HOH D . 
L 3 HOH 37 243 243 HOH HOH D . 
# 
loop_
_software.name 
_software.classification 
_software.version 
_software.citation_id 
_software.pdbx_ordinal 
SCALEPACK 'data scaling' .   ? 1 
MLPHARE   phasing        .   ? 2 
CNS       refinement     1.0 ? 3 
# 
_cell.entry_id           1J9H 
_cell.length_a           47.180 
_cell.length_b           47.180 
_cell.length_c           80.040 
_cell.angle_alpha        90.00 
_cell.angle_beta         90.00 
_cell.angle_gamma        90.00 
_cell.Z_PDB              32 
_cell.pdbx_unique_axis   ? 
# 
_symmetry.entry_id                         1J9H 
_symmetry.space_group_name_H-M             'P 41 2 2' 
_symmetry.pdbx_full_space_group_name_H-M   ? 
_symmetry.cell_setting                     ? 
_symmetry.Int_Tables_number                91 
# 
_exptl.entry_id          1J9H 
_exptl.method            'X-RAY DIFFRACTION' 
_exptl.crystals_number   1 
# 
_exptl_crystal.id                    1 
_exptl_crystal.density_meas          ? 
_exptl_crystal.density_Matthews      1.96 
_exptl_crystal.density_percent_sol   37.09 
_exptl_crystal.description           ? 
# 
_exptl_crystal_grow.crystal_id      1 
_exptl_crystal_grow.method          'VAPOR DIFFUSION, HANGING DROP' 
_exptl_crystal_grow.temp            ? 
_exptl_crystal_grow.temp_details    ? 
_exptl_crystal_grow.pH              6.0 
_exptl_crystal_grow.pdbx_details    
;20mM sodium cacodylate (pH 6.0), 10mM calcium chloride, 100mM 
sodium chloride, and 10%(v/v) MPD against 50% MPD in the reservoir, VAPOR DIFFUSION, HANGING DROP
;
_exptl_crystal_grow.pdbx_pH_range   ? 
# 
loop_
_exptl_crystal_grow_comp.crystal_id 
_exptl_crystal_grow_comp.id 
_exptl_crystal_grow_comp.sol_id 
_exptl_crystal_grow_comp.name 
_exptl_crystal_grow_comp.volume 
_exptl_crystal_grow_comp.conc 
_exptl_crystal_grow_comp.details 
1 1 1 'sodium cacodylate' ? ? ? 
1 2 1 CaCl2               ? ? ? 
1 3 1 NaCl                ? ? ? 
1 4 1 MPD                 ? ? ? 
1 5 2 MPD                 ? ? ? 
# 
_diffrn.id                     1 
_diffrn.ambient_temp           100 
_diffrn.ambient_temp_details   ? 
_diffrn.crystal_id             1 
# 
_diffrn_detector.diffrn_id              1 
_diffrn_detector.detector               CCD 
_diffrn_detector.type                   'ADSC QUANTUM 4' 
_diffrn_detector.pdbx_collection_date   ? 
_diffrn_detector.details                ? 
# 
_diffrn_radiation.diffrn_id                        1 
_diffrn_radiation.wavelength_id                    1 
_diffrn_radiation.pdbx_monochromatic_or_laue_m_l   M 
_diffrn_radiation.monochromator                    ? 
_diffrn_radiation.pdbx_diffrn_protocol             MAD 
_diffrn_radiation.pdbx_scattering_type             x-ray 
# 
_diffrn_radiation_wavelength.id           1 
_diffrn_radiation_wavelength.wavelength   0.92 
_diffrn_radiation_wavelength.wt           1.0 
# 
_diffrn_source.diffrn_id                   1 
_diffrn_source.source                      SYNCHROTRON 
_diffrn_source.type                        'APS BEAMLINE 14-BM-D' 
_diffrn_source.pdbx_synchrotron_site       APS 
_diffrn_source.pdbx_synchrotron_beamline   14-BM-D 
_diffrn_source.pdbx_wavelength             ? 
_diffrn_source.pdbx_wavelength_list        0.92 
# 
_reflns.entry_id                     1J9H 
_reflns.observed_criterion_sigma_I   ? 
_reflns.observed_criterion_sigma_F   ? 
_reflns.d_resolution_low             20 
_reflns.d_resolution_high            1.4 
_reflns.number_obs                   33934 
_reflns.number_all                   ? 
_reflns.percent_possible_obs         99.3 
_reflns.pdbx_Rmerge_I_obs            0.083 
_reflns.pdbx_Rsym_value              ? 
_reflns.pdbx_netI_over_sigmaI        22 
_reflns.B_iso_Wilson_estimate        ? 
_reflns.pdbx_redundancy              9 
_reflns.R_free_details               ? 
_reflns.pdbx_diffrn_id               1 
_reflns.pdbx_ordinal                 1 
# 
_refine.entry_id                                 1J9H 
_refine.ls_number_reflns_obs                     33271 
_refine.ls_number_reflns_all                     ? 
_refine.pdbx_ls_sigma_I                          ? 
_refine.pdbx_ls_sigma_F                          2 
_refine.pdbx_data_cutoff_high_absF               ? 
_refine.pdbx_data_cutoff_low_absF                ? 
_refine.ls_d_res_low                             20 
_refine.ls_d_res_high                            1.4 
_refine.ls_percent_reflns_obs                    97.8 
_refine.ls_R_factor_obs                          ? 
_refine.ls_R_factor_all                          ? 
_refine.ls_R_factor_R_work                       0.212 
_refine.ls_R_factor_R_free                       0.234 
_refine.ls_R_factor_R_free_error                 ? 
_refine.ls_R_factor_R_free_error_details         ? 
_refine.ls_percent_reflns_R_free                 ? 
_refine.ls_number_reflns_R_free                  3228 
_refine.ls_number_parameters                     ? 
_refine.ls_number_restraints                     ? 
_refine.occupancy_min                            ? 
_refine.occupancy_max                            ? 
_refine.B_iso_mean                               ? 
_refine.aniso_B[1][1]                            ? 
_refine.aniso_B[2][2]                            ? 
_refine.aniso_B[3][3]                            ? 
_refine.aniso_B[1][2]                            ? 
_refine.aniso_B[1][3]                            ? 
_refine.aniso_B[2][3]                            ? 
_refine.solvent_model_details                    ? 
_refine.solvent_model_param_ksol                 ? 
_refine.solvent_model_param_bsol                 ? 
_refine.pdbx_ls_cross_valid_method               ? 
_refine.details                                  ? 
_refine.pdbx_starting_model                      ? 
_refine.pdbx_method_to_determine_struct          MAD 
_refine.pdbx_isotropic_thermal_model             ? 
_refine.pdbx_stereochemistry_target_values       ? 
_refine.pdbx_stereochem_target_val_spec_case     ? 
_refine.pdbx_R_Free_selection_details            ? 
_refine.pdbx_overall_ESU_R_Free                  ? 
_refine.overall_SU_B                             ? 
_refine.ls_redundancy_reflns_obs                 ? 
_refine.correlation_coeff_Fo_to_Fc               ? 
_refine.correlation_coeff_Fo_to_Fc_free          ? 
_refine.overall_SU_R_Cruickshank_DPI             ? 
_refine.overall_SU_R_free                        ? 
_refine.overall_SU_ML                            ? 
_refine.pdbx_overall_ESU_R                       ? 
_refine.pdbx_data_cutoff_high_rms_absF           ? 
_refine.pdbx_refine_id                           'X-RAY DIFFRACTION' 
_refine.pdbx_diffrn_id                           1 
_refine.pdbx_TLS_residual_ADP_flag               ? 
_refine.pdbx_solvent_vdw_probe_radii             ? 
_refine.pdbx_solvent_ion_probe_radii             ? 
_refine.pdbx_solvent_shrinkage_radii             ? 
_refine.pdbx_overall_phase_error                 ? 
_refine.pdbx_overall_SU_R_free_Cruickshank_DPI   ? 
_refine.pdbx_overall_SU_R_Blow_DPI               ? 
_refine.pdbx_overall_SU_R_free_Blow_DPI          ? 
# 
_refine_hist.pdbx_refine_id                   'X-RAY DIFFRACTION' 
_refine_hist.cycle_id                         LAST 
_refine_hist.pdbx_number_atoms_protein        0 
_refine_hist.pdbx_number_atoms_nucleic_acid   748 
_refine_hist.pdbx_number_atoms_ligand         10 
_refine_hist.number_atoms_solvent             146 
_refine_hist.number_atoms_total               904 
_refine_hist.d_res_high                       1.4 
_refine_hist.d_res_low                        20 
# 
_struct.entry_id                  1J9H 
_struct.title                     'Crystal Structure of an RNA Duplex with Uridine Bulges' 
_struct.pdbx_model_details        ? 
_struct.pdbx_CASP_flag            ? 
_struct.pdbx_model_type_details   ? 
# 
_struct_keywords.entry_id        1J9H 
_struct_keywords.pdbx_keywords   RNA 
_struct_keywords.text            'Uridine Bulge, RNA duplex, A-form, Kink, Metal binding, RNA' 
# 
loop_
_struct_asym.id 
_struct_asym.pdbx_blank_PDB_chainid_flag 
_struct_asym.pdbx_modified 
_struct_asym.entity_id 
_struct_asym.details 
A N N 1 ? 
B N N 1 ? 
C N N 1 ? 
D N N 1 ? 
E N N 2 ? 
F N N 2 ? 
G N N 2 ? 
H N N 2 ? 
I N N 3 ? 
J N N 3 ? 
K N N 3 ? 
L N N 3 ? 
# 
_struct_ref.id                         1 
_struct_ref.entity_id                  1 
_struct_ref.db_name                    PDB 
_struct_ref.db_code                    1J9H 
_struct_ref.pdbx_db_accession          1J9H 
_struct_ref.pdbx_db_isoform            ? 
_struct_ref.pdbx_seq_one_letter_code   ? 
_struct_ref.pdbx_align_begin           ? 
# 
loop_
_struct_ref_seq.align_id 
_struct_ref_seq.ref_id 
_struct_ref_seq.pdbx_PDB_id_code 
_struct_ref_seq.pdbx_strand_id 
_struct_ref_seq.seq_align_beg 
_struct_ref_seq.pdbx_seq_align_beg_ins_code 
_struct_ref_seq.seq_align_end 
_struct_ref_seq.pdbx_seq_align_end_ins_code 
_struct_ref_seq.pdbx_db_accession 
_struct_ref_seq.db_align_beg 
_struct_ref_seq.pdbx_db_align_beg_ins_code 
_struct_ref_seq.db_align_end 
_struct_ref_seq.pdbx_db_align_end_ins_code 
_struct_ref_seq.pdbx_auth_seq_align_beg 
_struct_ref_seq.pdbx_auth_seq_align_end 
1 1 1J9H A 1 ? 9 ? 1J9H 1  ? 9  ? 1  9  
2 1 1J9H B 1 ? 9 ? 1J9H 10 ? 18 ? 10 18 
3 1 1J9H C 1 ? 9 ? 1J9H 19 ? 27 ? 19 27 
4 1 1J9H D 1 ? 9 ? 1J9H 28 ? 36 ? 28 36 
# 
loop_
_pdbx_struct_assembly.id 
_pdbx_struct_assembly.details 
_pdbx_struct_assembly.method_details 
_pdbx_struct_assembly.oligomeric_details 
_pdbx_struct_assembly.oligomeric_count 
1 author_defined_assembly ? dimeric 2 
2 author_defined_assembly ? dimeric 2 
# 
loop_
_pdbx_struct_assembly_gen.assembly_id 
_pdbx_struct_assembly_gen.oper_expression 
_pdbx_struct_assembly_gen.asym_id_list 
1 1 A,B,E,F,I,J 
2 1 C,D,G,H,K,L 
# 
_pdbx_struct_oper_list.id                   1 
_pdbx_struct_oper_list.type                 'identity operation' 
_pdbx_struct_oper_list.name                 1_555 
_pdbx_struct_oper_list.symmetry_operation   x,y,z 
_pdbx_struct_oper_list.matrix[1][1]         1.0000000000 
_pdbx_struct_oper_list.matrix[1][2]         0.0000000000 
_pdbx_struct_oper_list.matrix[1][3]         0.0000000000 
_pdbx_struct_oper_list.vector[1]            0.0000000000 
_pdbx_struct_oper_list.matrix[2][1]         0.0000000000 
_pdbx_struct_oper_list.matrix[2][2]         1.0000000000 
_pdbx_struct_oper_list.matrix[2][3]         0.0000000000 
_pdbx_struct_oper_list.vector[2]            0.0000000000 
_pdbx_struct_oper_list.matrix[3][1]         0.0000000000 
_pdbx_struct_oper_list.matrix[3][2]         0.0000000000 
_pdbx_struct_oper_list.matrix[3][3]         1.0000000000 
_pdbx_struct_oper_list.vector[3]            0.0000000000 
# 
loop_
_struct_biol.id 
_struct_biol.pdbx_parent_biol_id 
_struct_biol.details 
1 ? ? 
2 ? ? 
# 
loop_
_struct_conn.id 
_struct_conn.conn_type_id 
_struct_conn.pdbx_leaving_atom_flag 
_struct_conn.pdbx_PDB_id 
_struct_conn.ptnr1_label_asym_id 
_struct_conn.ptnr1_label_comp_id 
_struct_conn.ptnr1_label_seq_id 
_struct_conn.ptnr1_label_atom_id 
_struct_conn.pdbx_ptnr1_label_alt_id 
_struct_conn.pdbx_ptnr1_PDB_ins_code 
_struct_conn.pdbx_ptnr1_standard_comp_id 
_struct_conn.ptnr1_symmetry 
_struct_conn.ptnr2_label_asym_id 
_struct_conn.ptnr2_label_comp_id 
_struct_conn.ptnr2_label_seq_id 
_struct_conn.ptnr2_label_atom_id 
_struct_conn.pdbx_ptnr2_label_alt_id 
_struct_conn.pdbx_ptnr2_PDB_ins_code 
_struct_conn.ptnr1_auth_asym_id 
_struct_conn.ptnr1_auth_comp_id 
_struct_conn.ptnr1_auth_seq_id 
_struct_conn.ptnr2_auth_asym_id 
_struct_conn.ptnr2_auth_comp_id 
_struct_conn.ptnr2_auth_seq_id 
_struct_conn.ptnr2_symmetry 
_struct_conn.pdbx_ptnr3_label_atom_id 
_struct_conn.pdbx_ptnr3_label_seq_id 
_struct_conn.pdbx_ptnr3_label_comp_id 
_struct_conn.pdbx_ptnr3_label_asym_id 
_struct_conn.pdbx_ptnr3_label_alt_id 
_struct_conn.pdbx_ptnr3_PDB_ins_code 
_struct_conn.details 
_struct_conn.pdbx_dist_value 
_struct_conn.pdbx_value_order 
_struct_conn.pdbx_role 
covale1  covale both ? A G   6 "O3'" ? ? ? 1_555 A CBR 7 P     ? ? A G   6   A CBR 7   1_555 ? ? ? ? ? ? ?            1.603 ? ? 
covale2  covale both ? A CBR 7 "O3'" ? ? ? 1_555 A A   8 P     ? ? A CBR 7   A A   8   1_555 ? ? ? ? ? ? ?            1.625 ? ? 
covale3  covale both ? B G   6 "O3'" ? ? ? 1_555 B CBR 7 P     ? ? B G   15  B CBR 16  1_555 ? ? ? ? ? ? ?            1.617 ? ? 
covale4  covale both ? B CBR 7 "O3'" ? ? ? 1_555 B A   8 P     ? ? B CBR 16  B A   17  1_555 ? ? ? ? ? ? ?            1.600 ? ? 
covale5  covale both ? C G   6 "O3'" ? ? ? 1_555 C CBR 7 P     ? ? C G   24  C CBR 25  1_555 ? ? ? ? ? ? ?            1.610 ? ? 
covale6  covale both ? C CBR 7 "O3'" ? ? ? 1_555 C A   8 P     ? ? C CBR 25  C A   26  1_555 ? ? ? ? ? ? ?            1.614 ? ? 
covale7  covale both ? D G   6 "O3'" ? ? ? 1_555 D CBR 7 P     ? ? D G   33  D CBR 34  1_555 ? ? ? ? ? ? ?            1.604 ? ? 
covale8  covale both ? D CBR 7 "O3'" ? ? ? 1_555 D A   8 P     ? ? D CBR 34  D A   35  1_555 ? ? ? ? ? ? ?            1.615 ? ? 
metalc1  metalc ?    ? A U   4 OP2   ? ? ? 1_555 E CA  . CA    A ? A U   4   A CA  103 1_555 ? ? ? ? ? ? ?            2.520 ? ? 
metalc2  metalc ?    ? A C   5 OP1   ? ? ? 1_555 E CA  . CA    A ? A C   5   A CA  103 1_555 ? ? ? ? ? ? ?            2.010 ? ? 
metalc3  metalc ?    ? A C   5 OP1   ? ? ? 1_555 E CA  . CA    B ? A C   5   A CA  103 1_555 ? ? ? ? ? ? ?            2.551 ? ? 
metalc4  metalc ?    ? A C   9 "O2'" ? ? ? 6_575 F CA  . CA    B ? A C   9   B CA  104 1_555 ? ? ? ? ? ? ?            2.268 ? ? 
metalc5  metalc ?    ? A C   9 "O3'" ? ? ? 6_575 F CA  . CA    B ? A C   9   B CA  104 1_555 ? ? ? ? ? ? ?            3.003 ? ? 
metalc6  metalc ?    ? A C   9 "O3'" ? ? ? 6_575 F CA  . CA    A ? A C   9   B CA  104 1_555 ? ? ? ? ? ? ?            2.253 ? ? 
metalc7  metalc ?    ? A C   9 "O2'" ? ? ? 6_575 F CA  . CA    A ? A C   9   B CA  104 1_555 ? ? ? ? ? ? ?            2.927 ? ? 
metalc8  metalc ?    ? E CA  . CA    A ? ? 1_555 I HOH . O     ? ? A CA  103 A HOH 179 1_555 ? ? ? ? ? ? ?            2.454 ? ? 
metalc9  metalc ?    ? E CA  . CA    B ? ? 1_555 I HOH . O     ? ? A CA  103 A HOH 179 1_555 ? ? ? ? ? ? ?            3.297 ? ? 
metalc10 metalc ?    ? E CA  . CA    A ? ? 1_555 I HOH . O     ? ? A CA  103 A HOH 234 1_555 ? ? ? ? ? ? ?            2.019 ? ? 
metalc11 metalc ?    ? E CA  . CA    B ? ? 1_555 I HOH . O     ? ? A CA  103 A HOH 234 1_555 ? ? ? ? ? ? ?            2.435 ? ? 
metalc12 metalc ?    ? E CA  . CA    A ? ? 1_555 B C   9 "O2'" ? ? A CA  103 B C   18  6_565 ? ? ? ? ? ? ?            2.420 ? ? 
metalc13 metalc ?    ? E CA  . CA    A ? ? 1_555 B C   9 "O3'" ? ? A CA  103 B C   18  6_565 ? ? ? ? ? ? ?            2.867 ? ? 
metalc14 metalc ?    ? E CA  . CA    B ? ? 1_555 B C   9 "O2'" ? ? A CA  103 B C   18  6_565 ? ? ? ? ? ? ?            2.757 ? ? 
metalc15 metalc ?    ? E CA  . CA    B ? ? 1_555 B C   9 "O3'" ? ? A CA  103 B C   18  6_565 ? ? ? ? ? ? ?            2.120 ? ? 
metalc16 metalc ?    ? E CA  . CA    B ? ? 1_555 L HOH . O     ? ? A CA  103 D HOH 182 1_555 ? ? ? ? ? ? ?            2.635 ? ? 
metalc17 metalc ?    ? E CA  . CA    B ? ? 1_555 L HOH . O     ? ? A CA  103 D HOH 238 1_555 ? ? ? ? ? ? ?            2.086 ? ? 
metalc18 metalc ?    ? E CA  . CA    A ? ? 1_555 L HOH . O     ? ? A CA  103 D HOH 238 1_555 ? ? ? ? ? ? ?            3.153 ? ? 
metalc19 metalc ?    ? I HOH . O     ? ? ? 6_575 F CA  . CA    A ? A HOH 196 B CA  104 1_555 ? ? ? ? ? ? ?            2.317 ? ? 
metalc20 metalc ?    ? B U   4 OP2   ? ? ? 1_555 F CA  . CA    B ? B U   13  B CA  104 1_555 ? ? ? ? ? ? ?            2.500 ? ? 
metalc21 metalc ?    ? B C   5 OP1   ? ? ? 1_555 F CA  . CA    A ? B C   14  B CA  104 1_555 ? ? ? ? ? ? ?            2.444 ? ? 
metalc22 metalc ?    ? B C   5 OP1   ? ? ? 1_555 F CA  . CA    B ? B C   14  B CA  104 1_555 ? ? ? ? ? ? ?            1.934 ? ? 
metalc23 metalc ?    ? F CA  . CA    A ? ? 1_555 J HOH . O     ? ? B CA  104 B HOH 163 1_555 ? ? ? ? ? ? ?            2.562 ? ? 
metalc24 metalc ?    ? F CA  . CA    B ? ? 1_555 J HOH . O     ? ? B CA  104 B HOH 163 1_555 ? ? ? ? ? ? ?            1.915 ? ? 
metalc25 metalc ?    ? F CA  . CA    B ? ? 1_555 J HOH . O     ? ? B CA  104 B HOH 237 1_555 ? ? ? ? ? ? ?            3.356 ? ? 
metalc26 metalc ?    ? F CA  . CA    A ? ? 1_555 J HOH . O     ? ? B CA  104 B HOH 252 1_555 ? ? ? ? ? ? ?            2.256 ? ? 
metalc27 metalc ?    ? J HOH . O     ? ? ? 2_765 G CA  . CA    ? ? B HOH 118 C CA  101 1_555 ? ? ? ? ? ? ?            2.479 ? ? 
metalc28 metalc ?    ? C U   4 OP2   ? ? ? 1_555 G CA  . CA    ? ? C U   22  C CA  101 1_555 ? ? ? ? ? ? ?            2.298 ? ? 
metalc29 metalc ?    ? C C   5 OP1   ? ? ? 1_555 G CA  . CA    ? ? C C   23  C CA  101 1_555 ? ? ? ? ? ? ?            2.332 ? ? 
metalc30 metalc ?    ? C C   9 "O3'" ? ? ? 5_656 H CA  . CA    ? ? C C   27  D CA  102 1_555 ? ? ? ? ? ? ?            2.524 ? ? 
metalc31 metalc ?    ? C C   9 "O2'" ? ? ? 5_656 H CA  . CA    ? ? C C   27  D CA  102 1_555 ? ? ? ? ? ? ?            2.423 ? ? 
metalc32 metalc ?    ? G CA  . CA    ? ? ? 1_555 K HOH . O     ? ? C CA  101 C HOH 110 1_555 ? ? ? ? ? ? ?            2.285 ? ? 
metalc33 metalc ?    ? G CA  . CA    ? ? ? 1_555 K HOH . O     ? ? C CA  101 C HOH 141 1_555 ? ? ? ? ? ? ?            2.427 ? ? 
metalc34 metalc ?    ? G CA  . CA    ? ? ? 1_555 D C   9 "O3'" ? ? C CA  101 D C   36  5_756 ? ? ? ? ? ? ?            2.527 ? ? 
metalc35 metalc ?    ? G CA  . CA    ? ? ? 1_555 D C   9 "O2'" ? ? C CA  101 D C   36  5_756 ? ? ? ? ? ? ?            2.393 ? ? 
metalc36 metalc ?    ? K HOH . O     ? ? ? 5_656 H CA  . CA    ? ? C HOH 119 D CA  102 1_555 ? ? ? ? ? ? ?            2.267 ? ? 
metalc37 metalc ?    ? D U   4 OP2   ? ? ? 1_555 H CA  . CA    ? ? D U   31  D CA  102 1_555 ? ? ? ? ? ? ?            2.326 ? ? 
metalc38 metalc ?    ? D C   5 OP1   ? ? ? 1_555 H CA  . CA    ? ? D C   32  D CA  102 1_555 ? ? ? ? ? ? ?            2.342 ? ? 
metalc39 metalc ?    ? H CA  . CA    ? ? ? 1_555 L HOH . O     ? ? D CA  102 D HOH 132 1_555 ? ? ? ? ? ? ?            2.468 ? ? 
metalc40 metalc ?    ? H CA  . CA    ? ? ? 1_555 L HOH . O     ? ? D CA  102 D HOH 139 1_555 ? ? ? ? ? ? ?            2.472 ? ? 
hydrog1  hydrog ?    ? A G   1 N1    ? ? ? 1_555 B C   9 N3    ? ? A G   1   B C   18  1_555 ? ? ? ? ? ? WATSON-CRICK ?     ? ? 
hydrog2  hydrog ?    ? A G   1 N2    ? ? ? 1_555 B C   9 O2    ? ? A G   1   B C   18  1_555 ? ? ? ? ? ? WATSON-CRICK ?     ? ? 
hydrog3  hydrog ?    ? A G   1 O6    ? ? ? 1_555 B C   9 N4    ? ? A G   1   B C   18  1_555 ? ? ? ? ? ? WATSON-CRICK ?     ? ? 
hydrog4  hydrog ?    ? A U   2 N3    ? ? ? 1_555 B A   8 N1    ? ? A U   2   B A   17  1_555 ? ? ? ? ? ? WATSON-CRICK ?     ? ? 
hydrog5  hydrog ?    ? A U   2 O4    ? ? ? 1_555 B A   8 N6    ? ? A U   2   B A   17  1_555 ? ? ? ? ? ? WATSON-CRICK ?     ? ? 
hydrog6  hydrog ?    ? A G   3 N1    ? ? ? 1_555 B CBR 7 N3    ? ? A G   3   B CBR 16  1_555 ? ? ? ? ? ? WATSON-CRICK ?     ? ? 
hydrog7  hydrog ?    ? A G   3 N2    ? ? ? 1_555 B CBR 7 O2    ? ? A G   3   B CBR 16  1_555 ? ? ? ? ? ? WATSON-CRICK ?     ? ? 
hydrog8  hydrog ?    ? A G   3 O6    ? ? ? 1_555 B CBR 7 N4    ? ? A G   3   B CBR 16  1_555 ? ? ? ? ? ? WATSON-CRICK ?     ? ? 
hydrog9  hydrog ?    ? A U   4 N3    ? ? ? 1_555 B A   8 N3    ? ? A U   4   B A   17  1_555 ? ? ? ? ? ? 'U-A PAIR'   ?     ? ? 
hydrog10 hydrog ?    ? A C   5 N3    ? ? ? 1_555 B G   6 N1    ? ? A C   5   B G   15  1_555 ? ? ? ? ? ? WATSON-CRICK ?     ? ? 
hydrog11 hydrog ?    ? A C   5 N4    ? ? ? 1_555 B G   6 O6    ? ? A C   5   B G   15  1_555 ? ? ? ? ? ? WATSON-CRICK ?     ? ? 
hydrog12 hydrog ?    ? A C   5 O2    ? ? ? 1_555 B G   6 N2    ? ? A C   5   B G   15  1_555 ? ? ? ? ? ? WATSON-CRICK ?     ? ? 
hydrog13 hydrog ?    ? A G   6 N1    ? ? ? 1_555 B C   5 N3    ? ? A G   6   B C   14  1_555 ? ? ? ? ? ? WATSON-CRICK ?     ? ? 
hydrog14 hydrog ?    ? A G   6 N2    ? ? ? 1_555 B C   5 O2    ? ? A G   6   B C   14  1_555 ? ? ? ? ? ? WATSON-CRICK ?     ? ? 
hydrog15 hydrog ?    ? A G   6 O6    ? ? ? 1_555 B C   5 N4    ? ? A G   6   B C   14  1_555 ? ? ? ? ? ? WATSON-CRICK ?     ? ? 
hydrog16 hydrog ?    ? A CBR 7 N3    ? ? ? 1_555 B G   3 N1    ? ? A CBR 7   B G   12  1_555 ? ? ? ? ? ? WATSON-CRICK ?     ? ? 
hydrog17 hydrog ?    ? A CBR 7 N4    ? ? ? 1_555 B G   3 O6    ? ? A CBR 7   B G   12  1_555 ? ? ? ? ? ? WATSON-CRICK ?     ? ? 
hydrog18 hydrog ?    ? A CBR 7 O2    ? ? ? 1_555 B G   3 N2    ? ? A CBR 7   B G   12  1_555 ? ? ? ? ? ? WATSON-CRICK ?     ? ? 
hydrog19 hydrog ?    ? A A   8 N1    ? ? ? 1_555 B U   2 N3    ? ? A A   8   B U   11  1_555 ? ? ? ? ? ? WATSON-CRICK ?     ? ? 
hydrog20 hydrog ?    ? A A   8 N6    ? ? ? 1_555 B U   2 O4    ? ? A A   8   B U   11  1_555 ? ? ? ? ? ? WATSON-CRICK ?     ? ? 
hydrog21 hydrog ?    ? A A   8 N3    ? ? ? 1_555 B U   4 N3    ? ? A A   8   B U   13  1_555 ? ? ? ? ? ? 'A-U PAIR'   ?     ? ? 
hydrog22 hydrog ?    ? A C   9 N3    ? ? ? 1_555 B G   1 N1    ? ? A C   9   B G   10  1_555 ? ? ? ? ? ? WATSON-CRICK ?     ? ? 
hydrog23 hydrog ?    ? A C   9 N4    ? ? ? 1_555 B G   1 O6    ? ? A C   9   B G   10  1_555 ? ? ? ? ? ? WATSON-CRICK ?     ? ? 
hydrog24 hydrog ?    ? A C   9 O2    ? ? ? 1_555 B G   1 N2    ? ? A C   9   B G   10  1_555 ? ? ? ? ? ? WATSON-CRICK ?     ? ? 
hydrog25 hydrog ?    ? C G   1 N1    ? ? ? 1_555 D C   9 N3    ? ? C G   19  D C   36  1_555 ? ? ? ? ? ? WATSON-CRICK ?     ? ? 
hydrog26 hydrog ?    ? C G   1 N2    ? ? ? 1_555 D C   9 O2    ? ? C G   19  D C   36  1_555 ? ? ? ? ? ? WATSON-CRICK ?     ? ? 
hydrog27 hydrog ?    ? C G   1 O6    ? ? ? 1_555 D C   9 N4    ? ? C G   19  D C   36  1_555 ? ? ? ? ? ? WATSON-CRICK ?     ? ? 
hydrog28 hydrog ?    ? C U   2 N3    ? ? ? 1_555 D A   8 N1    ? ? C U   20  D A   35  1_555 ? ? ? ? ? ? WATSON-CRICK ?     ? ? 
hydrog29 hydrog ?    ? C U   2 O4    ? ? ? 1_555 D A   8 N6    ? ? C U   20  D A   35  1_555 ? ? ? ? ? ? WATSON-CRICK ?     ? ? 
hydrog30 hydrog ?    ? C G   3 N1    ? ? ? 1_555 D CBR 7 N3    ? ? C G   21  D CBR 34  1_555 ? ? ? ? ? ? WATSON-CRICK ?     ? ? 
hydrog31 hydrog ?    ? C G   3 N2    ? ? ? 1_555 D CBR 7 O2    ? ? C G   21  D CBR 34  1_555 ? ? ? ? ? ? WATSON-CRICK ?     ? ? 
hydrog32 hydrog ?    ? C G   3 O6    ? ? ? 1_555 D CBR 7 N4    ? ? C G   21  D CBR 34  1_555 ? ? ? ? ? ? WATSON-CRICK ?     ? ? 
hydrog33 hydrog ?    ? C U   4 N3    ? ? ? 1_555 D A   8 N3    ? ? C U   22  D A   35  1_555 ? ? ? ? ? ? 'U-A PAIR'   ?     ? ? 
hydrog34 hydrog ?    ? C C   5 N3    ? ? ? 1_555 D G   6 N1    ? ? C C   23  D G   33  1_555 ? ? ? ? ? ? WATSON-CRICK ?     ? ? 
hydrog35 hydrog ?    ? C C   5 N4    ? ? ? 1_555 D G   6 O6    ? ? C C   23  D G   33  1_555 ? ? ? ? ? ? WATSON-CRICK ?     ? ? 
hydrog36 hydrog ?    ? C C   5 O2    ? ? ? 1_555 D G   6 N2    ? ? C C   23  D G   33  1_555 ? ? ? ? ? ? WATSON-CRICK ?     ? ? 
hydrog37 hydrog ?    ? C G   6 N1    ? ? ? 1_555 D C   5 N3    ? ? C G   24  D C   32  1_555 ? ? ? ? ? ? WATSON-CRICK ?     ? ? 
hydrog38 hydrog ?    ? C G   6 N2    ? ? ? 1_555 D C   5 O2    ? ? C G   24  D C   32  1_555 ? ? ? ? ? ? WATSON-CRICK ?     ? ? 
hydrog39 hydrog ?    ? C G   6 O6    ? ? ? 1_555 D C   5 N4    ? ? C G   24  D C   32  1_555 ? ? ? ? ? ? WATSON-CRICK ?     ? ? 
hydrog40 hydrog ?    ? C CBR 7 N3    ? ? ? 1_555 D G   3 N1    ? ? C CBR 25  D G   30  1_555 ? ? ? ? ? ? WATSON-CRICK ?     ? ? 
hydrog41 hydrog ?    ? C CBR 7 N4    ? ? ? 1_555 D G   3 O6    ? ? C CBR 25  D G   30  1_555 ? ? ? ? ? ? WATSON-CRICK ?     ? ? 
hydrog42 hydrog ?    ? C CBR 7 O2    ? ? ? 1_555 D G   3 N2    ? ? C CBR 25  D G   30  1_555 ? ? ? ? ? ? WATSON-CRICK ?     ? ? 
hydrog43 hydrog ?    ? C A   8 N1    ? ? ? 1_555 D U   2 N3    ? ? C A   26  D U   29  1_555 ? ? ? ? ? ? WATSON-CRICK ?     ? ? 
hydrog44 hydrog ?    ? C A   8 N6    ? ? ? 1_555 D U   2 O4    ? ? C A   26  D U   29  1_555 ? ? ? ? ? ? WATSON-CRICK ?     ? ? 
hydrog45 hydrog ?    ? C A   8 N3    ? ? ? 1_555 D U   4 N3    ? ? C A   26  D U   31  1_555 ? ? ? ? ? ? 'A-U PAIR'   ?     ? ? 
hydrog46 hydrog ?    ? C C   9 N3    ? ? ? 1_555 D G   1 N1    ? ? C C   27  D G   28  1_555 ? ? ? ? ? ? WATSON-CRICK ?     ? ? 
hydrog47 hydrog ?    ? C C   9 N4    ? ? ? 1_555 D G   1 O6    ? ? C C   27  D G   28  1_555 ? ? ? ? ? ? WATSON-CRICK ?     ? ? 
hydrog48 hydrog ?    ? C C   9 O2    ? ? ? 1_555 D G   1 N2    ? ? C C   27  D G   28  1_555 ? ? ? ? ? ? WATSON-CRICK ?     ? ? 
# 
loop_
_struct_conn_type.id 
_struct_conn_type.criteria 
_struct_conn_type.reference 
covale ? ? 
metalc ? ? 
hydrog ? ? 
# 
loop_
_pdbx_struct_conn_angle.id 
_pdbx_struct_conn_angle.ptnr1_label_atom_id 
_pdbx_struct_conn_angle.ptnr1_label_alt_id 
_pdbx_struct_conn_angle.ptnr1_label_asym_id 
_pdbx_struct_conn_angle.ptnr1_label_comp_id 
_pdbx_struct_conn_angle.ptnr1_label_seq_id 
_pdbx_struct_conn_angle.ptnr1_auth_atom_id 
_pdbx_struct_conn_angle.ptnr1_auth_asym_id 
_pdbx_struct_conn_angle.ptnr1_auth_comp_id 
_pdbx_struct_conn_angle.ptnr1_auth_seq_id 
_pdbx_struct_conn_angle.ptnr1_PDB_ins_code 
_pdbx_struct_conn_angle.ptnr1_symmetry 
_pdbx_struct_conn_angle.ptnr2_label_atom_id 
_pdbx_struct_conn_angle.ptnr2_label_alt_id 
_pdbx_struct_conn_angle.ptnr2_label_asym_id 
_pdbx_struct_conn_angle.ptnr2_label_comp_id 
_pdbx_struct_conn_angle.ptnr2_label_seq_id 
_pdbx_struct_conn_angle.ptnr2_auth_atom_id 
_pdbx_struct_conn_angle.ptnr2_auth_asym_id 
_pdbx_struct_conn_angle.ptnr2_auth_comp_id 
_pdbx_struct_conn_angle.ptnr2_auth_seq_id 
_pdbx_struct_conn_angle.ptnr2_PDB_ins_code 
_pdbx_struct_conn_angle.ptnr2_symmetry 
_pdbx_struct_conn_angle.ptnr3_label_atom_id 
_pdbx_struct_conn_angle.ptnr3_label_alt_id 
_pdbx_struct_conn_angle.ptnr3_label_asym_id 
_pdbx_struct_conn_angle.ptnr3_label_comp_id 
_pdbx_struct_conn_angle.ptnr3_label_seq_id 
_pdbx_struct_conn_angle.ptnr3_auth_atom_id 
_pdbx_struct_conn_angle.ptnr3_auth_asym_id 
_pdbx_struct_conn_angle.ptnr3_auth_comp_id 
_pdbx_struct_conn_angle.ptnr3_auth_seq_id 
_pdbx_struct_conn_angle.ptnr3_PDB_ins_code 
_pdbx_struct_conn_angle.ptnr3_symmetry 
_pdbx_struct_conn_angle.value 
_pdbx_struct_conn_angle.value_esd 
1   OP2   ? A U   4 ? A U   4   ? 1_555 CA A E CA . ? A CA 103 ? 1_555 OP1   ? A C   5 ? A C   5   ? 1_555 93.3  ? 
2   OP2   ? A U   4 ? A U   4   ? 1_555 CA A E CA . ? A CA 103 ? 1_555 O     ? I HOH . ? A HOH 179 ? 1_555 73.0  ? 
3   OP1   ? A C   5 ? A C   5   ? 1_555 CA A E CA . ? A CA 103 ? 1_555 O     ? I HOH . ? A HOH 179 ? 1_555 81.1  ? 
4   OP2   ? A U   4 ? A U   4   ? 1_555 CA A E CA . ? A CA 103 ? 1_555 O     ? I HOH . ? A HOH 234 ? 1_555 77.5  ? 
5   OP1   ? A C   5 ? A C   5   ? 1_555 CA A E CA . ? A CA 103 ? 1_555 O     ? I HOH . ? A HOH 234 ? 1_555 168.6 ? 
6   O     ? I HOH . ? A HOH 179 ? 1_555 CA A E CA . ? A CA 103 ? 1_555 O     ? I HOH . ? A HOH 234 ? 1_555 89.8  ? 
7   OP2   ? A U   4 ? A U   4   ? 1_555 CA A E CA . ? A CA 103 ? 1_555 "O2'" ? B C   9 ? B C   18  ? 6_565 76.0  ? 
8   OP1   ? A C   5 ? A C   5   ? 1_555 CA A E CA . ? A CA 103 ? 1_555 "O2'" ? B C   9 ? B C   18  ? 6_565 102.5 ? 
9   O     ? I HOH . ? A HOH 179 ? 1_555 CA A E CA . ? A CA 103 ? 1_555 "O2'" ? B C   9 ? B C   18  ? 6_565 149.0 ? 
10  O     ? I HOH . ? A HOH 234 ? 1_555 CA A E CA . ? A CA 103 ? 1_555 "O2'" ? B C   9 ? B C   18  ? 6_565 82.0  ? 
11  OP2   ? A U   4 ? A U   4   ? 1_555 CA A E CA . ? A CA 103 ? 1_555 "O3'" ? B C   9 ? B C   18  ? 6_565 131.1 ? 
12  OP1   ? A C   5 ? A C   5   ? 1_555 CA A E CA . ? A CA 103 ? 1_555 "O3'" ? B C   9 ? B C   18  ? 6_565 75.6  ? 
13  O     ? I HOH . ? A HOH 179 ? 1_555 CA A E CA . ? A CA 103 ? 1_555 "O3'" ? B C   9 ? B C   18  ? 6_565 146.7 ? 
14  O     ? I HOH . ? A HOH 234 ? 1_555 CA A E CA . ? A CA 103 ? 1_555 "O3'" ? B C   9 ? B C   18  ? 6_565 115.5 ? 
15  "O2'" ? B C   9 ? B C   18  ? 6_565 CA A E CA . ? A CA 103 ? 1_555 "O3'" ? B C   9 ? B C   18  ? 6_565 61.0  ? 
16  OP2   ? A U   4 ? A U   4   ? 1_555 CA A E CA . ? A CA 103 ? 1_555 O     ? L HOH . ? D HOH 238 ? 1_555 168.9 ? 
17  OP1   ? A C   5 ? A C   5   ? 1_555 CA A E CA . ? A CA 103 ? 1_555 O     ? L HOH . ? D HOH 238 ? 1_555 79.3  ? 
18  O     ? I HOH . ? A HOH 179 ? 1_555 CA A E CA . ? A CA 103 ? 1_555 O     ? L HOH . ? D HOH 238 ? 1_555 97.5  ? 
19  O     ? I HOH . ? A HOH 234 ? 1_555 CA A E CA . ? A CA 103 ? 1_555 O     ? L HOH . ? D HOH 238 ? 1_555 108.8 ? 
20  "O2'" ? B C   9 ? B C   18  ? 6_565 CA A E CA . ? A CA 103 ? 1_555 O     ? L HOH . ? D HOH 238 ? 1_555 113.5 ? 
21  "O3'" ? B C   9 ? B C   18  ? 6_565 CA A E CA . ? A CA 103 ? 1_555 O     ? L HOH . ? D HOH 238 ? 1_555 55.2  ? 
22  OP1   ? A C   5 ? A C   5   ? 1_555 CA B E CA . ? A CA 103 ? 1_555 O     ? I HOH . ? A HOH 179 ? 1_555 58.3  ? 
23  OP1   ? A C   5 ? A C   5   ? 1_555 CA B E CA . ? A CA 103 ? 1_555 O     ? I HOH . ? A HOH 234 ? 1_555 107.0 ? 
24  O     ? I HOH . ? A HOH 179 ? 1_555 CA B E CA . ? A CA 103 ? 1_555 O     ? I HOH . ? A HOH 234 ? 1_555 65.2  ? 
25  OP1   ? A C   5 ? A C   5   ? 1_555 CA B E CA . ? A CA 103 ? 1_555 "O2'" ? B C   9 ? B C   18  ? 6_565 81.4  ? 
26  O     ? I HOH . ? A HOH 179 ? 1_555 CA B E CA . ? A CA 103 ? 1_555 "O2'" ? B C   9 ? B C   18  ? 6_565 101.4 ? 
27  O     ? I HOH . ? A HOH 234 ? 1_555 CA B E CA . ? A CA 103 ? 1_555 "O2'" ? B C   9 ? B C   18  ? 6_565 68.3  ? 
28  OP1   ? A C   5 ? A C   5   ? 1_555 CA B E CA . ? A CA 103 ? 1_555 "O3'" ? B C   9 ? B C   18  ? 6_565 81.5  ? 
29  O     ? I HOH . ? A HOH 179 ? 1_555 CA B E CA . ? A CA 103 ? 1_555 "O3'" ? B C   9 ? B C   18  ? 6_565 139.6 ? 
30  O     ? I HOH . ? A HOH 234 ? 1_555 CA B E CA . ? A CA 103 ? 1_555 "O3'" ? B C   9 ? B C   18  ? 6_565 131.6 ? 
31  "O2'" ? B C   9 ? B C   18  ? 6_565 CA B E CA . ? A CA 103 ? 1_555 "O3'" ? B C   9 ? B C   18  ? 6_565 66.1  ? 
32  OP1   ? A C   5 ? A C   5   ? 1_555 CA B E CA . ? A CA 103 ? 1_555 O     ? L HOH . ? D HOH 182 ? 1_555 159.2 ? 
33  O     ? I HOH . ? A HOH 179 ? 1_555 CA B E CA . ? A CA 103 ? 1_555 O     ? L HOH . ? D HOH 182 ? 1_555 141.1 ? 
34  O     ? I HOH . ? A HOH 234 ? 1_555 CA B E CA . ? A CA 103 ? 1_555 O     ? L HOH . ? D HOH 182 ? 1_555 91.8  ? 
35  "O2'" ? B C   9 ? B C   18  ? 6_565 CA B E CA . ? A CA 103 ? 1_555 O     ? L HOH . ? D HOH 182 ? 1_555 97.8  ? 
36  "O3'" ? B C   9 ? B C   18  ? 6_565 CA B E CA . ? A CA 103 ? 1_555 O     ? L HOH . ? D HOH 182 ? 1_555 79.2  ? 
37  OP1   ? A C   5 ? A C   5   ? 1_555 CA B E CA . ? A CA 103 ? 1_555 O     ? L HOH . ? D HOH 238 ? 1_555 94.1  ? 
38  O     ? I HOH . ? A HOH 179 ? 1_555 CA B E CA . ? A CA 103 ? 1_555 O     ? L HOH . ? D HOH 238 ? 1_555 101.6 ? 
39  O     ? I HOH . ? A HOH 234 ? 1_555 CA B E CA . ? A CA 103 ? 1_555 O     ? L HOH . ? D HOH 238 ? 1_555 140.5 ? 
40  "O2'" ? B C   9 ? B C   18  ? 6_565 CA B E CA . ? A CA 103 ? 1_555 O     ? L HOH . ? D HOH 238 ? 1_555 149.6 ? 
41  "O3'" ? B C   9 ? B C   18  ? 6_565 CA B E CA . ? A CA 103 ? 1_555 O     ? L HOH . ? D HOH 238 ? 1_555 83.5  ? 
42  O     ? L HOH . ? D HOH 182 ? 1_555 CA B E CA . ? A CA 103 ? 1_555 O     ? L HOH . ? D HOH 238 ? 1_555 76.0  ? 
43  "O2'" ? A C   9 ? A C   9   ? 6_575 CA B F CA . ? B CA 104 ? 1_555 "O3'" ? A C   9 ? A C   9   ? 6_575 61.3  ? 
44  "O2'" ? A C   9 ? A C   9   ? 6_575 CA B F CA . ? B CA 104 ? 1_555 OP2   ? B U   4 ? B U   13  ? 1_555 86.4  ? 
45  "O3'" ? A C   9 ? A C   9   ? 6_575 CA B F CA . ? B CA 104 ? 1_555 OP2   ? B U   4 ? B U   13  ? 1_555 140.9 ? 
46  "O2'" ? A C   9 ? A C   9   ? 6_575 CA B F CA . ? B CA 104 ? 1_555 OP1   ? B C   5 ? B C   14  ? 1_555 106.1 ? 
47  "O3'" ? A C   9 ? A C   9   ? 6_575 CA B F CA . ? B CA 104 ? 1_555 OP1   ? B C   5 ? B C   14  ? 1_555 73.7  ? 
48  OP2   ? B U   4 ? B U   13  ? 1_555 CA B F CA . ? B CA 104 ? 1_555 OP1   ? B C   5 ? B C   14  ? 1_555 97.2  ? 
49  "O2'" ? A C   9 ? A C   9   ? 6_575 CA B F CA . ? B CA 104 ? 1_555 O     ? J HOH . ? B HOH 163 ? 1_555 94.2  ? 
50  "O3'" ? A C   9 ? A C   9   ? 6_575 CA B F CA . ? B CA 104 ? 1_555 O     ? J HOH . ? B HOH 163 ? 1_555 123.0 ? 
51  OP2   ? B U   4 ? B U   13  ? 1_555 CA B F CA . ? B CA 104 ? 1_555 O     ? J HOH . ? B HOH 163 ? 1_555 77.7  ? 
52  OP1   ? B C   5 ? B C   14  ? 1_555 CA B F CA . ? B CA 104 ? 1_555 O     ? J HOH . ? B HOH 163 ? 1_555 158.8 ? 
53  "O2'" ? A C   9 ? A C   9   ? 6_575 CA B F CA . ? B CA 104 ? 1_555 O     ? J HOH . ? B HOH 237 ? 1_555 141.6 ? 
54  "O3'" ? A C   9 ? A C   9   ? 6_575 CA B F CA . ? B CA 104 ? 1_555 O     ? J HOH . ? B HOH 237 ? 1_555 155.5 ? 
55  OP2   ? B U   4 ? B U   13  ? 1_555 CA B F CA . ? B CA 104 ? 1_555 O     ? J HOH . ? B HOH 237 ? 1_555 56.0  ? 
56  OP1   ? B C   5 ? B C   14  ? 1_555 CA B F CA . ? B CA 104 ? 1_555 O     ? J HOH . ? B HOH 237 ? 1_555 87.9  ? 
57  O     ? J HOH . ? B HOH 163 ? 1_555 CA B F CA . ? B CA 104 ? 1_555 O     ? J HOH . ? B HOH 237 ? 1_555 72.0  ? 
58  "O3'" ? A C   9 ? A C   9   ? 6_575 CA A F CA . ? B CA 104 ? 1_555 "O2'" ? A C   9 ? A C   9   ? 6_575 62.8  ? 
59  "O3'" ? A C   9 ? A C   9   ? 6_575 CA A F CA . ? B CA 104 ? 1_555 O     ? I HOH . ? A HOH 196 ? 6_575 85.9  ? 
60  "O2'" ? A C   9 ? A C   9   ? 6_575 CA A F CA . ? B CA 104 ? 1_555 O     ? I HOH . ? A HOH 196 ? 6_575 93.4  ? 
61  "O3'" ? A C   9 ? A C   9   ? 6_575 CA A F CA . ? B CA 104 ? 1_555 OP1   ? B C   5 ? B C   14  ? 1_555 81.9  ? 
62  "O2'" ? A C   9 ? A C   9   ? 6_575 CA A F CA . ? B CA 104 ? 1_555 OP1   ? B C   5 ? B C   14  ? 1_555 77.0  ? 
63  O     ? I HOH . ? A HOH 196 ? 6_575 CA A F CA . ? B CA 104 ? 1_555 OP1   ? B C   5 ? B C   14  ? 1_555 167.0 ? 
64  "O3'" ? A C   9 ? A C   9   ? 6_575 CA A F CA . ? B CA 104 ? 1_555 O     ? J HOH . ? B HOH 163 ? 1_555 129.2 ? 
65  "O2'" ? A C   9 ? A C   9   ? 6_575 CA A F CA . ? B CA 104 ? 1_555 O     ? J HOH . ? B HOH 163 ? 1_555 67.8  ? 
66  O     ? I HOH . ? A HOH 196 ? 6_575 CA A F CA . ? B CA 104 ? 1_555 O     ? J HOH . ? B HOH 163 ? 1_555 86.2  ? 
67  OP1   ? B C   5 ? B C   14  ? 1_555 CA A F CA . ? B CA 104 ? 1_555 O     ? J HOH . ? B HOH 163 ? 1_555 98.1  ? 
68  "O3'" ? A C   9 ? A C   9   ? 6_575 CA A F CA . ? B CA 104 ? 1_555 O     ? J HOH . ? B HOH 252 ? 1_555 78.5  ? 
69  "O2'" ? A C   9 ? A C   9   ? 6_575 CA A F CA . ? B CA 104 ? 1_555 O     ? J HOH . ? B HOH 252 ? 1_555 139.5 ? 
70  O     ? I HOH . ? A HOH 196 ? 6_575 CA A F CA . ? B CA 104 ? 1_555 O     ? J HOH . ? B HOH 252 ? 1_555 95.2  ? 
71  OP1   ? B C   5 ? B C   14  ? 1_555 CA A F CA . ? B CA 104 ? 1_555 O     ? J HOH . ? B HOH 252 ? 1_555 86.7  ? 
72  O     ? J HOH . ? B HOH 163 ? 1_555 CA A F CA . ? B CA 104 ? 1_555 O     ? J HOH . ? B HOH 252 ? 1_555 152.3 ? 
73  O     ? J HOH . ? B HOH 118 ? 2_765 CA ? G CA . ? C CA 101 ? 1_555 OP2   ? C U   4 ? C U   22  ? 1_555 154.1 ? 
74  O     ? J HOH . ? B HOH 118 ? 2_765 CA ? G CA . ? C CA 101 ? 1_555 OP1   ? C C   5 ? C C   23  ? 1_555 97.2  ? 
75  OP2   ? C U   4 ? C U   22  ? 1_555 CA ? G CA . ? C CA 101 ? 1_555 OP1   ? C C   5 ? C C   23  ? 1_555 86.4  ? 
76  O     ? J HOH . ? B HOH 118 ? 2_765 CA ? G CA . ? C CA 101 ? 1_555 O     ? K HOH . ? C HOH 110 ? 1_555 84.0  ? 
77  OP2   ? C U   4 ? C U   22  ? 1_555 CA ? G CA . ? C CA 101 ? 1_555 O     ? K HOH . ? C HOH 110 ? 1_555 85.5  ? 
78  OP1   ? C C   5 ? C C   23  ? 1_555 CA ? G CA . ? C CA 101 ? 1_555 O     ? K HOH . ? C HOH 110 ? 1_555 163.6 ? 
79  O     ? J HOH . ? B HOH 118 ? 2_765 CA ? G CA . ? C CA 101 ? 1_555 O     ? K HOH . ? C HOH 141 ? 1_555 78.6  ? 
80  OP2   ? C U   4 ? C U   22  ? 1_555 CA ? G CA . ? C CA 101 ? 1_555 O     ? K HOH . ? C HOH 141 ? 1_555 77.2  ? 
81  OP1   ? C C   5 ? C C   23  ? 1_555 CA ? G CA . ? C CA 101 ? 1_555 O     ? K HOH . ? C HOH 141 ? 1_555 77.8  ? 
82  O     ? K HOH . ? C HOH 110 ? 1_555 CA ? G CA . ? C CA 101 ? 1_555 O     ? K HOH . ? C HOH 141 ? 1_555 86.5  ? 
83  O     ? J HOH . ? B HOH 118 ? 2_765 CA ? G CA . ? C CA 101 ? 1_555 "O3'" ? D C   9 ? D C   36  ? 5_756 77.4  ? 
84  OP2   ? C U   4 ? C U   22  ? 1_555 CA ? G CA . ? C CA 101 ? 1_555 "O3'" ? D C   9 ? D C   36  ? 5_756 128.1 ? 
85  OP1   ? C C   5 ? C C   23  ? 1_555 CA ? G CA . ? C CA 101 ? 1_555 "O3'" ? D C   9 ? D C   36  ? 5_756 77.5  ? 
86  O     ? K HOH . ? C HOH 110 ? 1_555 CA ? G CA . ? C CA 101 ? 1_555 "O3'" ? D C   9 ? D C   36  ? 5_756 118.5 ? 
87  O     ? K HOH . ? C HOH 141 ? 1_555 CA ? G CA . ? C CA 101 ? 1_555 "O3'" ? D C   9 ? D C   36  ? 5_756 142.8 ? 
88  O     ? J HOH . ? B HOH 118 ? 2_765 CA ? G CA . ? C CA 101 ? 1_555 "O2'" ? D C   9 ? D C   36  ? 5_756 128.7 ? 
89  OP2   ? C U   4 ? C U   22  ? 1_555 CA ? G CA . ? C CA 101 ? 1_555 "O2'" ? D C   9 ? D C   36  ? 5_756 74.2  ? 
90  OP1   ? C C   5 ? C C   23  ? 1_555 CA ? G CA . ? C CA 101 ? 1_555 "O2'" ? D C   9 ? D C   36  ? 5_756 103.9 ? 
91  O     ? K HOH . ? C HOH 110 ? 1_555 CA ? G CA . ? C CA 101 ? 1_555 "O2'" ? D C   9 ? D C   36  ? 5_756 87.6  ? 
92  O     ? K HOH . ? C HOH 141 ? 1_555 CA ? G CA . ? C CA 101 ? 1_555 "O2'" ? D C   9 ? D C   36  ? 5_756 151.2 ? 
93  "O3'" ? D C   9 ? D C   36  ? 5_756 CA ? G CA . ? C CA 101 ? 1_555 "O2'" ? D C   9 ? D C   36  ? 5_756 62.9  ? 
94  "O3'" ? C C   9 ? C C   27  ? 5_656 CA ? H CA . ? D CA 102 ? 1_555 "O2'" ? C C   9 ? C C   27  ? 5_656 63.2  ? 
95  "O3'" ? C C   9 ? C C   27  ? 5_656 CA ? H CA . ? D CA 102 ? 1_555 O     ? K HOH . ? C HOH 119 ? 5_656 118.3 ? 
96  "O2'" ? C C   9 ? C C   27  ? 5_656 CA ? H CA . ? D CA 102 ? 1_555 O     ? K HOH . ? C HOH 119 ? 5_656 85.2  ? 
97  "O3'" ? C C   9 ? C C   27  ? 5_656 CA ? H CA . ? D CA 102 ? 1_555 OP2   ? D U   4 ? D U   31  ? 1_555 124.0 ? 
98  "O2'" ? C C   9 ? C C   27  ? 5_656 CA ? H CA . ? D CA 102 ? 1_555 OP2   ? D U   4 ? D U   31  ? 1_555 71.8  ? 
99  O     ? K HOH . ? C HOH 119 ? 5_656 CA ? H CA . ? D CA 102 ? 1_555 OP2   ? D U   4 ? D U   31  ? 1_555 87.8  ? 
100 "O3'" ? C C   9 ? C C   27  ? 5_656 CA ? H CA . ? D CA 102 ? 1_555 OP1   ? D C   5 ? D C   32  ? 1_555 77.2  ? 
101 "O2'" ? C C   9 ? C C   27  ? 5_656 CA ? H CA . ? D CA 102 ? 1_555 OP1   ? D C   5 ? D C   32  ? 1_555 106.5 ? 
102 O     ? K HOH . ? C HOH 119 ? 5_656 CA ? H CA . ? D CA 102 ? 1_555 OP1   ? D C   5 ? D C   32  ? 1_555 164.1 ? 
103 OP2   ? D U   4 ? D U   31  ? 1_555 CA ? H CA . ? D CA 102 ? 1_555 OP1   ? D C   5 ? D C   32  ? 1_555 85.8  ? 
104 "O3'" ? C C   9 ? C C   27  ? 5_656 CA ? H CA . ? D CA 102 ? 1_555 O     ? L HOH . ? D HOH 132 ? 1_555 77.0  ? 
105 "O2'" ? C C   9 ? C C   27  ? 5_656 CA ? H CA . ? D CA 102 ? 1_555 O     ? L HOH . ? D HOH 132 ? 1_555 127.9 ? 
106 O     ? K HOH . ? C HOH 119 ? 5_656 CA ? H CA . ? D CA 102 ? 1_555 O     ? L HOH . ? D HOH 132 ? 1_555 85.6  ? 
107 OP2   ? D U   4 ? D U   31  ? 1_555 CA ? H CA . ? D CA 102 ? 1_555 O     ? L HOH . ? D HOH 132 ? 1_555 158.4 ? 
108 OP1   ? D C   5 ? D C   32  ? 1_555 CA ? H CA . ? D CA 102 ? 1_555 O     ? L HOH . ? D HOH 132 ? 1_555 95.1  ? 
109 "O3'" ? C C   9 ? C C   27  ? 5_656 CA ? H CA . ? D CA 102 ? 1_555 O     ? L HOH . ? D HOH 139 ? 1_555 143.3 ? 
110 "O2'" ? C C   9 ? C C   27  ? 5_656 CA ? H CA . ? D CA 102 ? 1_555 O     ? L HOH . ? D HOH 139 ? 1_555 151.1 ? 
111 O     ? K HOH . ? C HOH 119 ? 5_656 CA ? H CA . ? D CA 102 ? 1_555 O     ? L HOH . ? D HOH 139 ? 1_555 86.6  ? 
112 OP2   ? D U   4 ? D U   31  ? 1_555 CA ? H CA . ? D CA 102 ? 1_555 O     ? L HOH . ? D HOH 139 ? 1_555 80.2  ? 
113 OP1   ? D C   5 ? D C   32  ? 1_555 CA ? H CA . ? D CA 102 ? 1_555 O     ? L HOH . ? D HOH 139 ? 1_555 77.9  ? 
114 O     ? L HOH . ? D HOH 132 ? 1_555 CA ? H CA . ? D CA 102 ? 1_555 O     ? L HOH . ? D HOH 139 ? 1_555 78.9  ? 
# 
loop_
_struct_site.id 
_struct_site.pdbx_evidence_code 
_struct_site.pdbx_auth_asym_id 
_struct_site.pdbx_auth_comp_id 
_struct_site.pdbx_auth_seq_id 
_struct_site.pdbx_auth_ins_code 
_struct_site.pdbx_num_residues 
_struct_site.details 
AC1 Software C CA 101 ? 6 'BINDING SITE FOR RESIDUE CA C 101' 
AC2 Software D CA 102 ? 6 'BINDING SITE FOR RESIDUE CA D 102' 
AC3 Software A CA 103 ? 7 'BINDING SITE FOR RESIDUE CA A 103' 
AC4 Software B CA 104 ? 6 'BINDING SITE FOR RESIDUE CA B 104' 
# 
loop_
_struct_site_gen.id 
_struct_site_gen.site_id 
_struct_site_gen.pdbx_num_res 
_struct_site_gen.label_comp_id 
_struct_site_gen.label_asym_id 
_struct_site_gen.label_seq_id 
_struct_site_gen.pdbx_auth_ins_code 
_struct_site_gen.auth_comp_id 
_struct_site_gen.auth_asym_id 
_struct_site_gen.auth_seq_id 
_struct_site_gen.label_atom_id 
_struct_site_gen.label_alt_id 
_struct_site_gen.symmetry 
_struct_site_gen.details 
1  AC1 6 HOH J . ? HOH B 118 . ? 2_765 ? 
2  AC1 6 U   C 4 ? U   C 22  . ? 1_555 ? 
3  AC1 6 C   C 5 ? C   C 23  . ? 1_555 ? 
4  AC1 6 HOH K . ? HOH C 110 . ? 1_555 ? 
5  AC1 6 HOH K . ? HOH C 141 . ? 1_555 ? 
6  AC1 6 C   D 9 ? C   D 36  . ? 5_756 ? 
7  AC2 6 C   C 9 ? C   C 27  . ? 5_656 ? 
8  AC2 6 HOH K . ? HOH C 119 . ? 5_656 ? 
9  AC2 6 U   D 4 ? U   D 31  . ? 1_555 ? 
10 AC2 6 C   D 5 ? C   D 32  . ? 1_555 ? 
11 AC2 6 HOH L . ? HOH D 132 . ? 1_555 ? 
12 AC2 6 HOH L . ? HOH D 139 . ? 1_555 ? 
13 AC3 7 U   A 4 ? U   A 4   . ? 1_555 ? 
14 AC3 7 C   A 5 ? C   A 5   . ? 1_555 ? 
15 AC3 7 HOH I . ? HOH A 179 . ? 1_555 ? 
16 AC3 7 HOH I . ? HOH A 234 . ? 1_555 ? 
17 AC3 7 C   B 9 ? C   B 18  . ? 6_565 ? 
18 AC3 7 HOH L . ? HOH D 182 . ? 1_555 ? 
19 AC3 7 HOH L . ? HOH D 238 . ? 1_555 ? 
20 AC4 6 C   A 9 ? C   A 9   . ? 6_575 ? 
21 AC4 6 HOH I . ? HOH A 196 . ? 6_575 ? 
22 AC4 6 U   B 4 ? U   B 13  . ? 1_555 ? 
23 AC4 6 C   B 5 ? C   B 14  . ? 1_555 ? 
24 AC4 6 HOH J . ? HOH B 163 . ? 1_555 ? 
25 AC4 6 HOH J . ? HOH B 252 . ? 1_555 ? 
# 
_pdbx_validate_close_contact.id               1 
_pdbx_validate_close_contact.PDB_model_num    1 
_pdbx_validate_close_contact.auth_atom_id_1   O 
_pdbx_validate_close_contact.auth_asym_id_1   B 
_pdbx_validate_close_contact.auth_comp_id_1   HOH 
_pdbx_validate_close_contact.auth_seq_id_1    158 
_pdbx_validate_close_contact.PDB_ins_code_1   ? 
_pdbx_validate_close_contact.label_alt_id_1   ? 
_pdbx_validate_close_contact.auth_atom_id_2   O 
_pdbx_validate_close_contact.auth_asym_id_2   B 
_pdbx_validate_close_contact.auth_comp_id_2   HOH 
_pdbx_validate_close_contact.auth_seq_id_2    220 
_pdbx_validate_close_contact.PDB_ins_code_2   ? 
_pdbx_validate_close_contact.label_alt_id_2   ? 
_pdbx_validate_close_contact.dist             2.19 
# 
_pdbx_validate_planes.id              1 
_pdbx_validate_planes.PDB_model_num   1 
_pdbx_validate_planes.auth_comp_id    G 
_pdbx_validate_planes.auth_asym_id    A 
_pdbx_validate_planes.auth_seq_id     1 
_pdbx_validate_planes.PDB_ins_code    ? 
_pdbx_validate_planes.label_alt_id    ? 
_pdbx_validate_planes.rmsd            0.056 
_pdbx_validate_planes.type            'SIDE CHAIN' 
# 
loop_
_pdbx_struct_mod_residue.id 
_pdbx_struct_mod_residue.label_asym_id 
_pdbx_struct_mod_residue.label_comp_id 
_pdbx_struct_mod_residue.label_seq_id 
_pdbx_struct_mod_residue.auth_asym_id 
_pdbx_struct_mod_residue.auth_comp_id 
_pdbx_struct_mod_residue.auth_seq_id 
_pdbx_struct_mod_residue.PDB_ins_code 
_pdbx_struct_mod_residue.parent_comp_id 
_pdbx_struct_mod_residue.details 
1 A CBR 7 A CBR 7  ? DC ? 
2 B CBR 7 B CBR 16 ? DC ? 
3 C CBR 7 C CBR 25 ? DC ? 
4 D CBR 7 D CBR 34 ? DC ? 
# 
loop_
_chem_comp_atom.comp_id 
_chem_comp_atom.atom_id 
_chem_comp_atom.type_symbol 
_chem_comp_atom.pdbx_aromatic_flag 
_chem_comp_atom.pdbx_stereo_config 
_chem_comp_atom.pdbx_ordinal 
A   OP3    O  N N 1   
A   P      P  N N 2   
A   OP1    O  N N 3   
A   OP2    O  N N 4   
A   "O5'"  O  N N 5   
A   "C5'"  C  N N 6   
A   "C4'"  C  N R 7   
A   "O4'"  O  N N 8   
A   "C3'"  C  N S 9   
A   "O3'"  O  N N 10  
A   "C2'"  C  N R 11  
A   "O2'"  O  N N 12  
A   "C1'"  C  N R 13  
A   N9     N  Y N 14  
A   C8     C  Y N 15  
A   N7     N  Y N 16  
A   C5     C  Y N 17  
A   C6     C  Y N 18  
A   N6     N  N N 19  
A   N1     N  Y N 20  
A   C2     C  Y N 21  
A   N3     N  Y N 22  
A   C4     C  Y N 23  
A   HOP3   H  N N 24  
A   HOP2   H  N N 25  
A   "H5'"  H  N N 26  
A   "H5''" H  N N 27  
A   "H4'"  H  N N 28  
A   "H3'"  H  N N 29  
A   "HO3'" H  N N 30  
A   "H2'"  H  N N 31  
A   "HO2'" H  N N 32  
A   "H1'"  H  N N 33  
A   H8     H  N N 34  
A   H61    H  N N 35  
A   H62    H  N N 36  
A   H2     H  N N 37  
C   OP3    O  N N 38  
C   P      P  N N 39  
C   OP1    O  N N 40  
C   OP2    O  N N 41  
C   "O5'"  O  N N 42  
C   "C5'"  C  N N 43  
C   "C4'"  C  N R 44  
C   "O4'"  O  N N 45  
C   "C3'"  C  N S 46  
C   "O3'"  O  N N 47  
C   "C2'"  C  N R 48  
C   "O2'"  O  N N 49  
C   "C1'"  C  N R 50  
C   N1     N  N N 51  
C   C2     C  N N 52  
C   O2     O  N N 53  
C   N3     N  N N 54  
C   C4     C  N N 55  
C   N4     N  N N 56  
C   C5     C  N N 57  
C   C6     C  N N 58  
C   HOP3   H  N N 59  
C   HOP2   H  N N 60  
C   "H5'"  H  N N 61  
C   "H5''" H  N N 62  
C   "H4'"  H  N N 63  
C   "H3'"  H  N N 64  
C   "HO3'" H  N N 65  
C   "H2'"  H  N N 66  
C   "HO2'" H  N N 67  
C   "H1'"  H  N N 68  
C   H41    H  N N 69  
C   H42    H  N N 70  
C   H5     H  N N 71  
C   H6     H  N N 72  
CA  CA     CA N N 73  
CBR BR     BR N N 74  
CBR P      P  N N 75  
CBR OP1    O  N N 76  
CBR OP2    O  N N 77  
CBR "O5'"  O  N N 78  
CBR N1     N  N N 79  
CBR C6     C  N N 80  
CBR C2     C  N N 81  
CBR O2     O  N N 82  
CBR N3     N  N N 83  
CBR C4     C  N N 84  
CBR N4     N  N N 85  
CBR C5     C  N N 86  
CBR "C2'"  C  N N 87  
CBR "C5'"  C  N N 88  
CBR "C4'"  C  N R 89  
CBR "O4'"  O  N N 90  
CBR "C1'"  C  N R 91  
CBR "C3'"  C  N S 92  
CBR "O3'"  O  N N 93  
CBR OP3    O  N N 94  
CBR HOP2   H  N N 95  
CBR H6     H  N N 96  
CBR H41    H  N N 97  
CBR H42    H  N N 98  
CBR "H2'"  H  N N 99  
CBR "H2''" H  N N 100 
CBR "H5'"  H  N N 101 
CBR "H5''" H  N N 102 
CBR "H4'"  H  N N 103 
CBR "H1'"  H  N N 104 
CBR "H3'"  H  N N 105 
CBR "HO3'" H  N N 106 
CBR HOP3   H  N N 107 
G   OP3    O  N N 108 
G   P      P  N N 109 
G   OP1    O  N N 110 
G   OP2    O  N N 111 
G   "O5'"  O  N N 112 
G   "C5'"  C  N N 113 
G   "C4'"  C  N R 114 
G   "O4'"  O  N N 115 
G   "C3'"  C  N S 116 
G   "O3'"  O  N N 117 
G   "C2'"  C  N R 118 
G   "O2'"  O  N N 119 
G   "C1'"  C  N R 120 
G   N9     N  Y N 121 
G   C8     C  Y N 122 
G   N7     N  Y N 123 
G   C5     C  Y N 124 
G   C6     C  N N 125 
G   O6     O  N N 126 
G   N1     N  N N 127 
G   C2     C  N N 128 
G   N2     N  N N 129 
G   N3     N  N N 130 
G   C4     C  Y N 131 
G   HOP3   H  N N 132 
G   HOP2   H  N N 133 
G   "H5'"  H  N N 134 
G   "H5''" H  N N 135 
G   "H4'"  H  N N 136 
G   "H3'"  H  N N 137 
G   "HO3'" H  N N 138 
G   "H2'"  H  N N 139 
G   "HO2'" H  N N 140 
G   "H1'"  H  N N 141 
G   H8     H  N N 142 
G   H1     H  N N 143 
G   H21    H  N N 144 
G   H22    H  N N 145 
HOH O      O  N N 146 
HOH H1     H  N N 147 
HOH H2     H  N N 148 
U   OP3    O  N N 149 
U   P      P  N N 150 
U   OP1    O  N N 151 
U   OP2    O  N N 152 
U   "O5'"  O  N N 153 
U   "C5'"  C  N N 154 
U   "C4'"  C  N R 155 
U   "O4'"  O  N N 156 
U   "C3'"  C  N S 157 
U   "O3'"  O  N N 158 
U   "C2'"  C  N R 159 
U   "O2'"  O  N N 160 
U   "C1'"  C  N R 161 
U   N1     N  N N 162 
U   C2     C  N N 163 
U   O2     O  N N 164 
U   N3     N  N N 165 
U   C4     C  N N 166 
U   O4     O  N N 167 
U   C5     C  N N 168 
U   C6     C  N N 169 
U   HOP3   H  N N 170 
U   HOP2   H  N N 171 
U   "H5'"  H  N N 172 
U   "H5''" H  N N 173 
U   "H4'"  H  N N 174 
U   "H3'"  H  N N 175 
U   "HO3'" H  N N 176 
U   "H2'"  H  N N 177 
U   "HO2'" H  N N 178 
U   "H1'"  H  N N 179 
U   H3     H  N N 180 
U   H5     H  N N 181 
U   H6     H  N N 182 
# 
loop_
_chem_comp_bond.comp_id 
_chem_comp_bond.atom_id_1 
_chem_comp_bond.atom_id_2 
_chem_comp_bond.value_order 
_chem_comp_bond.pdbx_aromatic_flag 
_chem_comp_bond.pdbx_stereo_config 
_chem_comp_bond.pdbx_ordinal 
A   OP3   P      sing N N 1   
A   OP3   HOP3   sing N N 2   
A   P     OP1    doub N N 3   
A   P     OP2    sing N N 4   
A   P     "O5'"  sing N N 5   
A   OP2   HOP2   sing N N 6   
A   "O5'" "C5'"  sing N N 7   
A   "C5'" "C4'"  sing N N 8   
A   "C5'" "H5'"  sing N N 9   
A   "C5'" "H5''" sing N N 10  
A   "C4'" "O4'"  sing N N 11  
A   "C4'" "C3'"  sing N N 12  
A   "C4'" "H4'"  sing N N 13  
A   "O4'" "C1'"  sing N N 14  
A   "C3'" "O3'"  sing N N 15  
A   "C3'" "C2'"  sing N N 16  
A   "C3'" "H3'"  sing N N 17  
A   "O3'" "HO3'" sing N N 18  
A   "C2'" "O2'"  sing N N 19  
A   "C2'" "C1'"  sing N N 20  
A   "C2'" "H2'"  sing N N 21  
A   "O2'" "HO2'" sing N N 22  
A   "C1'" N9     sing N N 23  
A   "C1'" "H1'"  sing N N 24  
A   N9    C8     sing Y N 25  
A   N9    C4     sing Y N 26  
A   C8    N7     doub Y N 27  
A   C8    H8     sing N N 28  
A   N7    C5     sing Y N 29  
A   C5    C6     sing Y N 30  
A   C5    C4     doub Y N 31  
A   C6    N6     sing N N 32  
A   C6    N1     doub Y N 33  
A   N6    H61    sing N N 34  
A   N6    H62    sing N N 35  
A   N1    C2     sing Y N 36  
A   C2    N3     doub Y N 37  
A   C2    H2     sing N N 38  
A   N3    C4     sing Y N 39  
C   OP3   P      sing N N 40  
C   OP3   HOP3   sing N N 41  
C   P     OP1    doub N N 42  
C   P     OP2    sing N N 43  
C   P     "O5'"  sing N N 44  
C   OP2   HOP2   sing N N 45  
C   "O5'" "C5'"  sing N N 46  
C   "C5'" "C4'"  sing N N 47  
C   "C5'" "H5'"  sing N N 48  
C   "C5'" "H5''" sing N N 49  
C   "C4'" "O4'"  sing N N 50  
C   "C4'" "C3'"  sing N N 51  
C   "C4'" "H4'"  sing N N 52  
C   "O4'" "C1'"  sing N N 53  
C   "C3'" "O3'"  sing N N 54  
C   "C3'" "C2'"  sing N N 55  
C   "C3'" "H3'"  sing N N 56  
C   "O3'" "HO3'" sing N N 57  
C   "C2'" "O2'"  sing N N 58  
C   "C2'" "C1'"  sing N N 59  
C   "C2'" "H2'"  sing N N 60  
C   "O2'" "HO2'" sing N N 61  
C   "C1'" N1     sing N N 62  
C   "C1'" "H1'"  sing N N 63  
C   N1    C2     sing N N 64  
C   N1    C6     sing N N 65  
C   C2    O2     doub N N 66  
C   C2    N3     sing N N 67  
C   N3    C4     doub N N 68  
C   C4    N4     sing N N 69  
C   C4    C5     sing N N 70  
C   N4    H41    sing N N 71  
C   N4    H42    sing N N 72  
C   C5    C6     doub N N 73  
C   C5    H5     sing N N 74  
C   C6    H6     sing N N 75  
CBR BR    C5     sing N N 76  
CBR P     OP1    doub N N 77  
CBR P     OP2    sing N N 78  
CBR P     "O5'"  sing N N 79  
CBR P     OP3    sing N N 80  
CBR OP2   HOP2   sing N N 81  
CBR "O5'" "C5'"  sing N N 82  
CBR N1    C6     sing N N 83  
CBR N1    C2     sing N N 84  
CBR N1    "C1'"  sing N N 85  
CBR C6    C5     doub N N 86  
CBR C6    H6     sing N N 87  
CBR C2    O2     doub N N 88  
CBR C2    N3     sing N N 89  
CBR N3    C4     doub N N 90  
CBR C4    N4     sing N N 91  
CBR C4    C5     sing N N 92  
CBR N4    H41    sing N N 93  
CBR N4    H42    sing N N 94  
CBR "C2'" "C1'"  sing N N 95  
CBR "C2'" "C3'"  sing N N 96  
CBR "C2'" "H2'"  sing N N 97  
CBR "C2'" "H2''" sing N N 98  
CBR "C5'" "C4'"  sing N N 99  
CBR "C5'" "H5'"  sing N N 100 
CBR "C5'" "H5''" sing N N 101 
CBR "C4'" "O4'"  sing N N 102 
CBR "C4'" "C3'"  sing N N 103 
CBR "C4'" "H4'"  sing N N 104 
CBR "O4'" "C1'"  sing N N 105 
CBR "C1'" "H1'"  sing N N 106 
CBR "C3'" "O3'"  sing N N 107 
CBR "C3'" "H3'"  sing N N 108 
CBR "O3'" "HO3'" sing N N 109 
CBR OP3   HOP3   sing N N 110 
G   OP3   P      sing N N 111 
G   OP3   HOP3   sing N N 112 
G   P     OP1    doub N N 113 
G   P     OP2    sing N N 114 
G   P     "O5'"  sing N N 115 
G   OP2   HOP2   sing N N 116 
G   "O5'" "C5'"  sing N N 117 
G   "C5'" "C4'"  sing N N 118 
G   "C5'" "H5'"  sing N N 119 
G   "C5'" "H5''" sing N N 120 
G   "C4'" "O4'"  sing N N 121 
G   "C4'" "C3'"  sing N N 122 
G   "C4'" "H4'"  sing N N 123 
G   "O4'" "C1'"  sing N N 124 
G   "C3'" "O3'"  sing N N 125 
G   "C3'" "C2'"  sing N N 126 
G   "C3'" "H3'"  sing N N 127 
G   "O3'" "HO3'" sing N N 128 
G   "C2'" "O2'"  sing N N 129 
G   "C2'" "C1'"  sing N N 130 
G   "C2'" "H2'"  sing N N 131 
G   "O2'" "HO2'" sing N N 132 
G   "C1'" N9     sing N N 133 
G   "C1'" "H1'"  sing N N 134 
G   N9    C8     sing Y N 135 
G   N9    C4     sing Y N 136 
G   C8    N7     doub Y N 137 
G   C8    H8     sing N N 138 
G   N7    C5     sing Y N 139 
G   C5    C6     sing N N 140 
G   C5    C4     doub Y N 141 
G   C6    O6     doub N N 142 
G   C6    N1     sing N N 143 
G   N1    C2     sing N N 144 
G   N1    H1     sing N N 145 
G   C2    N2     sing N N 146 
G   C2    N3     doub N N 147 
G   N2    H21    sing N N 148 
G   N2    H22    sing N N 149 
G   N3    C4     sing N N 150 
HOH O     H1     sing N N 151 
HOH O     H2     sing N N 152 
U   OP3   P      sing N N 153 
U   OP3   HOP3   sing N N 154 
U   P     OP1    doub N N 155 
U   P     OP2    sing N N 156 
U   P     "O5'"  sing N N 157 
U   OP2   HOP2   sing N N 158 
U   "O5'" "C5'"  sing N N 159 
U   "C5'" "C4'"  sing N N 160 
U   "C5'" "H5'"  sing N N 161 
U   "C5'" "H5''" sing N N 162 
U   "C4'" "O4'"  sing N N 163 
U   "C4'" "C3'"  sing N N 164 
U   "C4'" "H4'"  sing N N 165 
U   "O4'" "C1'"  sing N N 166 
U   "C3'" "O3'"  sing N N 167 
U   "C3'" "C2'"  sing N N 168 
U   "C3'" "H3'"  sing N N 169 
U   "O3'" "HO3'" sing N N 170 
U   "C2'" "O2'"  sing N N 171 
U   "C2'" "C1'"  sing N N 172 
U   "C2'" "H2'"  sing N N 173 
U   "O2'" "HO2'" sing N N 174 
U   "C1'" N1     sing N N 175 
U   "C1'" "H1'"  sing N N 176 
U   N1    C2     sing N N 177 
U   N1    C6     sing N N 178 
U   C2    O2     doub N N 179 
U   C2    N3     sing N N 180 
U   N3    C4     sing N N 181 
U   N3    H3     sing N N 182 
U   C4    O4     doub N N 183 
U   C4    C5     sing N N 184 
U   C5    C6     doub N N 185 
U   C5    H5     sing N N 186 
U   C6    H6     sing N N 187 
# 
loop_
_ndb_struct_conf_na.entry_id 
_ndb_struct_conf_na.feature 
1J9H 'a-form double helix' 
1J9H 'bulge loop'          
# 
loop_
_ndb_struct_na_base_pair.model_number 
_ndb_struct_na_base_pair.i_label_asym_id 
_ndb_struct_na_base_pair.i_label_comp_id 
_ndb_struct_na_base_pair.i_label_seq_id 
_ndb_struct_na_base_pair.i_symmetry 
_ndb_struct_na_base_pair.j_label_asym_id 
_ndb_struct_na_base_pair.j_label_comp_id 
_ndb_struct_na_base_pair.j_label_seq_id 
_ndb_struct_na_base_pair.j_symmetry 
_ndb_struct_na_base_pair.shear 
_ndb_struct_na_base_pair.stretch 
_ndb_struct_na_base_pair.stagger 
_ndb_struct_na_base_pair.buckle 
_ndb_struct_na_base_pair.propeller 
_ndb_struct_na_base_pair.opening 
_ndb_struct_na_base_pair.pair_number 
_ndb_struct_na_base_pair.pair_name 
_ndb_struct_na_base_pair.i_auth_asym_id 
_ndb_struct_na_base_pair.i_auth_seq_id 
_ndb_struct_na_base_pair.i_PDB_ins_code 
_ndb_struct_na_base_pair.j_auth_asym_id 
_ndb_struct_na_base_pair.j_auth_seq_id 
_ndb_struct_na_base_pair.j_PDB_ins_code 
_ndb_struct_na_base_pair.hbond_type_28 
_ndb_struct_na_base_pair.hbond_type_12 
1 A G   1 1_555 B C   9 1_555 -0.265 -0.184 0.434  6.645   -19.030 -0.714 1  A_G1:C18_B    A 1  ? B 18 ? 19 1 
1 A U   2 1_555 B A   8 1_555 0.082  -0.113 0.298  8.761   -22.781 7.947  2  A_U2:A17_B    A 2  ? B 17 ? 20 1 
1 A G   3 1_555 B CBR 7 1_555 -0.154 -0.134 -0.039 -0.333  -9.006  -2.129 3  A_G3:CBR16_B  A 3  ? B 16 ? 19 1 
1 A C   5 1_555 B G   6 1_555 0.169  -0.105 -0.183 1.786   -2.125  1.796  4  A_C5:G15_B    A 5  ? B 15 ? 19 1 
1 A G   6 1_555 B C   5 1_555 -0.142 -0.101 -0.096 0.179   -0.294  1.612  5  A_G6:C14_B    A 6  ? B 14 ? 19 1 
1 A CBR 7 1_555 B G   3 1_555 0.089  -0.130 0.116  -2.586  -9.927  -2.170 6  A_CBR7:G12_B  A 7  ? B 12 ? 19 1 
1 A A   8 1_555 B U   2 1_555 -0.107 -0.140 0.105  -11.305 -24.032 6.958  7  A_A8:U11_B    A 8  ? B 11 ? 20 1 
1 A C   9 1_555 B G   1 1_555 0.247  -0.241 0.439  -7.910  -18.282 -1.580 8  A_C9:G10_B    A 9  ? B 10 ? 19 1 
1 C G   1 1_555 D C   9 1_555 -0.188 -0.180 0.484  9.382   -17.250 -1.656 9  C_G19:C36_D   C 19 ? D 36 ? 19 1 
1 C U   2 1_555 D A   8 1_555 0.157  -0.118 0.125  9.619   -21.615 7.074  10 C_U20:A35_D   C 20 ? D 35 ? 20 1 
1 C G   3 1_555 D CBR 7 1_555 -0.076 -0.142 -0.021 1.145   -11.652 -2.016 11 C_G21:CBR34_D C 21 ? D 34 ? 19 1 
1 C C   5 1_555 D G   6 1_555 0.131  -0.087 -0.104 -2.503  1.546   0.965  12 C_C23:G33_D   C 23 ? D 33 ? 19 1 
1 C G   6 1_555 D C   5 1_555 -0.158 -0.072 -0.117 0.469   0.239   1.122  13 C_G24:C32_D   C 24 ? D 32 ? 19 1 
1 C CBR 7 1_555 D G   3 1_555 0.113  -0.149 -0.064 1.608   -10.571 -1.902 14 C_CBR25:G30_D C 25 ? D 30 ? 19 1 
1 C A   8 1_555 D U   2 1_555 -0.175 -0.117 0.185  -9.582  -23.447 10.101 15 C_A26:U29_D   C 26 ? D 29 ? 20 1 
1 C C   9 1_555 D G   1 1_555 0.262  -0.177 0.309  -6.016  -19.520 1.140  16 C_C27:G28_D   C 27 ? D 28 ? 19 1 
# 
loop_
_ndb_struct_na_base_pair_step.model_number 
_ndb_struct_na_base_pair_step.i_label_asym_id_1 
_ndb_struct_na_base_pair_step.i_label_comp_id_1 
_ndb_struct_na_base_pair_step.i_label_seq_id_1 
_ndb_struct_na_base_pair_step.i_symmetry_1 
_ndb_struct_na_base_pair_step.j_label_asym_id_1 
_ndb_struct_na_base_pair_step.j_label_comp_id_1 
_ndb_struct_na_base_pair_step.j_label_seq_id_1 
_ndb_struct_na_base_pair_step.j_symmetry_1 
_ndb_struct_na_base_pair_step.i_label_asym_id_2 
_ndb_struct_na_base_pair_step.i_label_comp_id_2 
_ndb_struct_na_base_pair_step.i_label_seq_id_2 
_ndb_struct_na_base_pair_step.i_symmetry_2 
_ndb_struct_na_base_pair_step.j_label_asym_id_2 
_ndb_struct_na_base_pair_step.j_label_comp_id_2 
_ndb_struct_na_base_pair_step.j_label_seq_id_2 
_ndb_struct_na_base_pair_step.j_symmetry_2 
_ndb_struct_na_base_pair_step.shift 
_ndb_struct_na_base_pair_step.slide 
_ndb_struct_na_base_pair_step.rise 
_ndb_struct_na_base_pair_step.tilt 
_ndb_struct_na_base_pair_step.roll 
_ndb_struct_na_base_pair_step.twist 
_ndb_struct_na_base_pair_step.x_displacement 
_ndb_struct_na_base_pair_step.y_displacement 
_ndb_struct_na_base_pair_step.helical_rise 
_ndb_struct_na_base_pair_step.inclination 
_ndb_struct_na_base_pair_step.tip 
_ndb_struct_na_base_pair_step.helical_twist 
_ndb_struct_na_base_pair_step.step_number 
_ndb_struct_na_base_pair_step.step_name 
_ndb_struct_na_base_pair_step.i_auth_asym_id_1 
_ndb_struct_na_base_pair_step.i_auth_seq_id_1 
_ndb_struct_na_base_pair_step.i_PDB_ins_code_1 
_ndb_struct_na_base_pair_step.j_auth_asym_id_1 
_ndb_struct_na_base_pair_step.j_auth_seq_id_1 
_ndb_struct_na_base_pair_step.j_PDB_ins_code_1 
_ndb_struct_na_base_pair_step.i_auth_asym_id_2 
_ndb_struct_na_base_pair_step.i_auth_seq_id_2 
_ndb_struct_na_base_pair_step.i_PDB_ins_code_2 
_ndb_struct_na_base_pair_step.j_auth_asym_id_2 
_ndb_struct_na_base_pair_step.j_auth_seq_id_2 
_ndb_struct_na_base_pair_step.j_PDB_ins_code_2 
1 A G   1 1_555 B C   9 1_555 A U   2 1_555 B A   8 1_555 0.342  -1.015 3.218 -0.520 4.370  33.972 -2.386 -0.660 3.063 7.440  
0.885  34.248 1  AA_G1U2:A17C18_BB     A 1  ? B 18 ? A 2  ? B 17 ? 
1 A U   2 1_555 B A   8 1_555 A G   3 1_555 B CBR 7 1_555 -0.366 -1.490 3.218 1.405  17.635 33.837 -4.255 0.718  2.188 28.047 
-2.235 38.063 2  AA_U2G3:CBR16A17_BB   A 2  ? B 17 ? A 3  ? B 16 ? 
1 A G   3 1_555 B CBR 7 1_555 A C   5 1_555 B G   6 1_555 -2.025 -1.131 3.027 -2.523 6.048  51.032 -1.685 2.175  2.974 6.987  
2.914  51.423 3  AA_G3C5:G15CBR16_BB   A 3  ? B 16 ? A 5  ? B 15 ? 
1 A C   5 1_555 B G   6 1_555 A G   6 1_555 B C   5 1_555 -0.146 -2.088 3.460 -0.771 1.331  28.317 -4.582 0.112  3.363 2.718  
1.575  28.358 4  AA_C5G6:C14G15_BB     A 5  ? B 15 ? A 6  ? B 14 ? 
1 A G   6 1_555 B C   5 1_555 A CBR 7 1_555 B G   3 1_555 2.070  -1.211 3.057 3.040  8.965  50.675 -1.958 -2.191 2.929 10.371 
-3.517 51.494 5  AA_G6CBR7:G12C14_BB   A 6  ? B 14 ? A 7  ? B 12 ? 
1 A CBR 7 1_555 B G   3 1_555 A A   8 1_555 B U   2 1_555 0.498  -1.490 3.269 1.632  18.527 32.860 -4.463 -0.583 2.174 29.952 
-2.639 37.632 6  AA_CBR7A8:U11G12_BB   A 7  ? B 12 ? A 8  ? B 11 ? 
1 A A   8 1_555 B U   2 1_555 A C   9 1_555 B G   1 1_555 -0.224 -1.226 3.190 -0.951 4.471  33.143 -2.833 0.240  3.009 7.792  
1.657  33.448 7  AA_A8C9:G10U11_BB     A 8  ? B 11 ? A 9  ? B 10 ? 
1 C G   1 1_555 D C   9 1_555 C U   2 1_555 D A   8 1_555 0.441  -1.352 3.281 0.976  3.504  33.541 -2.889 -0.604 3.139 6.049  
-1.685 33.732 8  CC_G19U20:A35C36_DD   C 19 ? D 36 ? C 20 ? D 35 ? 
1 C U   2 1_555 D A   8 1_555 C G   3 1_555 D CBR 7 1_555 -0.675 -1.558 3.261 -0.766 18.163 32.766 -4.557 0.965  2.150 29.536 
1.246  37.349 9  CC_U20G21:CBR34A35_DD C 20 ? D 35 ? C 21 ? D 34 ? 
1 C G   3 1_555 D CBR 7 1_555 C C   5 1_555 D G   6 1_555 -2.192 -1.209 3.172 -3.767 9.639  50.233 -2.038 2.285  3.053 11.217 
4.384  51.220 10 CC_G21C23:G33CBR34_DD C 21 ? D 34 ? C 23 ? D 33 ? 
1 C C   5 1_555 D G   6 1_555 C G   6 1_555 D C   5 1_555 0.023  -2.060 3.366 0.916  1.537  27.672 -4.674 0.175  3.248 3.210  
-1.913 27.728 11 CC_C23G24:C32G33_DD   C 23 ? D 33 ? C 24 ? D 32 ? 
1 C G   6 1_555 D C   5 1_555 C CBR 7 1_555 D G   3 1_555 2.223  -1.259 3.070 3.031  8.337  49.575 -2.035 -2.413 2.958 9.851  
-3.582 50.313 12 CC_G24CBR25:G30C32_DD C 24 ? D 32 ? C 25 ? D 30 ? 
1 C CBR 7 1_555 D G   3 1_555 C A   8 1_555 D U   2 1_555 0.486  -1.536 3.337 -0.804 17.276 32.270 -4.627 -0.878 2.243 28.659 
1.334  36.503 13 CC_CBR25A26:U29G30_DD C 25 ? D 30 ? C 26 ? D 29 ? 
1 C A   8 1_555 D U   2 1_555 C C   9 1_555 D G   1 1_555 -0.603 -1.170 3.130 0.070  5.714  33.998 -2.799 1.029  2.900 9.687  
-0.119 34.461 14 CC_A26C27:G28U29_DD   C 26 ? D 29 ? C 27 ? D 28 ? 
# 
_atom_sites.entry_id                    1J9H 
_atom_sites.fract_transf_matrix[1][1]   0.00577090 
_atom_sites.fract_transf_matrix[1][2]   -0.01523510 
_atom_sites.fract_transf_matrix[1][3]   0.01355790 
_atom_sites.fract_transf_matrix[2][1]   0.00182420 
_atom_sites.fract_transf_matrix[2][2]   -0.01364815 
_atom_sites.fract_transf_matrix[2][3]   -0.01611298 
_atom_sites.fract_transf_matrix[3][1]   0.01197378 
_atom_sites.fract_transf_matrix[3][2]   0.00327401 
_atom_sites.fract_transf_matrix[3][3]   -0.00141759 
_atom_sites.fract_transf_vector[1]      0.838042 
_atom_sites.fract_transf_vector[2]      0.606194 
_atom_sites.fract_transf_vector[3]      0.378496 
# 
loop_
_atom_type.symbol 
BR 
C  
CA 
N  
O  
P  
# 
loop_
_atom_site.group_PDB 
_atom_site.id 
_atom_site.type_symbol 
_atom_site.label_atom_id 
_atom_site.label_alt_id 
_atom_site.label_comp_id 
_atom_site.label_asym_id 
_atom_site.label_entity_id 
_atom_site.label_seq_id 
_atom_site.pdbx_PDB_ins_code 
_atom_site.Cartn_x 
_atom_site.Cartn_y 
_atom_site.Cartn_z 
_atom_site.occupancy 
_atom_site.B_iso_or_equiv 
_atom_site.pdbx_formal_charge 
_atom_site.auth_seq_id 
_atom_site.auth_comp_id 
_atom_site.auth_asym_id 
_atom_site.auth_atom_id 
_atom_site.pdbx_PDB_model_num 
ATOM   1   O  "O5'" . G   A 1 1 ? -17.445 -6.283  -5.911  1.00 21.94 ? 1   G   A "O5'" 1 
ATOM   2   C  "C5'" . G   A 1 1 ? -18.235 -5.176  -6.347  1.00 21.21 ? 1   G   A "C5'" 1 
ATOM   3   C  "C4'" . G   A 1 1 ? -18.429 -4.166  -5.253  1.00 17.30 ? 1   G   A "C4'" 1 
ATOM   4   O  "O4'" . G   A 1 1 ? -19.328 -4.673  -4.223  1.00 17.84 ? 1   G   A "O4'" 1 
ATOM   5   C  "C3'" . G   A 1 1 ? -17.166 -3.761  -4.512  1.00 14.88 ? 1   G   A "C3'" 1 
ATOM   6   O  "O3'" . G   A 1 1 ? -16.473 -2.759  -5.271  1.00 14.91 ? 1   G   A "O3'" 1 
ATOM   7   C  "C2'" . G   A 1 1 ? -17.749 -3.196  -3.215  1.00 14.30 ? 1   G   A "C2'" 1 
ATOM   8   O  "O2'" . G   A 1 1 ? -18.329 -1.912  -3.450  1.00 14.81 ? 1   G   A "O2'" 1 
ATOM   9   C  "C1'" . G   A 1 1 ? -18.886 -4.196  -2.951  1.00 14.28 ? 1   G   A "C1'" 1 
ATOM   10  N  N9    . G   A 1 1 ? -18.481 -5.355  -2.159  1.00 13.53 ? 1   G   A N9    1 
ATOM   11  C  C8    . G   A 1 1 ? -18.381 -6.658  -2.601  1.00 13.18 ? 1   G   A C8    1 
ATOM   12  N  N7    . G   A 1 1 ? -18.098 -7.509  -1.641  1.00 12.64 ? 1   G   A N7    1 
ATOM   13  C  C5    . G   A 1 1 ? -17.972 -6.709  -0.505  1.00 12.98 ? 1   G   A C5    1 
ATOM   14  C  C6    . G   A 1 1 ? -17.713 -7.061  0.845   1.00 12.71 ? 1   G   A C6    1 
ATOM   15  O  O6    . G   A 1 1 ? -17.572 -8.184  1.332   1.00 12.12 ? 1   G   A O6    1 
ATOM   16  N  N1    . G   A 1 1 ? -17.662 -5.937  1.680   1.00 11.96 ? 1   G   A N1    1 
ATOM   17  C  C2    . G   A 1 1 ? -17.840 -4.651  1.274   1.00 11.19 ? 1   G   A C2    1 
ATOM   18  N  N2    . G   A 1 1 ? -17.676 -3.715  2.218   1.00 12.30 ? 1   G   A N2    1 
ATOM   19  N  N3    . G   A 1 1 ? -18.130 -4.304  0.025   1.00 10.99 ? 1   G   A N3    1 
ATOM   20  C  C4    . G   A 1 1 ? -18.176 -5.377  -0.809  1.00 11.14 ? 1   G   A C4    1 
ATOM   21  P  P     . U   A 1 2 ? -14.922 -2.883  -5.540  1.00 15.64 ? 2   U   A P     1 
ATOM   22  O  OP1   . U   A 1 2 ? -14.608 -1.858  -6.626  1.00 16.22 ? 2   U   A OP1   1 
ATOM   23  O  OP2   . U   A 1 2 ? -14.479 -4.292  -5.708  1.00 19.00 ? 2   U   A OP2   1 
ATOM   24  O  "O5'" . U   A 1 2 ? -14.252 -2.419  -4.168  1.00 14.70 ? 2   U   A "O5'" 1 
ATOM   25  C  "C5'" . U   A 1 2 ? -14.485 -1.121  -3.676  1.00 13.94 ? 2   U   A "C5'" 1 
ATOM   26  C  "C4'" . U   A 1 2 ? -14.279 -1.101  -2.181  1.00 12.86 ? 2   U   A "C4'" 1 
ATOM   27  O  "O4'" . U   A 1 2 ? -15.233 -1.995  -1.562  1.00 14.40 ? 2   U   A "O4'" 1 
ATOM   28  C  "C3'" . U   A 1 2 ? -12.921 -1.628  -1.718  1.00 14.77 ? 2   U   A "C3'" 1 
ATOM   29  O  "O3'" . U   A 1 2 ? -11.929 -0.605  -1.803  1.00 17.24 ? 2   U   A "O3'" 1 
ATOM   30  C  "C2'" . U   A 1 2 ? -13.216 -1.968  -0.269  1.00 13.44 ? 2   U   A "C2'" 1 
ATOM   31  O  "O2'" . U   A 1 2 ? -13.352 -0.789  0.509   1.00 16.26 ? 2   U   A "O2'" 1 
ATOM   32  C  "C1'" . U   A 1 2 ? -14.618 -2.555  -0.389  1.00 14.43 ? 2   U   A "C1'" 1 
ATOM   33  N  N1    . U   A 1 2 ? -14.565 -4.012  -0.504  1.00 13.03 ? 2   U   A N1    1 
ATOM   34  C  C2    . U   A 1 2 ? -14.415 -4.722  0.685   1.00 13.47 ? 2   U   A C2    1 
ATOM   35  O  O2    . U   A 1 2 ? -14.275 -4.180  1.763   1.00 17.49 ? 2   U   A O2    1 
ATOM   36  N  N3    . U   A 1 2 ? -14.460 -6.075  0.555   1.00 14.77 ? 2   U   A N3    1 
ATOM   37  C  C4    . U   A 1 2 ? -14.603 -6.802  -0.619  1.00 13.90 ? 2   U   A C4    1 
ATOM   38  O  O4    . U   A 1 2 ? -14.720 -8.038  -0.560  1.00 15.54 ? 2   U   A O4    1 
ATOM   39  C  C5    . U   A 1 2 ? -14.693 -5.999  -1.807  1.00 13.08 ? 2   U   A C5    1 
ATOM   40  C  C6    . U   A 1 2 ? -14.681 -4.677  -1.715  1.00 13.35 ? 2   U   A C6    1 
ATOM   41  P  P     . G   A 1 3 ? -10.391 -0.978  -2.083  1.00 18.89 ? 3   G   A P     1 
ATOM   42  O  OP1   . G   A 1 3 ? -9.637  0.274   -2.402  1.00 20.98 ? 3   G   A OP1   1 
ATOM   43  O  OP2   . G   A 1 3 ? -10.293 -2.152  -3.003  1.00 20.41 ? 3   G   A OP2   1 
ATOM   44  O  "O5'" . G   A 1 3 ? -9.859  -1.498  -0.655  1.00 14.75 ? 3   G   A "O5'" 1 
ATOM   45  C  "C5'" . G   A 1 3 ? -9.922  -0.694  0.552   1.00 14.02 ? 3   G   A "C5'" 1 
ATOM   46  C  "C4'" . G   A 1 3 ? -9.419  -1.517  1.735   1.00 14.20 ? 3   G   A "C4'" 1 
ATOM   47  O  "O4'" . G   A 1 3 ? -10.257 -2.680  1.861   1.00 15.03 ? 3   G   A "O4'" 1 
ATOM   48  C  "C3'" . G   A 1 3 ? -7.984  -2.009  1.535   1.00 15.35 ? 3   G   A "C3'" 1 
ATOM   49  O  "O3'" . G   A 1 3 ? -7.288  -2.052  2.791   1.00 15.10 ? 3   G   A "O3'" 1 
ATOM   50  C  "C2'" . G   A 1 3 ? -8.151  -3.488  1.204   1.00 14.61 ? 3   G   A "C2'" 1 
ATOM   51  O  "O2'" . G   A 1 3 ? -7.091  -4.374  1.451   1.00 14.41 ? 3   G   A "O2'" 1 
ATOM   52  C  "C1'" . G   A 1 3 ? -9.449  -3.823  1.953   1.00 11.63 ? 3   G   A "C1'" 1 
ATOM   53  N  N9    . G   A 1 3 ? -10.158 -4.945  1.353   1.00 12.77 ? 3   G   A N9    1 
ATOM   54  C  C8    . G   A 1 3 ? -10.778 -5.013  0.125   1.00 11.78 ? 3   G   A C8    1 
ATOM   55  N  N7    . G   A 1 3 ? -11.305 -6.186  -0.101  1.00 12.26 ? 3   G   A N7    1 
ATOM   56  C  C5    . G   A 1 3 ? -11.008 -6.927  1.035   1.00 11.13 ? 3   G   A C5    1 
ATOM   57  C  C6    . G   A 1 3 ? -11.325 -8.263  1.358   1.00 13.51 ? 3   G   A C6    1 
ATOM   58  O  O6    . G   A 1 3 ? -11.932 -9.072  0.682   1.00 12.72 ? 3   G   A O6    1 
ATOM   59  N  N1    . G   A 1 3 ? -10.874 -8.628  2.622   1.00 10.73 ? 3   G   A N1    1 
ATOM   60  C  C2    . G   A 1 3 ? -10.187 -7.789  3.476   1.00 11.11 ? 3   G   A C2    1 
ATOM   61  N  N2    . G   A 1 3 ? -9.849  -8.336  4.672   1.00 12.62 ? 3   G   A N2    1 
ATOM   62  N  N3    . G   A 1 3 ? -9.870  -6.527  3.169   1.00 11.91 ? 3   G   A N3    1 
ATOM   63  C  C4    . G   A 1 3 ? -10.314 -6.171  1.944   1.00 10.55 ? 3   G   A C4    1 
ATOM   64  P  P     . U   A 1 4 ? -6.586  -0.736  3.442   1.00 15.96 ? 4   U   A P     1 
ATOM   65  O  OP1   . U   A 1 4 ? -7.291  0.474   2.947   1.00 18.60 ? 4   U   A OP1   1 
ATOM   66  O  OP2   . U   A 1 4 ? -5.127  -0.868  3.175   1.00 20.11 ? 4   U   A OP2   1 
ATOM   67  O  "O5'" . U   A 1 4 ? -6.850  -0.978  4.994   1.00 15.48 ? 4   U   A "O5'" 1 
ATOM   68  C  "C5'" . U   A 1 4 ? -5.804  -1.300  5.909   1.00 16.20 ? 4   U   A "C5'" 1 
ATOM   69  C  "C4'" . U   A 1 4 ? -6.032  -2.660  6.521   1.00 15.40 ? 4   U   A "C4'" 1 
ATOM   70  O  "O4'" . U   A 1 4 ? -7.329  -2.713  7.145   1.00 14.30 ? 4   U   A "O4'" 1 
ATOM   71  C  "C3'" . U   A 1 4 ? -6.019  -3.807  5.528   1.00 15.37 ? 4   U   A "C3'" 1 
ATOM   72  O  "O3'" . U   A 1 4 ? -4.668  -4.222  5.457   1.00 15.96 ? 4   U   A "O3'" 1 
ATOM   73  C  "C2'" . U   A 1 4 ? -6.872  -4.859  6.228   1.00 14.28 ? 4   U   A "C2'" 1 
ATOM   74  O  "O2'" . U   A 1 4 ? -6.181  -5.614  7.182   1.00 14.31 ? 4   U   A "O2'" 1 
ATOM   75  C  "C1'" . U   A 1 4 ? -7.897  -4.003  6.975   1.00 13.74 ? 4   U   A "C1'" 1 
ATOM   76  N  N1    . U   A 1 4 ? -9.174  -3.853  6.265   1.00 13.34 ? 4   U   A N1    1 
ATOM   77  C  C2    . U   A 1 4 ? -10.047 -4.936  6.301   1.00 13.71 ? 4   U   A C2    1 
ATOM   78  O  O2    . U   A 1 4 ? -9.769  -6.010  6.798   1.00 14.66 ? 4   U   A O2    1 
ATOM   79  N  N3    . U   A 1 4 ? -11.254 -4.716  5.707   1.00 12.74 ? 4   U   A N3    1 
ATOM   80  C  C4    . U   A 1 4 ? -11.672 -3.568  5.059   1.00 12.38 ? 4   U   A C4    1 
ATOM   81  O  O4    . U   A 1 4 ? -12.819 -3.525  4.640   1.00 14.45 ? 4   U   A O4    1 
ATOM   82  C  C5    . U   A 1 4 ? -10.708 -2.497  5.014   1.00 12.43 ? 4   U   A C5    1 
ATOM   83  C  C6    . U   A 1 4 ? -9.512  -2.671  5.613   1.00 13.09 ? 4   U   A C6    1 
ATOM   84  P  P     . C   A 1 5 ? -3.910  -4.361  4.056   1.00 17.03 ? 5   C   A P     1 
ATOM   85  O  OP1   . C   A 1 5 ? -2.944  -3.225  3.981   1.00 16.97 ? 5   C   A OP1   1 
ATOM   86  O  OP2   . C   A 1 5 ? -4.859  -4.599  2.920   1.00 17.38 ? 5   C   A OP2   1 
ATOM   87  O  "O5'" . C   A 1 5 ? -3.155  -5.727  4.325   1.00 16.94 ? 5   C   A "O5'" 1 
ATOM   88  C  "C5'" . C   A 1 5 ? -2.438  -5.958  5.549   1.00 16.22 ? 5   C   A "C5'" 1 
ATOM   89  C  "C4'" . C   A 1 5 ? -2.740  -7.332  6.104   1.00 15.55 ? 5   C   A "C4'" 1 
ATOM   90  O  "O4'" . C   A 1 5 ? -4.165  -7.448  6.362   1.00 18.22 ? 5   C   A "O4'" 1 
ATOM   91  C  "C3'" . C   A 1 5 ? -2.450  -8.541  5.225   1.00 16.31 ? 5   C   A "C3'" 1 
ATOM   92  O  "O3'" . C   A 1 5 ? -1.100  -8.884  5.318   1.00 18.84 ? 5   C   A "O3'" 1 
ATOM   93  C  "C2'" . C   A 1 5 ? -3.336  -9.598  5.870   1.00 16.49 ? 5   C   A "C2'" 1 
ATOM   94  O  "O2'" . C   A 1 5 ? -2.825  -10.105 7.102   1.00 18.92 ? 5   C   A "O2'" 1 
ATOM   95  C  "C1'" . C   A 1 5 ? -4.609  -8.782  6.122   1.00 15.19 ? 5   C   A "C1'" 1 
ATOM   96  N  N1    . C   A 1 5 ? -5.516  -8.793  4.942   1.00 14.57 ? 5   C   A N1    1 
ATOM   97  C  C2    . C   A 1 5 ? -6.202  -9.985  4.633   1.00 14.92 ? 5   C   A C2    1 
ATOM   98  O  O2    . C   A 1 5 ? -6.059  -10.979 5.380   1.00 16.95 ? 5   C   A O2    1 
ATOM   99  N  N3    . C   A 1 5 ? -7.007  -10.022 3.526   1.00 13.28 ? 5   C   A N3    1 
ATOM   100 C  C4    . C   A 1 5 ? -7.118  -8.933  2.744   1.00 13.19 ? 5   C   A C4    1 
ATOM   101 N  N4    . C   A 1 5 ? -7.894  -9.002  1.627   1.00 12.45 ? 5   C   A N4    1 
ATOM   102 C  C5    . C   A 1 5 ? -6.441  -7.701  3.055   1.00 13.72 ? 5   C   A C5    1 
ATOM   103 C  C6    . C   A 1 5 ? -5.672  -7.677  4.149   1.00 14.07 ? 5   C   A C6    1 
ATOM   104 P  P     . G   A 1 6 ? -0.364  -9.623  4.079   1.00 17.07 ? 6   G   A P     1 
ATOM   105 O  OP1   . G   A 1 6 ? 1.072   -9.543  4.495   1.00 21.94 ? 6   G   A OP1   1 
ATOM   106 O  OP2   . G   A 1 6 ? -0.768  -9.110  2.755   1.00 18.44 ? 6   G   A OP2   1 
ATOM   107 O  "O5'" . G   A 1 6 ? -0.852  -11.123 4.186   1.00 16.32 ? 6   G   A "O5'" 1 
ATOM   108 C  "C5'" . G   A 1 6 ? -0.467  -11.949 5.289   1.00 15.03 ? 6   G   A "C5'" 1 
ATOM   109 C  "C4'" . G   A 1 6 ? -1.265  -13.232 5.282   1.00 16.60 ? 6   G   A "C4'" 1 
ATOM   110 O  "O4'" . G   A 1 6 ? -2.698  -12.963 5.256   1.00 19.80 ? 6   G   A "O4'" 1 
ATOM   111 C  "C3'" . G   A 1 6 ? -1.053  -14.061 4.033   1.00 16.56 ? 6   G   A "C3'" 1 
ATOM   112 O  "O3'" . G   A 1 6 ? 0.126   -14.818 4.240   1.00 19.21 ? 6   G   A "O3'" 1 
ATOM   113 C  "C2'" . G   A 1 6 ? -2.292  -14.939 4.043   1.00 16.48 ? 6   G   A "C2'" 1 
ATOM   114 O  "O2'" . G   A 1 6 ? -2.218  -15.904 5.072   1.00 19.17 ? 6   G   A "O2'" 1 
ATOM   115 C  "C1'" . G   A 1 6 ? -3.360  -13.916 4.420   1.00 16.81 ? 6   G   A "C1'" 1 
ATOM   116 N  N9    . G   A 1 6 ? -3.886  -13.231 3.243   1.00 15.25 ? 6   G   A N9    1 
ATOM   117 C  C8    . G   A 1 6 ? -3.698  -11.927 2.862   1.00 14.59 ? 6   G   A C8    1 
ATOM   118 N  N7    . G   A 1 6 ? -4.365  -11.609 1.774   1.00 14.23 ? 6   G   A N7    1 
ATOM   119 C  C5    . G   A 1 6 ? -5.031  -12.791 1.434   1.00 13.69 ? 6   G   A C5    1 
ATOM   120 C  C6    . G   A 1 6 ? -5.919  -13.082 0.359   1.00 12.78 ? 6   G   A C6    1 
ATOM   121 O  O6    . G   A 1 6 ? -6.351  -12.300 -0.522  1.00 15.22 ? 6   G   A O6    1 
ATOM   122 N  N1    . G   A 1 6 ? -6.317  -14.408 0.367   1.00 13.67 ? 6   G   A N1    1 
ATOM   123 C  C2    . G   A 1 6 ? -5.933  -15.349 1.288   1.00 13.26 ? 6   G   A C2    1 
ATOM   124 N  N2    . G   A 1 6 ? -6.426  -16.599 1.120   1.00 16.01 ? 6   G   A N2    1 
ATOM   125 N  N3    . G   A 1 6 ? -5.133  -15.097 2.298   1.00 15.88 ? 6   G   A N3    1 
ATOM   126 C  C4    . G   A 1 6 ? -4.719  -13.802 2.311   1.00 14.84 ? 6   G   A C4    1 
HETATM 127 BR BR    . CBR A 1 7 ? -0.974  -11.892 0.652   1.00 16.41 ? 7   CBR A BR    1 
HETATM 128 P  P     . CBR A 1 7 ? 1.185   -14.986 3.049   1.00 22.40 ? 7   CBR A P     1 
HETATM 129 O  OP1   . CBR A 1 7 ? 2.264   -15.843 3.639   1.00 21.60 ? 7   CBR A OP1   1 
HETATM 130 O  OP2   . CBR A 1 7 ? 1.549   -13.691 2.461   1.00 22.36 ? 7   CBR A OP2   1 
HETATM 131 O  "O5'" . CBR A 1 7 ? 0.377   -15.846 1.965   1.00 19.32 ? 7   CBR A "O5'" 1 
HETATM 132 N  N1    . CBR A 1 7 ? -2.841  -15.391 -0.394  1.00 13.86 ? 7   CBR A N1    1 
HETATM 133 C  C6    . CBR A 1 7 ? -2.078  -14.441 0.245   1.00 14.18 ? 7   CBR A C6    1 
HETATM 134 C  C2    . CBR A 1 7 ? -3.655  -15.022 -1.479  1.00 13.61 ? 7   CBR A C2    1 
HETATM 135 O  O2    . CBR A 1 7 ? -4.326  -15.885 -2.058  1.00 13.76 ? 7   CBR A O2    1 
HETATM 136 N  N3    . CBR A 1 7 ? -3.676  -13.724 -1.876  1.00 12.75 ? 7   CBR A N3    1 
HETATM 137 C  C4    . CBR A 1 7 ? -2.925  -12.813 -1.239  1.00 12.36 ? 7   CBR A C4    1 
HETATM 138 N  N4    . CBR A 1 7 ? -2.989  -11.535 -1.649  1.00 11.25 ? 7   CBR A N4    1 
HETATM 139 C  C5    . CBR A 1 7 ? -2.085  -13.168 -0.165  1.00 13.43 ? 7   CBR A C5    1 
HETATM 140 C  "C2'" . CBR A 1 7 ? -1.873  -17.588 -0.983  1.00 15.97 ? 7   CBR A "C2'" 1 
HETATM 141 C  "C5'" . CBR A 1 7 ? -0.031  -17.194 2.245   1.00 20.31 ? 7   CBR A "C5'" 1 
HETATM 142 C  "C4'" . CBR A 1 7 ? -0.985  -17.693 1.183   1.00 20.36 ? 7   CBR A "C4'" 1 
HETATM 143 O  "O4'" . CBR A 1 7 ? -2.247  -16.973 1.274   1.00 18.54 ? 7   CBR A "O4'" 1 
HETATM 144 C  "C1'" . CBR A 1 7 ? -2.809  -16.828 -0.029  1.00 17.51 ? 7   CBR A "C1'" 1 
HETATM 145 C  "C3'" . CBR A 1 7 ? -0.543  -17.487 -0.264  1.00 18.24 ? 7   CBR A "C3'" 1 
HETATM 146 O  "O3'" . CBR A 1 7 ? 0.397   -18.503 -0.675  1.00 21.85 ? 7   CBR A "O3'" 1 
ATOM   147 P  P     . A   A 1 8 ? 1.385   -18.236 -1.937  1.00 20.28 ? 8   A   A P     1 
ATOM   148 O  OP1   . A   A 1 8 ? 2.143   -19.506 -2.155  1.00 25.10 ? 8   A   A OP1   1 
ATOM   149 O  OP2   . A   A 1 8 ? 2.137   -16.976 -1.755  1.00 24.06 ? 8   A   A OP2   1 
ATOM   150 O  "O5'" . A   A 1 8 ? 0.400   -18.081 -3.169  1.00 19.53 ? 8   A   A "O5'" 1 
ATOM   151 C  "C5'" . A   A 1 8 ? -0.268  -19.217 -3.707  1.00 18.23 ? 8   A   A "C5'" 1 
ATOM   152 C  "C4'" . A   A 1 8 ? -1.136  -18.805 -4.869  1.00 17.11 ? 8   A   A "C4'" 1 
ATOM   153 O  "O4'" . A   A 1 8 ? -2.113  -17.842 -4.389  1.00 15.59 ? 8   A   A "O4'" 1 
ATOM   154 C  "C3'" . A   A 1 8 ? -0.453  -18.053 -6.001  1.00 16.79 ? 8   A   A "C3'" 1 
ATOM   155 O  "O3'" . A   A 1 8 ? 0.284   -18.949 -6.847  1.00 19.81 ? 8   A   A "O3'" 1 
ATOM   156 C  "C2'" . A   A 1 8 ? -1.673  -17.412 -6.678  1.00 16.07 ? 8   A   A "C2'" 1 
ATOM   157 O  "O2'" . A   A 1 8 ? -2.467  -18.343 -7.392  1.00 17.85 ? 8   A   A "O2'" 1 
ATOM   158 C  "C1'" . A   A 1 8 ? -2.461  -16.941 -5.448  1.00 14.24 ? 8   A   A "C1'" 1 
ATOM   159 N  N9    . A   A 1 8 ? -2.071  -15.588 -5.051  1.00 14.09 ? 8   A   A N9    1 
ATOM   160 C  C8    . A   A 1 8 ? -1.268  -15.269 -3.979  1.00 14.49 ? 8   A   A C8    1 
ATOM   161 N  N7    . A   A 1 8 ? -1.081  -13.983 -3.820  1.00 13.33 ? 8   A   A N7    1 
ATOM   162 C  C5    . A   A 1 8 ? -1.806  -13.411 -4.849  1.00 13.54 ? 8   A   A C5    1 
ATOM   163 C  C6    . A   A 1 8 ? -2.036  -12.072 -5.192  1.00 11.43 ? 8   A   A C6    1 
ATOM   164 N  N6    . A   A 1 8 ? -1.569  -11.046 -4.466  1.00 14.85 ? 8   A   A N6    1 
ATOM   165 N  N1    . A   A 1 8 ? -2.784  -11.816 -6.289  1.00 13.17 ? 8   A   A N1    1 
ATOM   166 C  C2    . A   A 1 8 ? -3.293  -12.865 -6.970  1.00 14.11 ? 8   A   A C2    1 
ATOM   167 N  N3    . A   A 1 8 ? -3.164  -14.165 -6.726  1.00 13.24 ? 8   A   A N3    1 
ATOM   168 C  C4    . A   A 1 8 ? -2.408  -14.383 -5.635  1.00 12.90 ? 8   A   A C4    1 
ATOM   169 P  P     . C   A 1 9 ? 1.745   -18.514 -7.405  1.00 18.97 ? 9   C   A P     1 
ATOM   170 O  OP1   . C   A 1 9 ? 2.374   -19.744 -7.959  1.00 21.53 ? 9   C   A OP1   1 
ATOM   171 O  OP2   . C   A 1 9 ? 2.490   -17.693 -6.419  1.00 20.32 ? 9   C   A OP2   1 
ATOM   172 O  "O5'" . C   A 1 9 ? 1.393   -17.595 -8.645  1.00 18.07 ? 9   C   A "O5'" 1 
ATOM   173 C  "C5'" . C   A 1 9 ? 0.465   -18.045 -9.625  1.00 16.72 ? 9   C   A "C5'" 1 
ATOM   174 C  "C4'" . C   A 1 9 ? -0.069  -16.873 -10.427 1.00 14.61 ? 9   C   A "C4'" 1 
ATOM   175 O  "O4'" . C   A 1 9 ? -0.816  -15.995 -9.545  1.00 15.06 ? 9   C   A "O4'" 1 
ATOM   176 C  "C3'" . C   A 1 9 ? 0.954   -15.923 -11.019 1.00 16.58 ? 9   C   A "C3'" 1 
ATOM   177 O  "O3'" . C   A 1 9 ? 1.493   -16.504 -12.172 1.00 18.90 ? 9   C   A "O3'" 1 
ATOM   178 C  "C2'" . C   A 1 9 ? 0.107   -14.698 -11.298 1.00 17.97 ? 9   C   A "C2'" 1 
ATOM   179 O  "O2'" . C   A 1 9 ? -0.718  -14.874 -12.441 1.00 19.65 ? 9   C   A "O2'" 1 
ATOM   180 C  "C1'" . C   A 1 9 ? -0.764  -14.669 -10.044 1.00 14.84 ? 9   C   A "C1'" 1 
ATOM   181 N  N1    . C   A 1 9 ? -0.206  -13.802 -8.994  1.00 13.95 ? 9   C   A N1    1 
ATOM   182 C  C2    . C   A 1 9 ? -0.439  -12.437 -9.089  1.00 13.13 ? 9   C   A C2    1 
ATOM   183 O  O2    . C   A 1 9 ? -1.110  -12.009 -10.037 1.00 14.55 ? 9   C   A O2    1 
ATOM   184 N  N3    . C   A 1 9 ? 0.067   -11.621 -8.150  1.00 13.68 ? 9   C   A N3    1 
ATOM   185 C  C4    . C   A 1 9 ? 0.793   -12.128 -7.137  1.00 12.54 ? 9   C   A C4    1 
ATOM   186 N  N4    . C   A 1 9 ? 1.272   -11.275 -6.225  1.00 13.32 ? 9   C   A N4    1 
ATOM   187 C  C5    . C   A 1 9 ? 1.046   -13.512 -7.009  1.00 11.79 ? 9   C   A C5    1 
ATOM   188 C  C6    . C   A 1 9 ? 0.531   -14.318 -7.954  1.00 12.53 ? 9   C   A C6    1 
ATOM   189 O  "O5'" . G   B 1 1 ? -3.263  -1.919  -6.508  1.00 23.75 ? 10  G   B "O5'" 1 
ATOM   190 C  "C5'" . G   B 1 1 ? -3.394  -1.251  -7.776  1.00 21.09 ? 10  G   B "C5'" 1 
ATOM   191 C  "C4'" . G   B 1 1 ? -3.270  -2.197  -8.952  1.00 18.40 ? 10  G   B "C4'" 1 
ATOM   192 O  "O4'" . G   B 1 1 ? -1.946  -2.811  -8.983  1.00 17.22 ? 10  G   B "O4'" 1 
ATOM   193 C  "C3'" . G   B 1 1 ? -4.243  -3.363  -9.002  1.00 19.67 ? 10  G   B "C3'" 1 
ATOM   194 O  "O3'" . G   B 1 1 ? -5.473  -2.964  -9.597  1.00 21.77 ? 10  G   B "O3'" 1 
ATOM   195 C  "C2'" . G   B 1 1 ? -3.518  -4.319  -9.948  1.00 18.18 ? 10  G   B "C2'" 1 
ATOM   196 O  "O2'" . G   B 1 1 ? -3.609  -3.923  -11.309 1.00 20.08 ? 10  G   B "O2'" 1 
ATOM   197 C  "C1'" . G   B 1 1 ? -2.061  -4.133  -9.509  1.00 18.18 ? 10  G   B "C1'" 1 
ATOM   198 N  N9    . G   B 1 1 ? -1.657  -5.071  -8.465  1.00 15.56 ? 10  G   B N9    1 
ATOM   199 C  C8    . G   B 1 1 ? -1.431  -4.782  -7.139  1.00 17.88 ? 10  G   B C8    1 
ATOM   200 N  N7    . G   B 1 1 ? -1.009  -5.808  -6.444  1.00 15.04 ? 10  G   B N7    1 
ATOM   201 C  C5    . G   B 1 1 ? -0.966  -6.843  -7.366  1.00 13.98 ? 10  G   B C5    1 
ATOM   202 C  C6    . G   B 1 1 ? -0.567  -8.184  -7.190  1.00 14.50 ? 10  G   B C6    1 
ATOM   203 O  O6    . G   B 1 1 ? -0.105  -8.717  -6.177  1.00 16.81 ? 10  G   B O6    1 
ATOM   204 N  N1    . G   B 1 1 ? -0.710  -8.918  -8.366  1.00 14.36 ? 10  G   B N1    1 
ATOM   205 C  C2    . G   B 1 1 ? -1.162  -8.407  -9.565  1.00 15.93 ? 10  G   B C2    1 
ATOM   206 N  N2    . G   B 1 1 ? -1.236  -9.303  -10.562 1.00 18.04 ? 10  G   B N2    1 
ATOM   207 N  N3    . G   B 1 1 ? -1.511  -7.122  -9.758  1.00 15.27 ? 10  G   B N3    1 
ATOM   208 C  C4    . G   B 1 1 ? -1.385  -6.408  -8.618  1.00 17.57 ? 10  G   B C4    1 
ATOM   209 P  P     . U   B 1 2 ? -6.867  -3.505  -9.037  1.00 24.98 ? 11  U   B P     1 
ATOM   210 O  OP1   . U   B 1 2 ? -7.889  -2.638  -9.690  1.00 25.84 ? 11  U   B OP1   1 
ATOM   211 O  OP2   . U   B 1 2 ? -6.895  -3.714  -7.554  1.00 22.97 ? 11  U   B OP2   1 
ATOM   212 O  "O5'" . U   B 1 2 ? -6.986  -4.984  -9.618  1.00 21.03 ? 11  U   B "O5'" 1 
ATOM   213 C  "C5'" . U   B 1 2 ? -7.011  -5.249  -11.012 1.00 19.42 ? 11  U   B "C5'" 1 
ATOM   214 C  "C4'" . U   B 1 2 ? -6.680  -6.700  -11.254 1.00 16.93 ? 11  U   B "C4'" 1 
ATOM   215 O  "O4'" . U   B 1 2 ? -5.338  -6.966  -10.742 1.00 19.52 ? 11  U   B "O4'" 1 
ATOM   216 C  "C3'" . U   B 1 2 ? -7.554  -7.700  -10.506 1.00 18.26 ? 11  U   B "C3'" 1 
ATOM   217 O  "O3'" . U   B 1 2 ? -8.779  -7.921  -11.210 1.00 20.56 ? 11  U   B "O3'" 1 
ATOM   218 C  "C2'" . U   B 1 2 ? -6.661  -8.937  -10.445 1.00 16.82 ? 11  U   B "C2'" 1 
ATOM   219 O  "O2'" . U   B 1 2 ? -6.624  -9.681  -11.662 1.00 21.82 ? 11  U   B "O2'" 1 
ATOM   220 C  "C1'" . U   B 1 2 ? -5.281  -8.300  -10.244 1.00 16.93 ? 11  U   B "C1'" 1 
ATOM   221 N  N1    . U   B 1 2 ? -4.840  -8.298  -8.843  1.00 17.05 ? 11  U   B N1    1 
ATOM   222 C  C2    . U   B 1 2 ? -4.233  -9.459  -8.402  1.00 16.28 ? 11  U   B C2    1 
ATOM   223 O  O2    . U   B 1 2 ? -4.145  -10.456 -9.088  1.00 17.77 ? 11  U   B O2    1 
ATOM   224 N  N3    . U   B 1 2 ? -3.752  -9.416  -7.133  1.00 16.45 ? 11  U   B N3    1 
ATOM   225 C  C4    . U   B 1 2 ? -3.833  -8.352  -6.241  1.00 17.51 ? 11  U   B C4    1 
ATOM   226 O  O4    . U   B 1 2 ? -3.393  -8.491  -5.099  1.00 17.56 ? 11  U   B O4    1 
ATOM   227 C  C5    . U   B 1 2 ? -4.509  -7.201  -6.749  1.00 15.43 ? 11  U   B C5    1 
ATOM   228 C  C6    . U   B 1 2 ? -4.981  -7.212  -8.006  1.00 16.59 ? 11  U   B C6    1 
ATOM   229 P  P     . G   B 1 3 ? -10.096 -8.406  -10.425 1.00 25.27 ? 12  G   B P     1 
ATOM   230 O  OP1   . G   B 1 3 ? -11.155 -8.445  -11.482 1.00 25.88 ? 12  G   B OP1   1 
ATOM   231 O  OP2   . G   B 1 3 ? -10.310 -7.593  -9.192  1.00 23.14 ? 12  G   B OP2   1 
ATOM   232 O  "O5'" . G   B 1 3 ? -9.816  -9.920  -9.978  1.00 18.20 ? 12  G   B "O5'" 1 
ATOM   233 C  "C5'" . G   B 1 3 ? -9.677  -11.010 -10.924 1.00 17.79 ? 12  G   B "C5'" 1 
ATOM   234 C  "C4'" . G   B 1 3 ? -9.370  -12.296 -10.175 1.00 14.83 ? 12  G   B "C4'" 1 
ATOM   235 O  "O4'" . G   B 1 3 ? -8.192  -12.116 -9.345  1.00 15.81 ? 12  G   B "O4'" 1 
ATOM   236 C  "C3'" . G   B 1 3 ? -10.529 -12.663 -9.252  1.00 16.33 ? 12  G   B "C3'" 1 
ATOM   237 O  "O3'" . G   B 1 3 ? -10.717 -14.086 -9.214  1.00 17.66 ? 12  G   B "O3'" 1 
ATOM   238 C  "C2'" . G   B 1 3 ? -9.996  -12.367 -7.852  1.00 17.15 ? 12  G   B "C2'" 1 
ATOM   239 O  "O2'" . G   B 1 3 ? -10.481 -13.184 -6.809  1.00 18.08 ? 12  G   B "O2'" 1 
ATOM   240 C  "C1'" . G   B 1 3 ? -8.493  -12.557 -8.050  1.00 15.21 ? 12  G   B "C1'" 1 
ATOM   241 N  N9    . G   B 1 3 ? -7.706  -11.824 -7.081  1.00 14.25 ? 12  G   B N9    1 
ATOM   242 C  C8    . G   B 1 3 ? -7.588  -10.467 -6.944  1.00 14.02 ? 12  G   B C8    1 
ATOM   243 N  N7    . G   B 1 3 ? -6.813  -10.124 -5.948  1.00 14.19 ? 12  G   B N7    1 
ATOM   244 C  C5    . G   B 1 3 ? -6.402  -11.326 -5.402  1.00 12.33 ? 12  G   B C5    1 
ATOM   245 C  C6    . G   B 1 3 ? -5.529  -11.580 -4.328  1.00 13.01 ? 12  G   B C6    1 
ATOM   246 O  O6    . G   B 1 3 ? -4.917  -10.764 -3.629  1.00 12.52 ? 12  G   B O6    1 
ATOM   247 N  N1    . G   B 1 3 ? -5.366  -12.934 -4.103  1.00 12.29 ? 12  G   B N1    1 
ATOM   248 C  C2    . G   B 1 3 ? -5.995  -13.936 -4.855  1.00 12.17 ? 12  G   B C2    1 
ATOM   249 N  N2    . G   B 1 3 ? -5.746  -15.176 -4.466  1.00 13.27 ? 12  G   B N2    1 
ATOM   250 N  N3    . G   B 1 3 ? -6.790  -13.703 -5.873  1.00 12.79 ? 12  G   B N3    1 
ATOM   251 C  C4    . G   B 1 3 ? -6.951  -12.384 -6.089  1.00 13.42 ? 12  G   B C4    1 
ATOM   252 P  P     . U   B 1 4 ? -11.529 -14.874 -10.374 1.00 19.70 ? 13  U   B P     1 
ATOM   253 O  OP1   . U   B 1 4 ? -11.401 -14.147 -11.669 1.00 20.12 ? 13  U   B OP1   1 
ATOM   254 O  OP2   . U   B 1 4 ? -12.880 -15.227 -9.865  1.00 20.78 ? 13  U   B OP2   1 
ATOM   255 O  "O5'" . U   B 1 4 ? -10.678 -16.205 -10.445 1.00 17.45 ? 13  U   B "O5'" 1 
ATOM   256 C  "C5'" . U   B 1 4 ? -11.156 -17.455 -9.969  1.00 19.24 ? 13  U   B "C5'" 1 
ATOM   257 C  "C4'" . U   B 1 4 ? -10.254 -17.977 -8.895  1.00 18.39 ? 13  U   B "C4'" 1 
ATOM   258 O  "O4'" . U   B 1 4 ? -8.889  -18.053 -9.362  1.00 18.05 ? 13  U   B "O4'" 1 
ATOM   259 C  "C3'" . U   B 1 4 ? -10.191 -17.138 -7.631  1.00 18.25 ? 13  U   B "C3'" 1 
ATOM   260 O  "O3'" . U   B 1 4 ? -11.242 -17.602 -6.793  1.00 19.72 ? 13  U   B "O3'" 1 
ATOM   261 C  "C2'" . U   B 1 4 ? -8.826  -17.505 -7.043  1.00 16.71 ? 13  U   B "C2'" 1 
ATOM   262 O  "O2'" . U   B 1 4 ? -8.789  -18.630 -6.204  1.00 18.89 ? 13  U   B "O2'" 1 
ATOM   263 C  "C1'" . U   B 1 4 ? -7.989  -17.787 -8.292  1.00 17.12 ? 13  U   B "C1'" 1 
ATOM   264 N  N1    . U   B 1 4 ? -7.146  -16.644 -8.672  1.00 15.69 ? 13  U   B N1    1 
ATOM   265 C  C2    . U   B 1 4 ? -5.939  -16.444 -7.986  1.00 16.35 ? 13  U   B C2    1 
ATOM   266 O  O2    . U   B 1 4 ? -5.574  -17.116 -7.029  1.00 19.93 ? 13  U   B O2    1 
ATOM   267 N  N3    . U   B 1 4 ? -5.175  -15.407 -8.463  1.00 14.57 ? 13  U   B N3    1 
ATOM   268 C  C4    . U   B 1 4 ? -5.486  -14.549 -9.518  1.00 15.50 ? 13  U   B C4    1 
ATOM   269 O  O4    . U   B 1 4 ? -4.660  -13.711 -9.868  1.00 18.03 ? 13  U   B O4    1 
ATOM   270 C  C5    . U   B 1 4 ? -6.762  -14.784 -10.130 1.00 16.11 ? 13  U   B C5    1 
ATOM   271 C  C6    . U   B 1 4 ? -7.528  -15.804 -9.699  1.00 15.81 ? 13  U   B C6    1 
ATOM   272 P  P     . C   B 1 5 ? -12.424 -16.636 -6.327  1.00 22.45 ? 14  C   B P     1 
ATOM   273 O  OP1   . C   B 1 5 ? -13.657 -17.002 -7.135  1.00 22.92 ? 14  C   B OP1   1 
ATOM   274 O  OP2   . C   B 1 5 ? -11.953 -15.232 -6.257  1.00 20.89 ? 14  C   B OP2   1 
ATOM   275 O  "O5'" . C   B 1 5 ? -12.634 -17.154 -4.840  1.00 20.44 ? 14  C   B "O5'" 1 
ATOM   276 C  "C5'" . C   B 1 5 ? -12.841 -18.548 -4.598  1.00 19.02 ? 14  C   B "C5'" 1 
ATOM   277 C  "C4'" . C   B 1 5 ? -11.942 -19.041 -3.489  1.00 15.31 ? 14  C   B "C4'" 1 
ATOM   278 O  "O4'" . C   B 1 5 ? -10.548 -18.834 -3.829  1.00 19.58 ? 14  C   B "O4'" 1 
ATOM   279 C  "C3'" . C   B 1 5 ? -12.094 -18.309 -2.168  1.00 16.65 ? 14  C   B "C3'" 1 
ATOM   280 O  "O3'" . C   B 1 5 ? -13.242 -18.789 -1.460  1.00 18.41 ? 14  C   B "O3'" 1 
ATOM   281 C  "C2'" . C   B 1 5 ? -10.779 -18.649 -1.479  1.00 16.58 ? 14  C   B "C2'" 1 
ATOM   282 O  "O2'" . C   B 1 5 ? -10.782 -19.967 -0.963  1.00 21.03 ? 14  C   B "O2'" 1 
ATOM   283 C  "C1'" . C   B 1 5 ? -9.799  -18.508 -2.652  1.00 17.13 ? 14  C   B "C1'" 1 
ATOM   284 N  N1    . C   B 1 5 ? -9.313  -17.104 -2.748  1.00 15.59 ? 14  C   B N1    1 
ATOM   285 C  C2    . C   B 1 5 ? -8.423  -16.634 -1.765  1.00 14.78 ? 14  C   B C2    1 
ATOM   286 O  O2    . C   B 1 5 ? -8.020  -17.417 -0.915  1.00 17.89 ? 14  C   B O2    1 
ATOM   287 N  N3    . C   B 1 5 ? -8.026  -15.325 -1.781  1.00 14.15 ? 14  C   B N3    1 
ATOM   288 C  C4    . C   B 1 5 ? -8.485  -14.499 -2.743  1.00 14.76 ? 14  C   B C4    1 
ATOM   289 N  N4    . C   B 1 5 ? -8.119  -13.214 -2.710  1.00 14.57 ? 14  C   B N4    1 
ATOM   290 C  C5    . C   B 1 5 ? -9.358  -14.965 -3.782  1.00 17.03 ? 14  C   B C5    1 
ATOM   291 C  C6    . C   B 1 5 ? -9.738  -16.256 -3.748  1.00 16.88 ? 14  C   B C6    1 
ATOM   292 P  P     . G   B 1 6 ? -13.972 -17.843 -0.377  1.00 17.42 ? 15  G   B P     1 
ATOM   293 O  OP1   . G   B 1 6 ? -15.246 -18.544 -0.057  1.00 16.01 ? 15  G   B OP1   1 
ATOM   294 O  OP2   . G   B 1 6 ? -14.041 -16.419 -0.858  1.00 18.14 ? 15  G   B OP2   1 
ATOM   295 O  "O5'" . G   B 1 6 ? -12.976 -17.902 0.854   1.00 15.37 ? 15  G   B "O5'" 1 
ATOM   296 C  "C5'" . G   B 1 6 ? -12.686 -19.119 1.577   1.00 11.72 ? 15  G   B "C5'" 1 
ATOM   297 C  "C4'" . G   B 1 6 ? -11.556 -18.873 2.564   1.00 14.81 ? 15  G   B "C4'" 1 
ATOM   298 O  "O4'" . G   B 1 6 ? -10.406 -18.335 1.849   1.00 15.25 ? 15  G   B "O4'" 1 
ATOM   299 C  "C3'" . G   B 1 6 ? -11.804 -17.819 3.647   1.00 14.35 ? 15  G   B "C3'" 1 
ATOM   300 O  "O3'" . G   B 1 6 ? -12.539 -18.400 4.731   1.00 14.77 ? 15  G   B "O3'" 1 
ATOM   301 C  "C2'" . G   B 1 6 ? -10.386 -17.427 4.025   1.00 14.90 ? 15  G   B "C2'" 1 
ATOM   302 O  "O2'" . G   B 1 6 ? -9.766  -18.424 4.832   1.00 19.38 ? 15  G   B "O2'" 1 
ATOM   303 C  "C1'" . G   B 1 6 ? -9.737  -17.363 2.639   1.00 14.73 ? 15  G   B "C1'" 1 
ATOM   304 N  N9    . G   B 1 6 ? -9.868  -16.046 2.000   1.00 12.16 ? 15  G   B N9    1 
ATOM   305 C  C8    . G   B 1 6 ? -10.585 -15.674 0.885   1.00 14.17 ? 15  G   B C8    1 
ATOM   306 N  N7    . G   B 1 6 ? -10.410 -14.412 0.567   1.00 14.08 ? 15  G   B N7    1 
ATOM   307 C  C5    . G   B 1 6 ? -9.542  -13.928 1.534   1.00 12.76 ? 15  G   B C5    1 
ATOM   308 C  C6    . G   B 1 6 ? -8.983  -12.629 1.715   1.00 12.31 ? 15  G   B C6    1 
ATOM   309 O  O6    . G   B 1 6 ? -9.167  -11.611 1.023   1.00 13.35 ? 15  G   B O6    1 
ATOM   310 N  N1    . G   B 1 6 ? -8.160  -12.577 2.827   1.00 12.92 ? 15  G   B N1    1 
ATOM   311 C  C2    . G   B 1 6 ? -7.911  -13.636 3.669   1.00 12.87 ? 15  G   B C2    1 
ATOM   312 N  N2    . G   B 1 6 ? -7.111  -13.382 4.717   1.00 13.81 ? 15  G   B N2    1 
ATOM   313 N  N3    . G   B 1 6 ? -8.415  -14.842 3.504   1.00 12.24 ? 15  G   B N3    1 
ATOM   314 C  C4    . G   B 1 6 ? -9.215  -14.916 2.433   1.00 13.67 ? 15  G   B C4    1 
HETATM 315 BR BR    . CBR B 1 7 ? -13.733 -14.514 2.143   1.00 13.16 ? 16  CBR B BR    1 
HETATM 316 P  P     . CBR B 1 7 ? -13.801 -17.616 5.368   1.00 15.23 ? 16  CBR B P     1 
HETATM 317 O  OP1   . CBR B 1 7 ? -14.313 -18.547 6.405   1.00 15.96 ? 16  CBR B OP1   1 
HETATM 318 O  OP2   . CBR B 1 7 ? -14.720 -17.054 4.313   1.00 15.68 ? 16  CBR B OP2   1 
HETATM 319 O  "O5'" . CBR B 1 7 ? -13.122 -16.382 6.096   1.00 14.37 ? 16  CBR B "O5'" 1 
HETATM 320 N  N1    . CBR B 1 7 ? -11.116 -13.121 5.002   1.00 11.53 ? 16  CBR B N1    1 
HETATM 321 C  C6    . CBR B 1 7 ? -11.970 -13.928 4.278   1.00 11.17 ? 16  CBR B C6    1 
HETATM 322 C  C2    . CBR B 1 7 ? -10.831 -11.831 4.570   1.00 11.49 ? 16  CBR B C2    1 
HETATM 323 O  O2    . CBR B 1 7 ? -10.080 -11.128 5.268   1.00 12.66 ? 16  CBR B O2    1 
HETATM 324 N  N3    . CBR B 1 7 ? -11.381 -11.379 3.408   1.00 10.05 ? 16  CBR B N3    1 
HETATM 325 C  C4    . CBR B 1 7 ? -12.220 -12.155 2.728   1.00 10.27 ? 16  CBR B C4    1 
HETATM 326 N  N4    . CBR B 1 7 ? -12.795 -11.638 1.608   1.00 12.19 ? 16  CBR B N4    1 
HETATM 327 C  C5    . CBR B 1 7 ? -12.542 -13.470 3.155   1.00 11.89 ? 16  CBR B C5    1 
HETATM 328 C  "C2'" . CBR B 1 7 ? -11.141 -12.988 7.511   1.00 14.26 ? 16  CBR B "C2'" 1 
HETATM 329 C  "C5'" . CBR B 1 7 ? -12.247 -16.590 7.207   1.00 12.30 ? 16  CBR B "C5'" 1 
HETATM 330 C  "C4'" . CBR B 1 7 ? -11.423 -15.345 7.491   1.00 14.52 ? 16  CBR B "C4'" 1 
HETATM 331 O  "O4'" . CBR B 1 7 ? -10.616 -14.989 6.332   1.00 14.51 ? 16  CBR B "O4'" 1 
HETATM 332 C  "C1'" . CBR B 1 7 ? -10.473 -13.578 6.252   1.00 10.98 ? 16  CBR B "C1'" 1 
HETATM 333 C  "C3'" . CBR B 1 7 ? -12.185 -14.055 7.808   1.00 13.34 ? 16  CBR B "C3'" 1 
HETATM 334 O  "O3'" . CBR B 1 7 ? -12.531 -14.045 9.201   1.00 13.97 ? 16  CBR B "O3'" 1 
ATOM   335 P  P     . A   B 1 8 ? -13.717 -13.108 9.724   1.00 14.12 ? 17  A   B P     1 
ATOM   336 O  OP1   . A   B 1 8 ? -13.692 -13.332 11.198  1.00 16.12 ? 17  A   B OP1   1 
ATOM   337 O  OP2   . A   B 1 8 ? -14.966 -13.332 8.998   1.00 14.09 ? 17  A   B OP2   1 
ATOM   338 O  "O5'" . A   B 1 8 ? -13.273 -11.615 9.397   1.00 12.69 ? 17  A   B "O5'" 1 
ATOM   339 C  "C5'" . A   B 1 8 ? -12.243 -10.960 10.142  1.00 12.13 ? 17  A   B "C5'" 1 
ATOM   340 C  "C4'" . A   B 1 8 ? -12.088 -9.534  9.654   1.00 10.96 ? 17  A   B "C4'" 1 
ATOM   341 O  "O4'" . A   B 1 8 ? -11.602 -9.569  8.286   1.00 11.92 ? 17  A   B "O4'" 1 
ATOM   342 C  "C3'" . A   B 1 8 ? -13.405 -8.782  9.496   1.00 10.48 ? 17  A   B "C3'" 1 
ATOM   343 O  "O3'" . A   B 1 8 ? -13.913 -8.296  10.761  1.00 12.74 ? 17  A   B "O3'" 1 
ATOM   344 C  "C2'" . A   B 1 8 ? -12.972 -7.653  8.559   1.00 12.24 ? 17  A   B "C2'" 1 
ATOM   345 O  "O2'" . A   B 1 8 ? -12.117 -6.714  9.176   1.00 13.59 ? 17  A   B "O2'" 1 
ATOM   346 C  "C1'" . A   B 1 8 ? -12.097 -8.438  7.577   1.00 11.50 ? 17  A   B "C1'" 1 
ATOM   347 N  N9    . A   B 1 8 ? -12.869 -8.929  6.443   1.00 10.78 ? 17  A   B N9    1 
ATOM   348 C  C8    . A   B 1 8 ? -13.349 -10.189 6.253   1.00 11.90 ? 17  A   B C8    1 
ATOM   349 N  N7    . A   B 1 8 ? -13.963 -10.364 5.113   1.00 11.02 ? 17  A   B N7    1 
ATOM   350 C  C5    . A   B 1 8 ? -13.910 -9.115  4.511   1.00 10.69 ? 17  A   B C5    1 
ATOM   351 C  C6    . A   B 1 8 ? -14.364 -8.659  3.281   1.00 11.31 ? 17  A   B C6    1 
ATOM   352 N  N6    . A   B 1 8 ? -14.974 -9.462  2.391   1.00 13.87 ? 17  A   B N6    1 
ATOM   353 N  N1    . A   B 1 8 ? -14.163 -7.363  2.976   1.00 12.31 ? 17  A   B N1    1 
ATOM   354 C  C2    . A   B 1 8 ? -13.512 -6.589  3.858   1.00 11.64 ? 17  A   B C2    1 
ATOM   355 N  N3    . A   B 1 8 ? -13.008 -6.920  5.054   1.00 11.54 ? 17  A   B N3    1 
ATOM   356 C  C4    . A   B 1 8 ? -13.241 -8.210  5.320   1.00 11.01 ? 17  A   B C4    1 
ATOM   357 P  P     . C   B 1 9 ? -15.496 -8.215  11.026  1.00 12.63 ? 18  C   B P     1 
ATOM   358 O  OP1   . C   B 1 9 ? -15.641 -8.025  12.496  1.00 15.73 ? 18  C   B OP1   1 
ATOM   359 O  OP2   . C   B 1 9 ? -16.164 -9.370  10.383  1.00 15.17 ? 18  C   B OP2   1 
ATOM   360 O  "O5'" . C   B 1 9 ? -15.964 -6.899  10.295  1.00 12.01 ? 18  C   B "O5'" 1 
ATOM   361 C  "C5'" . C   B 1 9 ? -15.395 -5.619  10.670  1.00 12.45 ? 18  C   B "C5'" 1 
ATOM   362 C  "C4'" . C   B 1 9 ? -15.626 -4.595  9.589   1.00 13.56 ? 18  C   B "C4'" 1 
ATOM   363 O  "O4'" . C   B 1 9 ? -15.017 -5.059  8.338   1.00 12.85 ? 18  C   B "O4'" 1 
ATOM   364 C  "C3'" . C   B 1 9 ? -17.069 -4.363  9.204   1.00 11.22 ? 18  C   B "C3'" 1 
ATOM   365 O  "O3'" . C   B 1 9 ? -17.596 -3.465  10.170  1.00 15.08 ? 18  C   B "O3'" 1 
ATOM   366 C  "C2'" . C   B 1 9 ? -16.904 -3.707  7.844   1.00 12.60 ? 18  C   B "C2'" 1 
ATOM   367 O  "O2'" . C   B 1 9 ? -16.452 -2.372  7.968   1.00 15.78 ? 18  C   B "O2'" 1 
ATOM   368 C  "C1'" . C   B 1 9 ? -15.791 -4.574  7.241   1.00 12.74 ? 18  C   B "C1'" 1 
ATOM   369 N  N1    . C   B 1 9 ? -16.301 -5.730  6.479   1.00 10.97 ? 18  C   B N1    1 
ATOM   370 C  C2    . C   B 1 9 ? -16.672 -5.516  5.164   1.00 11.06 ? 18  C   B C2    1 
ATOM   371 O  O2    . C   B 1 9 ? -16.567 -4.373  4.706   1.00 13.83 ? 18  C   B O2    1 
ATOM   372 N  N3    . C   B 1 9 ? -17.147 -6.548  4.435   1.00 10.57 ? 18  C   B N3    1 
ATOM   373 C  C4    . C   B 1 9 ? -17.265 -7.758  4.993   1.00 11.49 ? 18  C   B C4    1 
ATOM   374 N  N4    . C   B 1 9 ? -17.728 -8.758  4.222   1.00 11.88 ? 18  C   B N4    1 
ATOM   375 C  C5    . C   B 1 9 ? -16.905 -8.012  6.351   1.00 10.66 ? 18  C   B C5    1 
ATOM   376 C  C6    . C   B 1 9 ? -16.413 -6.971  7.047   1.00 10.28 ? 18  C   B C6    1 
ATOM   377 O  "O5'" . G   C 1 1 ? -0.362  14.126  7.974   1.00 21.97 ? 19  G   C "O5'" 1 
ATOM   378 C  "C5'" . G   C 1 1 ? -0.221  14.560  9.354   1.00 18.61 ? 19  G   C "C5'" 1 
ATOM   379 C  "C4'" . G   C 1 1 ? 0.247   13.491  10.328  1.00 17.42 ? 19  G   C "C4'" 1 
ATOM   380 O  "O4'" . G   C 1 1 ? -0.651  12.353  10.329  1.00 16.83 ? 19  G   C "O4'" 1 
ATOM   381 C  "C3'" . G   C 1 1 ? 1.613   12.898  10.063  1.00 16.50 ? 19  G   C "C3'" 1 
ATOM   382 O  "O3'" . G   C 1 1 ? 2.603   13.760  10.609  1.00 20.17 ? 19  G   C "O3'" 1 
ATOM   383 C  "C2'" . G   C 1 1 ? 1.536   11.586  10.842  1.00 16.70 ? 19  G   C "C2'" 1 
ATOM   384 O  "O2'" . G   C 1 1 ? 1.653   11.748  12.240  1.00 16.84 ? 19  G   C "O2'" 1 
ATOM   385 C  "C1'" . G   C 1 1 ? 0.094   11.156  10.571  1.00 15.78 ? 19  G   C "C1'" 1 
ATOM   386 N  N9    . G   C 1 1 ? 0.002   10.321  9.380   1.00 14.47 ? 19  G   C N9    1 
ATOM   387 C  C8    . G   C 1 1 ? -0.467  10.687  8.145   1.00 13.11 ? 19  G   C C8    1 
ATOM   388 N  N7    . G   C 1 1 ? -0.438  9.704   7.273   1.00 14.20 ? 19  G   C N7    1 
ATOM   389 C  C5    . G   C 1 1 ? 0.089   8.629   7.990   1.00 11.99 ? 19  G   C C5    1 
ATOM   390 C  C6    . G   C 1 1 ? 0.350   7.289   7.583   1.00 10.31 ? 19  G   C C6    1 
ATOM   391 O  O6    . G   C 1 1 ? 0.146   6.748   6.489   1.00 13.37 ? 19  G   C O6    1 
ATOM   392 N  N1    . G   C 1 1 ? 0.907   6.548   8.606   1.00 12.13 ? 19  G   C N1    1 
ATOM   393 C  C2    . G   C 1 1 ? 1.168   7.016   9.870   1.00 12.81 ? 19  G   C C2    1 
ATOM   394 N  N2    . G   C 1 1 ? 1.736   6.136   10.730  1.00 13.72 ? 19  G   C N2    1 
ATOM   395 N  N3    . G   C 1 1 ? 0.917   8.264   10.271  1.00 13.71 ? 19  G   C N3    1 
ATOM   396 C  C4    . G   C 1 1 ? 0.376   8.999   9.284   1.00 12.81 ? 19  G   C C4    1 
ATOM   397 P  P     . U   C 1 2 ? 3.983   13.976  9.825   1.00 18.31 ? 20  U   C P     1 
ATOM   398 O  OP1   . U   C 1 2 ? 4.643   15.147  10.496  1.00 24.13 ? 20  U   C OP1   1 
ATOM   399 O  OP2   . U   C 1 2 ? 3.765   14.001  8.353   1.00 20.76 ? 20  U   C OP2   1 
ATOM   400 O  "O5'" . U   C 1 2 ? 4.822   12.661  10.164  1.00 19.31 ? 20  U   C "O5'" 1 
ATOM   401 C  "C5'" . U   C 1 2 ? 5.040   12.248  11.509  1.00 17.67 ? 20  U   C "C5'" 1 
ATOM   402 C  "C4'" . U   C 1 2 ? 5.415   10.782  11.561  1.00 16.84 ? 20  U   C "C4'" 1 
ATOM   403 O  "O4'" . U   C 1 2 ? 4.272   10.003  11.092  1.00 16.07 ? 20  U   C "O4'" 1 
ATOM   404 C  "C3'" . U   C 1 2 ? 6.579   10.314  10.690  1.00 14.54 ? 20  U   C "C3'" 1 
ATOM   405 O  "O3'" . U   C 1 2 ? 7.819   10.472  11.382  1.00 18.50 ? 20  U   C "O3'" 1 
ATOM   406 C  "C2'" . U   C 1 2 ? 6.269   8.832   10.522  1.00 14.92 ? 20  U   C "C2'" 1 
ATOM   407 O  "O2'" . U   C 1 2 ? 6.671   8.110   11.669  1.00 17.13 ? 20  U   C "O2'" 1 
ATOM   408 C  "C1'" . U   C 1 2 ? 4.739   8.837   10.415  1.00 15.14 ? 20  U   C "C1'" 1 
ATOM   409 N  N1    . U   C 1 2 ? 4.228   8.857   9.031   1.00 13.97 ? 20  U   C N1    1 
ATOM   410 C  C2    . U   C 1 2 ? 4.219   7.639   8.361   1.00 14.90 ? 20  U   C C2    1 
ATOM   411 O  O2    . U   C 1 2 ? 4.702   6.618   8.844   1.00 13.20 ? 20  U   C O2    1 
ATOM   412 N  N3    . U   C 1 2 ? 3.668   7.676   7.112   1.00 13.33 ? 20  U   C N3    1 
ATOM   413 C  C4    . U   C 1 2 ? 3.145   8.792   6.448   1.00 15.15 ? 20  U   C C4    1 
ATOM   414 O  O4    . U   C 1 2 ? 2.725   8.671   5.297   1.00 15.34 ? 20  U   C O4    1 
ATOM   415 C  C5    . U   C 1 2 ? 3.232   10.021  7.187   1.00 14.42 ? 20  U   C C5    1 
ATOM   416 C  C6    . U   C 1 2 ? 3.756   10.014  8.418   1.00 14.22 ? 20  U   C C6    1 
ATOM   417 P  P     . G   C 1 3 ? 9.179   10.769  10.587  1.00 17.51 ? 21  G   C P     1 
ATOM   418 O  OP1   . G   C 1 3 ? 10.152  11.115  11.654  1.00 22.01 ? 21  G   C OP1   1 
ATOM   419 O  OP2   . G   C 1 3 ? 8.921   11.704  9.480   1.00 17.08 ? 21  G   C OP2   1 
ATOM   420 O  "O5'" . G   C 1 3 ? 9.593   9.367   9.911   1.00 14.11 ? 21  G   C "O5'" 1 
ATOM   421 C  "C5'" . G   C 1 3 ? 9.950   8.202   10.695  1.00 12.22 ? 21  G   C "C5'" 1 
ATOM   422 C  "C4'" . G   C 1 3 ? 10.234  7.058   9.734   1.00 13.41 ? 21  G   C "C4'" 1 
ATOM   423 O  "O4'" . G   C 1 3 ? 9.077   6.858   8.905   1.00 12.33 ? 21  G   C "O4'" 1 
ATOM   424 C  "C3'" . G   C 1 3 ? 11.403  7.378   8.803   1.00 11.74 ? 21  G   C "C3'" 1 
ATOM   425 O  "O3'" . G   C 1 3 ? 12.155  6.158   8.522   1.00 13.41 ? 21  G   C "O3'" 1 
ATOM   426 C  "C2'" . G   C 1 3 ? 10.722  7.722   7.489   1.00 12.15 ? 21  G   C "C2'" 1 
ATOM   427 O  "O2'" . G   C 1 3 ? 11.418  7.540   6.282   1.00 12.20 ? 21  G   C "O2'" 1 
ATOM   428 C  "C1'" . G   C 1 3 ? 9.485   6.829   7.575   1.00 12.16 ? 21  G   C "C1'" 1 
ATOM   429 N  N9    . G   C 1 3 ? 8.356   7.218   6.748   1.00 10.63 ? 21  G   C N9    1 
ATOM   430 C  C8    . G   C 1 3 ? 7.623   8.365   6.848   1.00 9.82  ? 21  G   C C8    1 
ATOM   431 N  N7    . G   C 1 3 ? 6.704   8.470   5.931   1.00 11.81 ? 21  G   C N7    1 
ATOM   432 C  C5    . G   C 1 3 ? 6.839   7.315   5.185   1.00 9.07  ? 21  G   C C5    1 
ATOM   433 C  C6    . G   C 1 3 ? 6.137   6.892   4.040   1.00 9.83  ? 21  G   C C6    1 
ATOM   434 O  O6    . G   C 1 3 ? 5.228   7.480   3.432   1.00 11.58 ? 21  G   C O6    1 
ATOM   435 N  N1    . G   C 1 3 ? 6.599   5.666   3.576   1.00 10.36 ? 21  G   C N1    1 
ATOM   436 C  C2    . G   C 1 3 ? 7.618   4.937   4.140   1.00 9.26  ? 21  G   C C2    1 
ATOM   437 N  N2    . G   C 1 3 ? 7.967   3.755   3.480   1.00 11.08 ? 21  G   C N2    1 
ATOM   438 N  N3    . G   C 1 3 ? 8.273   5.310   5.228   1.00 10.06 ? 21  G   C N3    1 
ATOM   439 C  C4    . G   C 1 3 ? 7.839   6.515   5.692   1.00 8.70  ? 21  G   C C4    1 
ATOM   440 P  P     . U   C 1 4 ? 13.347  5.666   9.471   1.00 12.31 ? 22  U   C P     1 
ATOM   441 O  OP1   . U   C 1 4 ? 13.093  6.117   10.881  1.00 14.00 ? 22  U   C OP1   1 
ATOM   442 O  OP2   . U   C 1 4 ? 14.623  6.058   8.835   1.00 12.64 ? 22  U   C OP2   1 
ATOM   443 O  "O5'" . U   C 1 4 ? 13.160  4.087   9.386   1.00 11.21 ? 22  U   C "O5'" 1 
ATOM   444 C  "C5'" . U   C 1 4 ? 14.112  3.251   8.729   1.00 11.58 ? 22  U   C "C5'" 1 
ATOM   445 C  "C4'" . U   C 1 4 ? 13.517  2.633   7.477   1.00 12.12 ? 22  U   C "C4'" 1 
ATOM   446 O  "O4'" . U   C 1 4 ? 12.362  1.853   7.831   1.00 12.41 ? 22  U   C "O4'" 1 
ATOM   447 C  "C3'" . U   C 1 4 ? 13.016  3.612   6.420   1.00 11.11 ? 22  U   C "C3'" 1 
ATOM   448 O  "O3'" . U   C 1 4 ? 14.143  3.840   5.583   1.00 12.20 ? 22  U   C "O3'" 1 
ATOM   449 C  "C2'" . U   C 1 4 ? 11.978  2.767   5.678   1.00 9.93  ? 22  U   C "C2'" 1 
ATOM   450 O  "O2'" . U   C 1 4 ? 12.567  1.847   4.781   1.00 13.52 ? 22  U   C "O2'" 1 
ATOM   451 C  "C1'" . U   C 1 4 ? 11.365  1.984   6.831   1.00 12.54 ? 22  U   C "C1'" 1 
ATOM   452 N  N1    . U   C 1 4 ? 10.144  2.578   7.415   1.00 11.34 ? 22  U   C N1    1 
ATOM   453 C  C2    . U   C 1 4 ? 8.969   2.412   6.687   1.00 10.90 ? 22  U   C C2    1 
ATOM   454 O  O2    . U   C 1 4 ? 8.951   1.889   5.580   1.00 11.82 ? 22  U   C O2    1 
ATOM   455 N  N3    . U   C 1 4 ? 7.833   2.882   7.292   1.00 12.34 ? 22  U   C N3    1 
ATOM   456 C  C4    . U   C 1 4 ? 7.764   3.507   8.527   1.00 12.75 ? 22  U   C C4    1 
ATOM   457 O  O4    . U   C 1 4 ? 6.653   3.900   8.920   1.00 14.44 ? 22  U   C O4    1 
ATOM   458 C  C5    . U   C 1 4 ? 9.033   3.658   9.216   1.00 10.89 ? 22  U   C C5    1 
ATOM   459 C  C6    . U   C 1 4 ? 10.155  3.207   8.632   1.00 10.18 ? 22  U   C C6    1 
ATOM   460 P  P     . C   C 1 5 ? 14.696  5.313   5.274   1.00 11.78 ? 23  C   C P     1 
ATOM   461 O  OP1   . C   C 1 5 ? 15.962  5.491   6.018   1.00 12.65 ? 23  C   C OP1   1 
ATOM   462 O  OP2   . C   C 1 5 ? 13.659  6.292   5.425   1.00 12.14 ? 23  C   C OP2   1 
ATOM   463 O  "O5'" . C   C 1 5 ? 15.015  5.143   3.706   1.00 11.12 ? 23  C   C "O5'" 1 
ATOM   464 C  "C5'" . C   C 1 5 ? 15.798  4.041   3.262   1.00 12.56 ? 23  C   C "C5'" 1 
ATOM   465 C  "C4'" . C   C 1 5 ? 15.223  3.460   1.998   1.00 11.84 ? 23  C   C "C4'" 1 
ATOM   466 O  "O4'" . C   C 1 5 ? 13.918  2.899   2.257   1.00 12.95 ? 23  C   C "O4'" 1 
ATOM   467 C  "C3'" . C   C 1 5 ? 14.964  4.437   0.854   1.00 11.90 ? 23  C   C "C3'" 1 
ATOM   468 O  "O3'" . C   C 1 5 ? 16.196  4.702   0.196   1.00 11.61 ? 23  C   C "O3'" 1 
ATOM   469 C  "C2'" . C   C 1 5 ? 13.971  3.638   0.024   1.00 11.90 ? 23  C   C "C2'" 1 
ATOM   470 O  "O2'" . C   C 1 5 ? 14.549  2.568   -0.704  1.00 15.39 ? 23  C   C "O2'" 1 
ATOM   471 C  "C1'" . C   C 1 5 ? 13.071  3.100   1.136   1.00 12.85 ? 23  C   C "C1'" 1 
ATOM   472 N  N1    . C   C 1 5 ? 12.036  4.081   1.502   1.00 11.29 ? 23  C   C N1    1 
ATOM   473 C  C2    . C   C 1 5 ? 10.995  4.263   0.587   1.00 12.29 ? 23  C   C C2    1 
ATOM   474 O  O2    . C   C 1 5 ? 10.996  3.560   -0.433  1.00 13.40 ? 23  C   C O2    1 
ATOM   475 N  N3    . C   C 1 5 ? 10.038  5.186   0.822   1.00 10.12 ? 23  C   C N3    1 
ATOM   476 C  C4    . C   C 1 5 ? 10.099  5.945   1.924   1.00 12.02 ? 23  C   C C4    1 
ATOM   477 N  N4    . C   C 1 5 ? 9.182   6.911   2.052   1.00 13.39 ? 23  C   C N4    1 
ATOM   478 C  C5    . C   C 1 5 ? 11.123  5.759   2.913   1.00 12.92 ? 23  C   C C5    1 
ATOM   479 C  C6    . C   C 1 5 ? 12.066  4.814   2.663   1.00 11.14 ? 23  C   C C6    1 
ATOM   480 P  P     . G   C 1 6 ? 16.396  6.068   -0.632  1.00 13.48 ? 24  G   C P     1 
ATOM   481 O  OP1   . G   C 1 6 ? 17.823  6.126   -0.988  1.00 14.53 ? 24  G   C OP1   1 
ATOM   482 O  OP2   . G   C 1 6 ? 15.772  7.220   0.082   1.00 12.40 ? 24  G   C OP2   1 
ATOM   483 O  "O5'" . G   C 1 6 ? 15.507  5.835   -1.933  1.00 13.94 ? 24  G   C "O5'" 1 
ATOM   484 C  "C5'" . G   C 1 6 ? 15.870  4.832   -2.882  1.00 12.72 ? 24  G   C "C5'" 1 
ATOM   485 C  "C4'" . G   C 1 6 ? 14.785  4.690   -3.915  1.00 13.19 ? 24  G   C "C4'" 1 
ATOM   486 O  "O4'" . G   C 1 6 ? 13.504  4.416   -3.274  1.00 13.72 ? 24  G   C "O4'" 1 
ATOM   487 C  "C3'" . G   C 1 6 ? 14.509  5.940   -4.741  1.00 12.93 ? 24  G   C "C3'" 1 
ATOM   488 O  "O3'" . G   C 1 6 ? 15.457  6.056   -5.805  1.00 11.58 ? 24  G   C "O3'" 1 
ATOM   489 C  "C2'" . G   C 1 6 ? 13.096  5.685   -5.226  1.00 13.94 ? 24  G   C "C2'" 1 
ATOM   490 O  "O2'" . G   C 1 6 ? 13.109  4.727   -6.273  1.00 14.19 ? 24  G   C "O2'" 1 
ATOM   491 C  "C1'" . G   C 1 6 ? 12.464  5.081   -3.970  1.00 13.96 ? 24  G   C "C1'" 1 
ATOM   492 N  N9    . G   C 1 6 ? 11.905  6.093   -3.071  1.00 11.90 ? 24  G   C N9    1 
ATOM   493 C  C8    . G   C 1 6 ? 12.394  6.556   -1.869  1.00 12.80 ? 24  G   C C8    1 
ATOM   494 N  N7    . G   C 1 6 ? 11.638  7.485   -1.329  1.00 11.73 ? 24  G   C N7    1 
ATOM   495 C  C5    . G   C 1 6 ? 10.597  7.647   -2.231  1.00 11.04 ? 24  G   C C5    1 
ATOM   496 C  C6    . G   C 1 6 ? 9.454   8.486   -2.181  1.00 10.64 ? 24  G   C C6    1 
ATOM   497 O  O6    . G   C 1 6 ? 9.116   9.286   -1.280  1.00 11.33 ? 24  G   C O6    1 
ATOM   498 N  N1    . G   C 1 6 ? 8.656   8.348   -3.308  1.00 10.84 ? 24  G   C N1    1 
ATOM   499 C  C2    . G   C 1 6 ? 8.912   7.473   -4.353  1.00 11.89 ? 24  G   C C2    1 
ATOM   500 N  N2    . G   C 1 6 ? 8.051   7.492   -5.386  1.00 12.75 ? 24  G   C N2    1 
ATOM   501 N  N3    . G   C 1 6 ? 9.944   6.646   -4.379  1.00 11.76 ? 24  G   C N3    1 
ATOM   502 C  C4    . G   C 1 6 ? 10.740  6.791   -3.305  1.00 11.10 ? 24  G   C C4    1 
HETATM 503 BR BR    . CBR C 1 7 ? 14.483  9.385   -2.452  1.00 12.21 ? 25  CBR C BR    1 
HETATM 504 P  P     . CBR C 1 7 ? 16.061  7.499   -6.186  1.00 13.06 ? 25  CBR C P     1 
HETATM 505 O  OP1   . CBR C 1 7 ? 16.983  7.270   -7.346  1.00 15.63 ? 25  CBR C OP1   1 
HETATM 506 O  OP2   . CBR C 1 7 ? 16.531  8.227   -4.995  1.00 13.80 ? 25  CBR C OP2   1 
HETATM 507 O  "O5'" . CBR C 1 7 ? 14.796  8.323   -6.673  1.00 12.84 ? 25  CBR C "O5'" 1 
HETATM 508 N  N1    . CBR C 1 7 ? 11.476  9.862   -5.203  1.00 9.70  ? 25  CBR C N1    1 
HETATM 509 C  C6    . CBR C 1 7 ? 12.629  9.470   -4.571  1.00 10.25 ? 25  CBR C C6    1 
HETATM 510 C  C2    . CBR C 1 7 ? 10.580  10.737  -4.560  1.00 10.49 ? 25  CBR C C2    1 
HETATM 511 O  O2    . CBR C 1 7 ? 9.562   11.100  -5.152  1.00 11.57 ? 25  CBR C O2    1 
HETATM 512 N  N3    . CBR C 1 7 ? 10.865  11.172  -3.322  1.00 10.12 ? 25  CBR C N3    1 
HETATM 513 C  C4    . CBR C 1 7 ? 12.012  10.806  -2.725  1.00 9.88  ? 25  CBR C C4    1 
HETATM 514 N  N4    . CBR C 1 7 ? 12.288  11.310  -1.516  1.00 9.76  ? 25  CBR C N4    1 
HETATM 515 C  C5    . CBR C 1 7 ? 12.928  9.926   -3.343  1.00 10.75 ? 25  CBR C C5    1 
HETATM 516 C  "C2'" . CBR C 1 7 ? 11.412  10.498  -7.599  1.00 12.21 ? 25  CBR C "C2'" 1 
HETATM 517 C  "C5'" . CBR C 1 7 ? 14.126  7.934   -7.890  1.00 13.65 ? 25  CBR C "C5'" 1 
HETATM 518 C  "C4'" . CBR C 1 7 ? 12.796  8.639   -8.033  1.00 12.98 ? 25  CBR C "C4'" 1 
HETATM 519 O  "O4'" . CBR C 1 7 ? 11.960  8.288   -6.896  1.00 12.56 ? 25  CBR C "O4'" 1 
HETATM 520 C  "C1'" . CBR C 1 7 ? 11.133  9.407   -6.551  1.00 11.08 ? 25  CBR C "C1'" 1 
HETATM 521 C  "C3'" . CBR C 1 7 ? 12.830  10.163  -8.016  1.00 12.53 ? 25  CBR C "C3'" 1 
HETATM 522 O  "O3'" . CBR C 1 7 ? 13.159  10.686  -9.306  1.00 11.39 ? 25  CBR C "O3'" 1 
ATOM   523 P  P     . A   C 1 8 ? 13.816  12.154  -9.440  1.00 13.15 ? 26  A   C P     1 
ATOM   524 O  OP1   . A   C 1 8 ? 14.004  12.340  -10.920 1.00 16.77 ? 26  A   C OP1   1 
ATOM   525 O  OP2   . A   C 1 8 ? 14.937  12.333  -8.525  1.00 13.73 ? 26  A   C OP2   1 
ATOM   526 O  "O5'" . A   C 1 8 ? 12.719  13.157  -8.905  1.00 11.47 ? 26  A   C "O5'" 1 
ATOM   527 C  "C5'" . A   C 1 8 ? 11.523  13.370  -9.644  1.00 11.53 ? 26  A   C "C5'" 1 
ATOM   528 C  "C4'" . A   C 1 8 ? 10.639  14.343  -8.931  1.00 10.44 ? 26  A   C "C4'" 1 
ATOM   529 O  "O4'" . A   C 1 8 ? 10.176  13.759  -7.689  1.00 11.36 ? 26  A   C "O4'" 1 
ATOM   530 C  "C3'" . A   C 1 8 ? 11.290  15.640  -8.484  1.00 9.05  ? 26  A   C "C3'" 1 
ATOM   531 O  "O3'" . A   C 1 8 ? 11.434  16.544  -9.577  1.00 10.66 ? 26  A   C "O3'" 1 
ATOM   532 C  "C2'" . A   C 1 8 ? 10.294  16.114  -7.447  1.00 10.64 ? 26  A   C "C2'" 1 
ATOM   533 O  "O2'" . A   C 1 8 ? 9.088   16.590  -8.009  1.00 11.24 ? 26  A   C "O2'" 1 
ATOM   534 C  "C1'" . A   C 1 8 ? 10.010  14.798  -6.730  1.00 8.50  ? 26  A   C "C1'" 1 
ATOM   535 N  N9    . A   C 1 8 ? 10.971  14.563  -5.659  1.00 10.87 ? 26  A   C N9    1 
ATOM   536 C  C8    . A   C 1 8 ? 12.045  13.705  -5.662  1.00 10.24 ? 26  A   C C8    1 
ATOM   537 N  N7    . A   C 1 8 ? 12.695  13.663  -4.522  1.00 10.81 ? 26  A   C N7    1 
ATOM   538 C  C5    . A   C 1 8 ? 12.022  14.575  -3.726  1.00 9.29  ? 26  A   C C5    1 
ATOM   539 C  C6    . A   C 1 8 ? 12.202  14.967  -2.383  1.00 10.70 ? 26  A   C C6    1 
ATOM   540 N  N6    . A   C 1 8 ? 13.120  14.409  -1.594  1.00 12.53 ? 26  A   C N6    1 
ATOM   541 N  N1    . A   C 1 8 ? 11.383  15.935  -1.886  1.00 12.00 ? 26  A   C N1    1 
ATOM   542 C  C2    . A   C 1 8 ? 10.409  16.446  -2.689  1.00 10.78 ? 26  A   C C2    1 
ATOM   543 N  N3    . A   C 1 8 ? 10.117  16.116  -3.957  1.00 11.30 ? 26  A   C N3    1 
ATOM   544 C  C4    . A   C 1 8 ? 10.969  15.157  -4.416  1.00 10.33 ? 26  A   C C4    1 
ATOM   545 P  P     . C   C 1 9 ? 12.742  17.489  -9.667  1.00 11.18 ? 27  C   C P     1 
ATOM   546 O  OP1   . C   C 1 9 ? 12.768  18.043  -11.056 1.00 14.64 ? 27  C   C OP1   1 
ATOM   547 O  OP2   . C   C 1 9 ? 13.873  16.777  -9.168  1.00 13.25 ? 27  C   C OP2   1 
ATOM   548 O  "O5'" . C   C 1 9 ? 12.453  18.694  -8.688  1.00 9.70  ? 27  C   C "O5'" 1 
ATOM   549 C  "C5'" . C   C 1 9 ? 11.345  19.560  -8.937  1.00 12.57 ? 27  C   C "C5'" 1 
ATOM   550 C  "C4'" . C   C 1 9 ? 10.957  20.307  -7.679  1.00 9.39  ? 27  C   C "C4'" 1 
ATOM   551 O  "O4'" . C   C 1 9 ? 10.721  19.384  -6.573  1.00 11.43 ? 27  C   C "O4'" 1 
ATOM   552 C  "C3'" . C   C 1 9 ? 12.003  21.273  -7.136  1.00 9.03  ? 27  C   C "C3'" 1 
ATOM   553 O  "O3'" . C   C 1 9 ? 11.893  22.496  -7.805  1.00 10.12 ? 27  C   C "O3'" 1 
ATOM   554 C  "C2'" . C   C 1 9 ? 11.569  21.445  -5.696  1.00 10.95 ? 27  C   C "C2'" 1 
ATOM   555 O  "O2'" . C   C 1 9 ? 10.478  22.338  -5.639  1.00 12.04 ? 27  C   C "O2'" 1 
ATOM   556 C  "C1'" . C   C 1 9 ? 11.122  20.015  -5.366  1.00 10.96 ? 27  C   C "C1'" 1 
ATOM   557 N  N1    . C   C 1 9 ? 12.202  19.190  -4.768  1.00 9.77  ? 27  C   C N1    1 
ATOM   558 C  C2    . C   C 1 9 ? 12.451  19.326  -3.423  1.00 11.03 ? 27  C   C C2    1 
ATOM   559 O  O2    . C   C 1 9 ? 11.833  20.197  -2.812  1.00 12.82 ? 27  C   C O2    1 
ATOM   560 N  N3    . C   C 1 9 ? 13.374  18.511  -2.825  1.00 10.94 ? 27  C   C N3    1 
ATOM   561 C  C4    . C   C 1 9 ? 14.065  17.630  -3.551  1.00 11.50 ? 27  C   C C4    1 
ATOM   562 N  N4    . C   C 1 9 ? 14.977  16.873  -2.923  1.00 12.10 ? 27  C   C N4    1 
ATOM   563 C  C5    . C   C 1 9 ? 13.864  17.495  -4.952  1.00 11.08 ? 27  C   C C5    1 
ATOM   564 C  C6    . C   C 1 9 ? 12.929  18.293  -5.520  1.00 8.92  ? 27  C   C C6    1 
ATOM   565 O  "O5'" . G   D 1 1 ? 14.016  17.335  7.364   1.00 25.15 ? 28  G   D "O5'" 1 
ATOM   566 C  "C5'" . G   D 1 1 ? 13.955  18.577  8.073   1.00 20.42 ? 28  G   D "C5'" 1 
ATOM   567 C  "C4'" . G   D 1 1 ? 13.476  19.692  7.176   1.00 18.32 ? 28  G   D "C4'" 1 
ATOM   568 O  "O4'" . G   D 1 1 ? 14.442  19.893  6.097   1.00 17.83 ? 28  G   D "O4'" 1 
ATOM   569 C  "C3'" . G   D 1 1 ? 12.184  19.392  6.434   1.00 17.21 ? 28  G   D "C3'" 1 
ATOM   570 O  "O3'" . G   D 1 1 ? 11.055  19.685  7.233   1.00 18.86 ? 28  G   D "O3'" 1 
ATOM   571 C  "C2'" . G   D 1 1 ? 12.270  20.345  5.250   1.00 18.41 ? 28  G   D "C2'" 1 
ATOM   572 O  "O2'" . G   D 1 1 ? 11.939  21.687  5.575   1.00 16.54 ? 28  G   D "O2'" 1 
ATOM   573 C  "C1'" . G   D 1 1 ? 13.758  20.240  4.900   1.00 15.70 ? 28  G   D "C1'" 1 
ATOM   574 N  N9    . G   D 1 1 ? 14.035  19.195  3.920   1.00 15.43 ? 28  G   D N9    1 
ATOM   575 C  C8    . G   D 1 1 ? 14.587  17.968  4.180   1.00 14.14 ? 28  G   D C8    1 
ATOM   576 N  N7    . G   D 1 1 ? 14.757  17.236  3.109   1.00 12.63 ? 28  G   D N7    1 
ATOM   577 C  C5    . G   D 1 1 ? 14.285  18.042  2.069   1.00 13.41 ? 28  G   D C5    1 
ATOM   578 C  C6    . G   D 1 1 ? 14.238  17.806  0.669   1.00 11.51 ? 28  G   D C6    1 
ATOM   579 O  O6    . G   D 1 1 ? 14.700  16.836  0.022   1.00 13.51 ? 28  G   D O6    1 
ATOM   580 N  N1    . G   D 1 1 ? 13.617  18.864  0.001   1.00 12.93 ? 28  G   D N1    1 
ATOM   581 C  C2    . G   D 1 1 ? 13.159  20.009  0.591   1.00 12.13 ? 28  G   D C2    1 
ATOM   582 N  N2    . G   D 1 1 ? 12.542  20.871  -0.212  1.00 12.95 ? 28  G   D N2    1 
ATOM   583 N  N3    . G   D 1 1 ? 13.262  20.276  1.882   1.00 15.19 ? 28  G   D N3    1 
ATOM   584 C  C4    . G   D 1 1 ? 13.810  19.244  2.558   1.00 13.50 ? 28  G   D C4    1 
ATOM   585 P  P     . U   D 1 2 ? 9.763   18.734  7.193   1.00 20.20 ? 29  U   D P     1 
ATOM   586 O  OP1   . U   D 1 2 ? 8.961   19.314  8.310   1.00 20.75 ? 29  U   D OP1   1 
ATOM   587 O  OP2   . U   D 1 2 ? 10.116  17.313  7.202   1.00 18.69 ? 29  U   D OP2   1 
ATOM   588 O  "O5'" . U   D 1 2 ? 9.026   19.032  5.809   1.00 15.78 ? 29  U   D "O5'" 1 
ATOM   589 C  "C5'" . U   D 1 2 ? 8.586   20.339  5.525   1.00 17.57 ? 29  U   D "C5'" 1 
ATOM   590 C  "C4'" . U   D 1 2 ? 8.367   20.490  4.042   1.00 13.89 ? 29  U   D "C4'" 1 
ATOM   591 O  "O4'" . U   D 1 2 ? 9.627   20.309  3.352   1.00 15.81 ? 29  U   D "O4'" 1 
ATOM   592 C  "C3'" . U   D 1 2 ? 7.467   19.436  3.427   1.00 15.46 ? 29  U   D "C3'" 1 
ATOM   593 O  "O3'" . U   D 1 2 ? 6.122   19.783  3.673   1.00 17.46 ? 29  U   D "O3'" 1 
ATOM   594 C  "C2'" . U   D 1 2 ? 7.867   19.535  1.961   1.00 14.38 ? 29  U   D "C2'" 1 
ATOM   595 O  "O2'" . U   D 1 2 ? 7.356   20.687  1.330   1.00 18.26 ? 29  U   D "O2'" 1 
ATOM   596 C  "C1'" . U   D 1 2 ? 9.386   19.699  2.083   1.00 15.91 ? 29  U   D "C1'" 1 
ATOM   597 N  N1    . U   D 1 2 ? 10.129  18.426  1.999   1.00 12.48 ? 29  U   D N1    1 
ATOM   598 C  C2    . U   D 1 2 ? 10.392  17.941  0.728   1.00 13.47 ? 29  U   D C2    1 
ATOM   599 O  O2    . U   D 1 2 ? 9.981   18.511  -0.268  1.00 15.39 ? 29  U   D O2    1 
ATOM   600 N  N3    . U   D 1 2 ? 11.117  16.770  0.681   1.00 15.05 ? 29  U   D N3    1 
ATOM   601 C  C4    . U   D 1 2 ? 11.592  16.030  1.753   1.00 14.57 ? 29  U   D C4    1 
ATOM   602 O  O4    . U   D 1 2 ? 12.261  15.024  1.544   1.00 17.11 ? 29  U   D O4    1 
ATOM   603 C  C5    . U   D 1 2 ? 11.255  16.563  3.048   1.00 14.37 ? 29  U   D C5    1 
ATOM   604 C  C6    . U   D 1 2 ? 10.543  17.721  3.121   1.00 13.74 ? 29  U   D C6    1 
ATOM   605 P  P     . G   D 1 3 ? 4.962   18.661  3.697   1.00 17.39 ? 30  G   D P     1 
ATOM   606 O  OP1   . G   D 1 3 ? 3.743   19.418  4.078   1.00 21.22 ? 30  G   D OP1   1 
ATOM   607 O  OP2   . G   D 1 3 ? 5.358   17.456  4.462   1.00 17.28 ? 30  G   D OP2   1 
ATOM   608 O  "O5'" . G   D 1 3 ? 4.829   18.222  2.161   1.00 14.74 ? 30  G   D "O5'" 1 
ATOM   609 C  "C5'" . G   D 1 3 ? 4.398   19.118  1.133   1.00 11.81 ? 30  G   D "C5'" 1 
ATOM   610 C  "C4'" . G   D 1 3 ? 4.382   18.352  -0.191  1.00 13.05 ? 30  G   D "C4'" 1 
ATOM   611 O  "O4'" . G   D 1 3 ? 5.688   17.803  -0.427  1.00 12.81 ? 30  G   D "O4'" 1 
ATOM   612 C  "C3'" . G   D 1 3 ? 3.391   17.182  -0.151  1.00 12.79 ? 30  G   D "C3'" 1 
ATOM   613 O  "O3'" . G   D 1 3 ? 2.853   17.069  -1.492  1.00 13.41 ? 30  G   D "O3'" 1 
ATOM   614 C  "C2'" . G   D 1 3 ? 4.286   15.963  0.020   1.00 13.59 ? 30  G   D "C2'" 1 
ATOM   615 O  "O2'" . G   D 1 3 ? 3.831   14.714  -0.443  1.00 12.89 ? 30  G   D "O2'" 1 
ATOM   616 C  "C1'" . G   D 1 3 ? 5.557   16.433  -0.692  1.00 11.29 ? 30  G   D "C1'" 1 
ATOM   617 N  N9    . G   D 1 3 ? 6.762   15.739  -0.297  1.00 10.95 ? 30  G   D N9    1 
ATOM   618 C  C8    . G   D 1 3 ? 7.356   15.748  0.933   1.00 12.18 ? 30  G   D C8    1 
ATOM   619 N  N7    . G   D 1 3 ? 8.360   14.924  1.020   1.00 9.78  ? 30  G   D N7    1 
ATOM   620 C  C5    . G   D 1 3 ? 8.471   14.376  -0.248  1.00 11.37 ? 30  G   D C5    1 
ATOM   621 C  C6    . G   D 1 3 ? 9.377   13.441  -0.754  1.00 11.14 ? 30  G   D C6    1 
ATOM   622 O  O6    . G   D 1 3 ? 10.294  12.863  -0.179  1.00 12.43 ? 30  G   D O6    1 
ATOM   623 N  N1    . G   D 1 3 ? 9.133   13.149  -2.088  1.00 11.40 ? 30  G   D N1    1 
ATOM   624 C  C2    . G   D 1 3 ? 8.124   13.682  -2.834  1.00 10.98 ? 30  G   D C2    1 
ATOM   625 N  N2    . G   D 1 3 ? 8.026   13.188  -4.105  1.00 11.27 ? 30  G   D N2    1 
ATOM   626 N  N3    . G   D 1 3 ? 7.264   14.581  -2.377  1.00 12.19 ? 30  G   D N3    1 
ATOM   627 C  C4    . G   D 1 3 ? 7.492   14.877  -1.076  1.00 9.91  ? 30  G   D C4    1 
ATOM   628 P  P     . U   D 1 4 ? 1.523   17.857  -1.927  1.00 12.10 ? 31  U   D P     1 
ATOM   629 O  OP1   . U   D 1 4 ? 1.477   19.145  -1.181  1.00 13.94 ? 31  U   D OP1   1 
ATOM   630 O  OP2   . U   D 1 4 ? 0.379   16.973  -1.861  1.00 12.33 ? 31  U   D OP2   1 
ATOM   631 O  "O5'" . U   D 1 4 ? 1.858   18.110  -3.452  1.00 11.54 ? 31  U   D "O5'" 1 
ATOM   632 C  "C5'" . U   D 1 4 ? 1.088   17.518  -4.483  1.00 10.28 ? 31  U   D "C5'" 1 
ATOM   633 C  "C4'" . U   D 1 4 ? 1.927   16.553  -5.294  1.00 10.32 ? 31  U   D "C4'" 1 
ATOM   634 O  "O4'" . U   D 1 4 ? 3.071   17.223  -5.861  1.00 11.32 ? 31  U   D "O4'" 1 
ATOM   635 C  "C3'" . U   D 1 4 ? 2.496   15.394  -4.482  1.00 10.20 ? 31  U   D "C3'" 1 
ATOM   636 O  "O3'" . U   D 1 4 ? 1.458   14.408  -4.501  1.00 13.05 ? 31  U   D "O3'" 1 
ATOM   637 C  "C2'" . U   D 1 4 ? 3.689   14.980  -5.326  1.00 9.96  ? 31  U   D "C2'" 1 
ATOM   638 O  "O2'" . U   D 1 4 ? 3.300   14.176  -6.440  1.00 11.87 ? 31  U   D "O2'" 1 
ATOM   639 C  "C1'" . U   D 1 4 ? 4.193   16.350  -5.807  1.00 11.75 ? 31  U   D "C1'" 1 
ATOM   640 N  N1    . U   D 1 4 ? 5.233   16.973  -4.966  1.00 10.74 ? 31  U   D N1    1 
ATOM   641 C  C2    . U   D 1 4 ? 6.509   16.446  -5.063  1.00 11.03 ? 31  U   D C2    1 
ATOM   642 O  O2    . U   D 1 4 ? 6.762   15.464  -5.736  1.00 11.44 ? 31  U   D O2    1 
ATOM   643 N  N3    . U   D 1 4 ? 7.472   17.115  -4.352  1.00 9.80  ? 31  U   D N3    1 
ATOM   644 C  C4    . U   D 1 4 ? 7.280   18.246  -3.541  1.00 12.73 ? 31  U   D C4    1 
ATOM   645 O  O4    . U   D 1 4 ? 8.259   18.814  -3.037  1.00 14.26 ? 31  U   D O4    1 
ATOM   646 C  C5    . U   D 1 4 ? 5.939   18.707  -3.465  1.00 12.09 ? 31  U   D C5    1 
ATOM   647 C  C6    . U   D 1 4 ? 4.975   18.076  -4.147  1.00 11.76 ? 31  U   D C6    1 
ATOM   648 P  P     . C   D 1 5 ? 0.938   13.679  -3.149  1.00 11.05 ? 32  C   D P     1 
ATOM   649 O  OP1   . C   D 1 5 ? -0.448  14.092  -2.918  1.00 12.20 ? 32  C   D OP1   1 
ATOM   650 O  OP2   . C   D 1 5 ? 1.930   13.822  -2.063  1.00 12.27 ? 32  C   D OP2   1 
ATOM   651 O  "O5'" . C   D 1 5 ? 0.893   12.170  -3.663  1.00 12.24 ? 32  C   D "O5'" 1 
ATOM   652 C  "C5'" . C   D 1 5 ? 0.291   11.850  -4.930  1.00 12.43 ? 32  C   D "C5'" 1 
ATOM   653 C  "C4'" . C   D 1 5 ? 1.158   10.886  -5.706  1.00 10.39 ? 32  C   D "C4'" 1 
ATOM   654 O  "O4'" . C   D 1 5 ? 2.468   11.474  -5.946  1.00 14.01 ? 32  C   D "O4'" 1 
ATOM   655 C  "C3'" . C   D 1 5 ? 1.498   9.572   -5.007  1.00 12.96 ? 32  C   D "C3'" 1 
ATOM   656 O  "O3'" . C   D 1 5 ? 0.400   8.706   -5.109  1.00 11.57 ? 32  C   D "O3'" 1 
ATOM   657 C  "C2'" . C   D 1 5 ? 2.714   9.127   -5.815  1.00 12.16 ? 32  C   D "C2'" 1 
ATOM   658 O  "O2'" . C   D 1 5 ? 2.342   8.670   -7.117  1.00 14.37 ? 32  C   D "O2'" 1 
ATOM   659 C  "C1'" . C   D 1 5 ? 3.469   10.454  -5.923  1.00 13.18 ? 32  C   D "C1'" 1 
ATOM   660 N  N1    . C   D 1 5 ? 4.368   10.703  -4.775  1.00 11.65 ? 32  C   D N1    1 
ATOM   661 C  C2    . C   D 1 5 ? 5.535   9.943   -4.664  1.00 10.53 ? 32  C   D C2    1 
ATOM   662 O  O2    . C   D 1 5 ? 5.804   9.120   -5.567  1.00 14.62 ? 32  C   D O2    1 
ATOM   663 N  N3    . C   D 1 5 ? 6.326   10.092  -3.573  1.00 10.40 ? 32  C   D N3    1 
ATOM   664 C  C4    . C   D 1 5 ? 5.968   10.969  -2.624  1.00 11.18 ? 32  C   D C4    1 
ATOM   665 N  N4    . C   D 1 5 ? 6.702   11.051  -1.520  1.00 12.68 ? 32  C   D N4    1 
ATOM   666 C  C5    . C   D 1 5 ? 4.804   11.803  -2.758  1.00 12.58 ? 32  C   D C5    1 
ATOM   667 C  C6    . C   D 1 5 ? 4.053   11.635  -3.828  1.00 10.96 ? 32  C   D C6    1 
ATOM   668 P  P     . G   D 1 6 ? 0.176   7.557   -4.004  1.00 12.43 ? 33  G   D P     1 
ATOM   669 O  OP1   . G   D 1 6 ? -1.157  6.980   -4.222  1.00 14.28 ? 33  G   D OP1   1 
ATOM   670 O  OP2   . G   D 1 6 ? 0.503   8.096   -2.651  1.00 13.18 ? 33  G   D OP2   1 
ATOM   671 O  "O5'" . G   D 1 6 ? 1.248   6.453   -4.369  1.00 13.08 ? 33  G   D "O5'" 1 
ATOM   672 C  "C5'" . G   D 1 6 ? 1.222   5.812   -5.638  1.00 14.23 ? 33  G   D "C5'" 1 
ATOM   673 C  "C4'" . G   D 1 6 ? 2.493   5.015   -5.812  1.00 11.44 ? 33  G   D "C4'" 1 
ATOM   674 O  "O4'" . G   D 1 6 ? 3.643   5.889   -5.690  1.00 13.66 ? 33  G   D "O4'" 1 
ATOM   675 C  "C3'" . G   D 1 6 ? 2.759   3.953   -4.742  1.00 14.15 ? 33  G   D "C3'" 1 
ATOM   676 O  "O3'" . G   D 1 6 ? 2.015   2.778   -5.057  1.00 14.62 ? 33  G   D "O3'" 1 
ATOM   677 C  "C2'" . G   D 1 6 ? 4.257   3.754   -4.883  1.00 14.19 ? 33  G   D "C2'" 1 
ATOM   678 O  "O2'" . G   D 1 6 ? 4.587   2.945   -6.026  1.00 14.50 ? 33  G   D "O2'" 1 
ATOM   679 C  "C1'" . G   D 1 6 ? 4.727   5.195   -5.075  1.00 13.76 ? 33  G   D "C1'" 1 
ATOM   680 N  N9    . G   D 1 6 ? 5.026   5.882   -3.811  1.00 11.88 ? 33  G   D N9    1 
ATOM   681 C  C8    . G   D 1 6 ? 4.306   6.893   -3.196  1.00 11.74 ? 33  G   D C8    1 
ATOM   682 N  N7    . G   D 1 6 ? 4.864   7.335   -2.095  1.00 12.78 ? 33  G   D N7    1 
ATOM   683 C  C5    . G   D 1 6 ? 6.000   6.551   -1.961  1.00 10.46 ? 33  G   D C5    1 
ATOM   684 C  C6    . G   D 1 6 ? 6.986   6.532   -0.950  1.00 10.73 ? 33  G   D C6    1 
ATOM   685 O  O6    . G   D 1 6 ? 7.071   7.262   0.066   1.00 11.72 ? 33  G   D O6    1 
ATOM   686 N  N1    . G   D 1 6 ? 7.941   5.584   -1.190  1.00 10.40 ? 33  G   D N1    1 
ATOM   687 C  C2    . G   D 1 6 ? 7.980   4.745   -2.274  1.00 12.45 ? 33  G   D C2    1 
ATOM   688 N  N2    . G   D 1 6 ? 9.025   3.884   -2.339  1.00 12.78 ? 33  G   D N2    1 
ATOM   689 N  N3    . G   D 1 6 ? 7.066   4.740   -3.228  1.00 12.03 ? 33  G   D N3    1 
ATOM   690 C  C4    . G   D 1 6 ? 6.113   5.655   -3.013  1.00 11.09 ? 33  G   D C4    1 
HETATM 691 BR BR    . CBR D 1 7 ? 1.957   5.396   -1.027  1.00 13.27 ? 34  CBR D BR    1 
HETATM 692 P  P     . CBR D 1 7 ? 1.226   2.017   -3.885  1.00 15.71 ? 34  CBR D P     1 
HETATM 693 O  OP1   . CBR D 1 7 ? 0.533   0.785   -4.442  1.00 18.23 ? 34  CBR D OP1   1 
HETATM 694 O  OP2   . CBR D 1 7 ? 0.455   2.990   -3.040  1.00 15.92 ? 34  CBR D OP2   1 
HETATM 695 O  "O5'" . CBR D 1 7 ? 2.420   1.531   -2.962  1.00 15.50 ? 34  CBR D "O5'" 1 
HETATM 696 N  N1    . CBR D 1 7 ? 5.249   3.017   -0.585  1.00 10.96 ? 34  CBR D N1    1 
HETATM 697 C  C6    . CBR D 1 7 ? 4.083   3.572   -1.044  1.00 11.76 ? 34  CBR D C6    1 
HETATM 698 C  C2    . CBR D 1 7 ? 5.897   3.561   0.559   1.00 10.37 ? 34  CBR D C2    1 
HETATM 699 O  O2    . CBR D 1 7 ? 6.937   3.033   0.968   1.00 12.07 ? 34  CBR D O2    1 
HETATM 700 N  N3    . CBR D 1 7 ? 5.372   4.617   1.166   1.00 10.70 ? 34  CBR D N3    1 
HETATM 701 C  C4    . CBR D 1 7 ? 4.228   5.152   0.720   1.00 9.55  ? 34  CBR D C4    1 
HETATM 702 N  N4    . CBR D 1 7 ? 3.729   6.233   1.380   1.00 10.93 ? 34  CBR D N4    1 
HETATM 703 C  C5    . CBR D 1 7 ? 3.547   4.620   -0.415  1.00 10.82 ? 34  CBR D C5    1 
HETATM 704 C  "C2'" . CBR D 1 7 ? 5.490   0.588   -0.383  1.00 13.86 ? 34  CBR D "C2'" 1 
HETATM 705 C  "C5'" . CBR D 1 7 ? 3.322   0.527   -3.424  1.00 14.72 ? 34  CBR D "C5'" 1 
HETATM 706 C  "C4'" . CBR D 1 7 ? 4.493   0.400   -2.481  1.00 14.43 ? 34  CBR D "C4'" 1 
HETATM 707 O  "O4'" . CBR D 1 7 ? 5.258   1.633   -2.484  1.00 15.02 ? 34  CBR D "O4'" 1 
HETATM 708 C  "C1'" . CBR D 1 7 ? 5.856   1.829   -1.210  1.00 13.56 ? 34  CBR D "C1'" 1 
HETATM 709 C  "C3'" . CBR D 1 7 ? 4.170   0.175   -1.010  1.00 15.42 ? 34  CBR D "C3'" 1 
HETATM 710 O  "O3'" . CBR D 1 7 ? 3.815   -1.201  -0.745  1.00 17.57 ? 34  CBR D "O3'" 1 
ATOM   711 P  P     . A   D 1 8 ? 2.819   -1.546  0.478   1.00 16.98 ? 35  A   D P     1 
ATOM   712 O  OP1   . A   D 1 8 ? 2.596   -3.039  0.509   1.00 21.12 ? 35  A   D OP1   1 
ATOM   713 O  OP2   . A   D 1 8 ? 1.637   -0.632  0.504   1.00 18.80 ? 35  A   D OP2   1 
ATOM   714 O  "O5'" . A   D 1 8 ? 3.708   -1.162  1.748   1.00 14.63 ? 35  A   D "O5'" 1 
ATOM   715 C  "C5'" . A   D 1 8 ? 4.869   -1.904  2.086   1.00 14.99 ? 35  A   D "C5'" 1 
ATOM   716 C  "C4'" . A   D 1 8 ? 5.523   -1.337  3.337   1.00 10.78 ? 35  A   D "C4'" 1 
ATOM   717 O  "O4'" . A   D 1 8 ? 5.957   0.020   3.021   1.00 12.82 ? 35  A   D "O4'" 1 
ATOM   718 C  "C3'" . A   D 1 8 ? 4.670   -1.148  4.582   1.00 11.87 ? 35  A   D "C3'" 1 
ATOM   719 O  "O3'" . A   D 1 8 ? 4.498   -2.357  5.298   1.00 14.33 ? 35  A   D "O3'" 1 
ATOM   720 C  "C2'" . A   D 1 8 ? 5.505   -0.116  5.331   1.00 11.62 ? 35  A   D "C2'" 1 
ATOM   721 O  "O2'" . A   D 1 8 ? 6.682   -0.644  5.875   1.00 12.38 ? 35  A   D "O2'" 1 
ATOM   722 C  "C1'" . A   D 1 8 ? 5.894   0.820   4.188   1.00 11.44 ? 35  A   D "C1'" 1 
ATOM   723 N  N9    . A   D 1 8 ? 4.868   1.834   3.965   1.00 11.86 ? 35  A   D N9    1 
ATOM   724 C  C8    . A   D 1 8 ? 3.941   1.899   2.948   1.00 11.41 ? 35  A   D C8    1 
ATOM   725 N  N7    . A   D 1 8 ? 3.182   2.967   2.998   1.00 12.55 ? 35  A   D N7    1 
ATOM   726 C  C5    . A   D 1 8 ? 3.626   3.634   4.131   1.00 9.81  ? 35  A   D C5    1 
ATOM   727 C  C6    . A   D 1 8 ? 3.258   4.876   4.711   1.00 12.03 ? 35  A   D C6    1 
ATOM   728 N  N6    . A   D 1 8 ? 2.343   5.711   4.191   1.00 13.12 ? 35  A   D N6    1 
ATOM   729 N  N1    . A   D 1 8 ? 3.893   5.247   5.855   1.00 13.09 ? 35  A   D N1    1 
ATOM   730 C  C2    . A   D 1 8 ? 4.849   4.429   6.360   1.00 10.81 ? 35  A   D C2    1 
ATOM   731 N  N3    . A   D 1 8 ? 5.282   3.267   5.891   1.00 10.83 ? 35  A   D N3    1 
ATOM   732 C  C4    . A   D 1 8 ? 4.636   2.936   4.750   1.00 10.27 ? 35  A   D C4    1 
ATOM   733 P  P     . C   D 1 9 ? 3.061   -2.694  5.962   1.00 14.69 ? 36  C   D P     1 
ATOM   734 O  OP1   . C   D 1 9 ? 3.024   -4.155  6.327   1.00 17.60 ? 36  C   D OP1   1 
ATOM   735 O  OP2   . C   D 1 9 ? 1.973   -2.107  5.153   1.00 14.65 ? 36  C   D OP2   1 
ATOM   736 O  "O5'" . C   D 1 9 ? 3.065   -1.883  7.331   1.00 13.42 ? 36  C   D "O5'" 1 
ATOM   737 C  "C5'" . C   D 1 9 ? 3.992   -2.195  8.337   1.00 13.59 ? 36  C   D "C5'" 1 
ATOM   738 C  "C4'" . C   D 1 9 ? 4.180   -1.034  9.259   1.00 10.36 ? 36  C   D "C4'" 1 
ATOM   739 O  "O4'" . C   D 1 9 ? 4.451   0.199   8.526   1.00 12.00 ? 36  C   D "O4'" 1 
ATOM   740 C  "C3'" . C   D 1 9 ? 2.931   -0.711  10.064  1.00 11.87 ? 36  C   D "C3'" 1 
ATOM   741 O  "O3'" . C   D 1 9 ? 2.932   -1.514  11.235  1.00 11.17 ? 36  C   D "O3'" 1 
ATOM   742 C  "C2'" . C   D 1 9 ? 3.237   0.711   10.491  1.00 12.13 ? 36  C   D "C2'" 1 
ATOM   743 O  "O2'" . C   D 1 9 ? 4.197   0.701   11.533  1.00 13.51 ? 36  C   D "O2'" 1 
ATOM   744 C  "C1'" . C   D 1 9 ? 3.863   1.283   9.220   1.00 12.60 ? 36  C   D "C1'" 1 
ATOM   745 N  N1    . C   D 1 9 ? 2.843   1.920   8.363   1.00 11.66 ? 36  C   D N1    1 
ATOM   746 C  C2    . C   D 1 9 ? 2.394   3.197   8.720   1.00 10.70 ? 36  C   D C2    1 
ATOM   747 O  O2    . C   D 1 9 ? 2.867   3.743   9.730   1.00 11.89 ? 36  C   D O2    1 
ATOM   748 N  N3    . C   D 1 9 ? 1.467   3.808   7.939   1.00 10.93 ? 36  C   D N3    1 
ATOM   749 C  C4    . C   D 1 9 ? 1.007   3.217   6.843   1.00 10.51 ? 36  C   D C4    1 
ATOM   750 N  N4    . C   D 1 9 ? 0.114   3.911   6.100   1.00 12.35 ? 36  C   D N4    1 
ATOM   751 C  C5    . C   D 1 9 ? 1.440   1.916   6.454   1.00 10.81 ? 36  C   D C5    1 
ATOM   752 C  C6    . C   D 1 9 ? 2.347   1.299   7.242   1.00 11.04 ? 36  C   D C6    1 
HETATM 753 CA CA    A CA  E 2 . ? -2.675  -1.441  3.096   0.49 11.54 ? 103 CA  A CA    1 
HETATM 754 CA CA    B CA  E 2 . ? -1.379  -1.385  3.163   0.45 14.86 ? 103 CA  A CA    1 
HETATM 755 CA CA    A CA  F 2 . ? -15.954 -17.040 -7.971  0.47 14.39 ? 104 CA  B CA    1 
HETATM 756 CA CA    B CA  F 2 . ? -14.697 -16.463 -8.674  0.52 18.31 ? 104 CA  B CA    1 
HETATM 757 CA CA    . CA  G 2 . ? 16.673  6.592   7.946   1.00 11.87 ? 101 CA  C CA    1 
HETATM 758 CA CA    . CA  H 2 . ? -1.522  15.668  -1.557  1.00 12.14 ? 102 CA  D CA    1 
HETATM 759 O  O     . HOH I 3 . ? -12.827 -9.765  -1.710  1.00 16.91 ? 123 HOH A O     1 
HETATM 760 O  O     . HOH I 3 . ? -2.641  -8.628  -1.349  1.00 18.52 ? 127 HOH A O     1 
HETATM 761 O  O     . HOH I 3 . ? -4.029  -6.336  0.897   1.00 16.49 ? 134 HOH A O     1 
HETATM 762 O  O     . HOH I 3 . ? 0.456   -6.507  0.231   1.00 18.32 ? 146 HOH A O     1 
HETATM 763 O  O     . HOH I 3 . ? -13.612 -1.310  3.058   1.00 23.08 ? 150 HOH A O     1 
HETATM 764 O  O     . HOH I 3 . ? -6.052  -9.553  -1.175  1.00 19.53 ? 151 HOH A O     1 
HETATM 765 O  O     . HOH I 3 . ? -13.086 0.490   -6.618  1.00 20.34 ? 154 HOH A O     1 
HETATM 766 O  O     . HOH I 3 . ? -11.521 -7.284  -2.682  1.00 20.11 ? 157 HOH A O     1 
HETATM 767 O  O     . HOH I 3 . ? -3.297  -9.053  1.340   1.00 17.65 ? 159 HOH A O     1 
HETATM 768 O  O     . HOH I 3 . ? -5.367  -18.415 -2.180  1.00 22.50 ? 164 HOH A O     1 
HETATM 769 O  O     . HOH I 3 . ? 2.918   -12.528 -4.043  1.00 20.96 ? 165 HOH A O     1 
HETATM 770 O  O     . HOH I 3 . ? -9.245  1.806   4.322   1.00 18.71 ? 175 HOH A O     1 
HETATM 771 O  O     . HOH I 3 . ? -3.748  -2.630  1.237   1.00 22.86 ? 179 HOH A O     1 
HETATM 772 O  O     . HOH I 3 . ? 0.328   -10.273 -1.900  1.00 24.53 ? 195 HOH A O     1 
HETATM 773 O  O     . HOH I 3 . ? 2.566   -14.634 -14.419 1.00 28.20 ? 196 HOH A O     1 
HETATM 774 O  O     . HOH I 3 . ? 0.933   -12.666 -2.449  1.00 24.62 ? 202 HOH A O     1 
HETATM 775 O  O     . HOH I 3 . ? -7.632  -7.935  7.393   1.00 23.40 ? 209 HOH A O     1 
HETATM 776 O  O     . HOH I 3 . ? -7.582  -6.859  -0.043  1.00 24.40 ? 210 HOH A O     1 
HETATM 777 O  O     . HOH I 3 . ? -16.495 -12.571 1.608   1.00 24.39 ? 211 HOH A O     1 
HETATM 778 O  O     . HOH I 3 . ? -8.485  -6.485  -2.391  1.00 23.93 ? 213 HOH A O     1 
HETATM 779 O  O     . HOH I 3 . ? -13.751 2.482   -5.163  1.00 24.21 ? 214 HOH A O     1 
HETATM 780 O  O     . HOH I 3 . ? -12.396 -9.192  -4.061  1.00 27.12 ? 217 HOH A O     1 
HETATM 781 O  O     . HOH I 3 . ? -17.711 -10.739 0.204   1.00 25.69 ? 226 HOH A O     1 
HETATM 782 O  O     . HOH I 3 . ? -1.750  -20.608 -8.766  1.00 27.59 ? 228 HOH A O     1 
HETATM 783 O  O     . HOH I 3 . ? -11.226 2.492   -2.254  1.00 31.25 ? 229 HOH A O     1 
HETATM 784 O  O     . HOH I 3 . ? -7.089  0.414   -1.704  1.00 29.53 ? 230 HOH A O     1 
HETATM 785 O  O     . HOH I 3 . ? -1.655  -5.192  0.260   1.00 22.92 ? 231 HOH A O     1 
HETATM 786 O  O     . HOH I 3 . ? -2.758  0.275   2.035   1.00 21.76 ? 234 HOH A O     1 
HETATM 787 O  O     . HOH I 3 . ? -0.545  -8.989  8.697   1.00 26.44 ? 246 HOH A O     1 
HETATM 788 O  O     . HOH I 3 . ? 3.291   -20.754 -10.582 1.00 27.55 ? 247 HOH A O     1 
HETATM 789 O  O     . HOH I 3 . ? -12.993 1.948   -0.226  1.00 25.48 ? 248 HOH A O     1 
HETATM 790 O  O     . HOH I 3 . ? -14.982 -6.556  -6.605  1.00 28.06 ? 251 HOH A O     1 
HETATM 791 O  O     . HOH J 3 . ? -4.702  -8.429  -2.893  1.00 11.17 ? 109 HOH B O     1 
HETATM 792 O  O     . HOH J 3 . ? -16.125 -14.929 4.855   1.00 15.90 ? 111 HOH B O     1 
HETATM 793 O  O     . HOH J 3 . ? -15.796 -12.251 4.138   1.00 15.58 ? 114 HOH B O     1 
HETATM 794 O  O     . HOH J 3 . ? -17.154 -13.224 10.790  1.00 13.90 ? 118 HOH B O     1 
HETATM 795 O  O     . HOH J 3 . ? -17.827 -11.316 5.744   1.00 12.65 ? 122 HOH B O     1 
HETATM 796 O  O     . HOH J 3 . ? -6.854  -7.844  -4.305  1.00 19.26 ? 144 HOH B O     1 
HETATM 797 O  O     . HOH J 3 . ? -10.496 -10.962 -1.420  1.00 20.61 ? 148 HOH B O     1 
HETATM 798 O  O     . HOH J 3 . ? -16.276 -10.987 8.056   1.00 17.45 ? 153 HOH B O     1 
HETATM 799 O  O     . HOH J 3 . ? -12.545 -13.690 -4.130  1.00 19.10 ? 158 HOH B O     1 
HETATM 800 O  O     . HOH J 3 . ? -12.311 -14.260 -1.408  1.00 21.75 ? 162 HOH B O     1 
HETATM 801 O  O     . HOH J 3 . ? -15.684 -15.317 -9.849  1.00 22.23 ? 163 HOH B O     1 
HETATM 802 O  O     . HOH J 3 . ? -12.107 -5.883  11.797  1.00 19.67 ? 169 HOH B O     1 
HETATM 803 O  O     . HOH J 3 . ? -8.316  -10.619 7.349   1.00 19.16 ? 174 HOH B O     1 
HETATM 804 O  O     . HOH J 3 . ? -16.395 -17.781 2.309   1.00 20.65 ? 180 HOH B O     1 
HETATM 805 O  O     . HOH J 3 . ? -5.432  -12.016 -11.927 1.00 27.27 ? 184 HOH B O     1 
HETATM 806 O  O     . HOH J 3 . ? -14.253 -11.999 -1.057  1.00 21.85 ? 186 HOH B O     1 
HETATM 807 O  O     . HOH J 3 . ? -13.121 -20.224 7.574   1.00 23.69 ? 187 HOH B O     1 
HETATM 808 O  O     . HOH J 3 . ? -9.805  -8.911  -4.726  1.00 22.16 ? 200 HOH B O     1 
HETATM 809 O  O     . HOH J 3 . ? -9.876  -11.734 -4.273  1.00 23.32 ? 205 HOH B O     1 
HETATM 810 O  O     . HOH J 3 . ? -10.627 -2.797  -7.927  1.00 24.99 ? 216 HOH B O     1 
HETATM 811 O  O     . HOH J 3 . ? -12.461 -12.194 -2.531  1.00 24.91 ? 220 HOH B O     1 
HETATM 812 O  O     . HOH J 3 . ? -10.362 -20.158 6.568   1.00 26.50 ? 224 HOH B O     1 
HETATM 813 O  O     . HOH J 3 . ? 0.852   -8.106  -3.636  1.00 25.12 ? 233 HOH B O     1 
HETATM 814 O  O     . HOH J 3 . ? -13.829 -13.293 -7.997  1.00 26.20 ? 237 HOH B O     1 
HETATM 815 O  O     . HOH J 3 . ? -10.333 -1.338  -9.751  1.00 28.87 ? 239 HOH B O     1 
HETATM 816 O  O     . HOH J 3 . ? -16.472 -1.684  5.491   1.00 39.69 ? 240 HOH B O     1 
HETATM 817 O  O     . HOH J 3 . ? -16.163 -14.628 -0.701  1.00 32.33 ? 242 HOH B O     1 
HETATM 818 O  O     . HOH J 3 . ? -6.552  -18.623 -4.583  1.00 32.70 ? 244 HOH B O     1 
HETATM 819 O  O     . HOH J 3 . ? -9.711  -14.588 -13.614 1.00 20.16 ? 245 HOH B O     1 
HETATM 820 O  O     . HOH J 3 . ? -16.566 -17.639 -5.885  1.00 42.92 ? 252 HOH B O     1 
HETATM 821 O  O     . HOH K 3 . ? 3.868   9.569   3.120   1.00 10.92 ? 107 HOH C O     1 
HETATM 822 O  O     . HOH K 3 . ? 16.328  13.055  -14.330 1.00 11.97 ? 108 HOH C O     1 
HETATM 823 O  O     . HOH K 3 . ? 16.855  8.045   9.701   1.00 14.28 ? 110 HOH C O     1 
HETATM 824 O  O     . HOH K 3 . ? 16.334  15.145  -4.726  1.00 14.82 ? 113 HOH C O     1 
HETATM 825 O  O     . HOH K 3 . ? 9.920   10.049  1.053   1.00 18.07 ? 116 HOH C O     1 
HETATM 826 O  O     . HOH K 3 . ? 10.108  25.495  -5.625  1.00 14.98 ? 119 HOH C O     1 
HETATM 827 O  O     . HOH K 3 . ? 11.787  4.798   12.883  1.00 14.56 ? 120 HOH C O     1 
HETATM 828 O  O     . HOH K 3 . ? 13.156  8.203   0.861   1.00 16.29 ? 121 HOH C O     1 
HETATM 829 O  O     . HOH K 3 . ? 16.866  10.872  -4.803  1.00 16.23 ? 124 HOH C O     1 
HETATM 830 O  O     . HOH K 3 . ? 5.625   10.651  4.578   1.00 18.05 ? 126 HOH C O     1 
HETATM 831 O  O     . HOH K 3 . ? 8.594   17.918  -10.337 1.00 14.93 ? 128 HOH C O     1 
HETATM 832 O  O     . HOH K 3 . ? 17.254  11.692  -7.302  1.00 17.62 ? 130 HOH C O     1 
HETATM 833 O  O     . HOH K 3 . ? 13.439  8.343   3.597   1.00 17.25 ? 136 HOH C O     1 
HETATM 834 O  O     . HOH K 3 . ? 15.213  12.752  -3.614  1.00 16.03 ? 138 HOH C O     1 
HETATM 835 O  O     . HOH K 3 . ? 8.752   11.116  4.933   1.00 18.10 ? 140 HOH C O     1 
HETATM 836 O  O     . HOH K 3 . ? 15.204  8.236   6.931   1.00 14.17 ? 141 HOH C O     1 
HETATM 837 O  O     . HOH K 3 . ? 12.381  9.954   2.444   1.00 18.13 ? 143 HOH C O     1 
HETATM 838 O  O     . HOH K 3 . ? 18.621  10.222  9.868   1.00 16.06 ? 145 HOH C O     1 
HETATM 839 O  O     . HOH K 3 . ? 14.814  14.879  -7.173  1.00 14.34 ? 147 HOH C O     1 
HETATM 840 O  O     . HOH K 3 . ? 14.817  19.057  -12.304 1.00 18.16 ? 149 HOH C O     1 
HETATM 841 O  O     . HOH K 3 . ? 18.998  14.495  -3.917  1.00 19.25 ? 152 HOH C O     1 
HETATM 842 O  O     . HOH K 3 . ? 16.500  8.024   2.621   1.00 20.25 ? 155 HOH C O     1 
HETATM 843 O  O     . HOH K 3 . ? 10.196  8.782   4.177   1.00 23.32 ? 156 HOH C O     1 
HETATM 844 O  O     . HOH K 3 . ? 13.823  11.081  0.954   1.00 19.10 ? 160 HOH C O     1 
HETATM 845 O  O     . HOH K 3 . ? 7.736   10.849  -7.260  1.00 17.63 ? 167 HOH C O     1 
HETATM 846 O  O     . HOH K 3 . ? 16.856  15.303  -14.354 1.00 21.77 ? 168 HOH C O     1 
HETATM 847 O  O     . HOH K 3 . ? 10.471  1.055   3.026   1.00 20.81 ? 170 HOH C O     1 
HETATM 848 O  O     . HOH K 3 . ? 7.066   14.807  -8.779  1.00 19.99 ? 171 HOH C O     1 
HETATM 849 O  O     . HOH K 3 . ? 18.172  6.628   4.214   1.00 20.07 ? 172 HOH C O     1 
HETATM 850 O  O     . HOH K 3 . ? 12.576  1.533   -2.326  1.00 23.37 ? 177 HOH C O     1 
HETATM 851 O  O     . HOH K 3 . ? 6.734   5.498   11.412  1.00 22.24 ? 181 HOH C O     1 
HETATM 852 O  O     . HOH K 3 . ? 9.585   22.215  -3.132  1.00 22.41 ? 188 HOH C O     1 
HETATM 853 O  O     . HOH K 3 . ? 19.395  4.547   3.112   1.00 20.48 ? 191 HOH C O     1 
HETATM 854 O  O     . HOH K 3 . ? 1.876   14.634  6.406   1.00 23.68 ? 192 HOH C O     1 
HETATM 855 O  O     . HOH K 3 . ? 15.664  12.455  -1.044  1.00 23.97 ? 197 HOH C O     1 
HETATM 856 O  O     . HOH K 3 . ? 8.012   12.204  -9.861  1.00 25.32 ? 199 HOH C O     1 
HETATM 857 O  O     . HOH K 3 . ? 19.303  11.796  -3.982  1.00 23.43 ? 204 HOH C O     1 
HETATM 858 O  O     . HOH K 3 . ? 15.106  14.109  -12.407 1.00 21.51 ? 206 HOH C O     1 
HETATM 859 O  O     . HOH K 3 . ? 7.948   9.483   2.640   1.00 26.71 ? 208 HOH C O     1 
HETATM 860 O  O     . HOH K 3 . ? 17.725  12.562  9.128   1.00 23.27 ? 212 HOH C O     1 
HETATM 861 O  O     . HOH K 3 . ? 13.849  9.913   8.735   1.00 24.28 ? 218 HOH C O     1 
HETATM 862 O  O     . HOH K 3 . ? -1.187  7.072   4.142   1.00 20.95 ? 219 HOH C O     1 
HETATM 863 O  O     . HOH K 3 . ? 16.669  13.807  -16.684 1.00 23.28 ? 222 HOH C O     1 
HETATM 864 O  O     . HOH K 3 . ? 5.341   13.044  6.334   1.00 26.80 ? 223 HOH C O     1 
HETATM 865 O  O     . HOH K 3 . ? 18.467  7.644   -3.230  1.00 24.28 ? 225 HOH C O     1 
HETATM 866 O  O     . HOH K 3 . ? 12.224  -0.736  1.843   1.00 41.41 ? 249 HOH C O     1 
HETATM 867 O  O     . HOH K 3 . ? 14.165  8.288   11.467  1.00 41.37 ? 250 HOH C O     1 
HETATM 868 O  O     . HOH L 3 . ? 2.740   8.953   -1.135  1.00 16.64 ? 112 HOH D O     1 
HETATM 869 O  O     . HOH L 3 . ? 5.626   9.398   1.146   1.00 16.95 ? 115 HOH D O     1 
HETATM 870 O  O     . HOH L 3 . ? 2.194   11.572  -0.258  1.00 13.28 ? 117 HOH D O     1 
HETATM 871 O  O     . HOH L 3 . ? 2.565   21.549  -2.078  1.00 14.75 ? 125 HOH D O     1 
HETATM 872 O  O     . HOH L 3 . ? 11.415  12.280  2.192   1.00 19.17 ? 129 HOH D O     1 
HETATM 873 O  O     . HOH L 3 . ? 7.170   -3.200  6.992   1.00 17.74 ? 131 HOH D O     1 
HETATM 874 O  O     . HOH L 3 . ? -3.042  14.039  -0.495  1.00 15.51 ? 132 HOH D O     1 
HETATM 875 O  O     . HOH L 3 . ? 11.004  12.012  4.421   1.00 15.31 ? 133 HOH D O     1 
HETATM 876 O  O     . HOH L 3 . ? -0.932  2.640   3.680   1.00 17.36 ? 135 HOH D O     1 
HETATM 877 O  O     . HOH L 3 . ? 1.948   8.622   1.647   1.00 17.62 ? 137 HOH D O     1 
HETATM 878 O  O     . HOH L 3 . ? 0.006   14.561  0.040   1.00 14.54 ? 139 HOH D O     1 
HETATM 879 O  O     . HOH L 3 . ? 5.672   12.483  0.503   1.00 18.15 ? 142 HOH D O     1 
HETATM 880 O  O     . HOH L 3 . ? 0.733   3.460   1.837   1.00 17.90 ? 161 HOH D O     1 
HETATM 881 O  O     . HOH L 3 . ? -2.241  11.931  -2.693  1.00 17.09 ? 166 HOH D O     1 
HETATM 882 O  O     . HOH L 3 . ? 8.970   1.152   0.792   1.00 20.37 ? 173 HOH D O     1 
HETATM 883 O  O     . HOH L 3 . ? 9.242   13.781  3.445   1.00 20.16 ? 176 HOH D O     1 
HETATM 884 O  O     . HOH L 3 . ? 6.448   12.744  3.110   1.00 21.69 ? 178 HOH D O     1 
HETATM 885 O  O     . HOH L 3 . ? 0.737   0.183   3.059   1.00 22.15 ? 182 HOH D O     1 
HETATM 886 O  O     . HOH L 3 . ? -0.408  8.958   -8.389  1.00 23.37 ? 183 HOH D O     1 
HETATM 887 O  O     . HOH L 3 . ? 7.753   20.798  -1.310  1.00 22.98 ? 185 HOH D O     1 
HETATM 888 O  O     . HOH L 3 . ? 4.884   3.251   11.879  1.00 22.27 ? 189 HOH D O     1 
HETATM 889 O  O     . HOH L 3 . ? 9.182   -0.997  4.428   1.00 21.55 ? 190 HOH D O     1 
HETATM 890 O  O     . HOH L 3 . ? 5.704   12.805  -7.118  1.00 20.99 ? 193 HOH D O     1 
HETATM 891 O  O     . HOH L 3 . ? 13.695  13.203  2.538   1.00 22.81 ? 194 HOH D O     1 
HETATM 892 O  O     . HOH L 3 . ? 0.837   -5.655  7.053   1.00 21.57 ? 198 HOH D O     1 
HETATM 893 O  O     . HOH L 3 . ? 0.875   16.000  2.312   1.00 22.45 ? 201 HOH D O     1 
HETATM 894 O  O     . HOH L 3 . ? 0.288   2.149   -0.459  1.00 23.15 ? 203 HOH D O     1 
HETATM 895 O  O     . HOH L 3 . ? 4.788   7.570   -8.187  1.00 27.94 ? 207 HOH D O     1 
HETATM 896 O  O     . HOH L 3 . ? -1.952  4.448   -3.790  1.00 29.15 ? 215 HOH D O     1 
HETATM 897 O  O     . HOH L 3 . ? 0.045   6.168   2.003   1.00 26.54 ? 221 HOH D O     1 
HETATM 898 O  O     . HOH L 3 . ? 3.275   3.553   14.076  1.00 23.27 ? 227 HOH D O     1 
HETATM 899 O  O     . HOH L 3 . ? 4.484   11.441  -9.551  1.00 30.96 ? 232 HOH D O     1 
HETATM 900 O  O     . HOH L 3 . ? -0.088  19.387  0.904   1.00 23.81 ? 235 HOH D O     1 
HETATM 901 O  O     . HOH L 3 . ? 4.827   14.570  3.678   1.00 30.57 ? 236 HOH D O     1 
HETATM 902 O  O     . HOH L 3 . ? 0.202   -2.692  2.780   1.00 29.95 ? 238 HOH D O     1 
HETATM 903 O  O     . HOH L 3 . ? 11.478  22.871  7.929   1.00 27.73 ? 241 HOH D O     1 
HETATM 904 O  O     . HOH L 3 . ? 16.419  16.170  7.844   1.00 27.33 ? 243 HOH D O     1 
# 
